data_4YOA
# 
_entry.id   4YOA 
# 
_audit_conform.dict_name       mmcif_pdbx.dic 
_audit_conform.dict_version    5.379 
_audit_conform.dict_location   http://mmcif.pdb.org/dictionaries/ascii/mmcif_pdbx.dic 
# 
loop_
_database_2.database_id 
_database_2.database_code 
_database_2.pdbx_database_accession 
_database_2.pdbx_DOI 
PDB   4YOA         pdb_00004yoa 10.2210/pdb4yoa/pdb 
WWPDB D_1000207818 ?            ?                   
# 
_pdbx_database_related.content_type   unspecified 
_pdbx_database_related.db_id          4YOB 
_pdbx_database_related.db_name        PDB 
_pdbx_database_related.details        . 
# 
_pdbx_database_status.status_code                     REL 
_pdbx_database_status.status_code_sf                  REL 
_pdbx_database_status.status_code_mr                  ? 
_pdbx_database_status.entry_id                        4YOA 
_pdbx_database_status.recvd_initial_deposition_date   2015-03-11 
_pdbx_database_status.SG_entry                        N 
_pdbx_database_status.deposit_site                    RCSB 
_pdbx_database_status.process_site                    RCSB 
_pdbx_database_status.status_code_cs                  ? 
_pdbx_database_status.methods_development_category    ? 
_pdbx_database_status.pdb_format_compatible           Y 
_pdbx_database_status.status_code_nmr_data            ? 
# 
loop_
_audit_author.name 
_audit_author.pdbx_ordinal 
_audit_author.identifier_ORCID 
'Kuiper, B.D.'    1  ? 
'Keusch, B.'      2  ? 
'Dewdney, T.G.'   3  ? 
'Chordia, P.'     4  ? 
'Brunzelle, J.S.' 5  ? 
'Ross, K.'        6  ? 
'Kovari, I.A.'    7  ? 
'MacArthur, R.'   8  ? 
'Salimnia, H.'    9  ? 
'Kovari, L.C.'    10 ? 
# 
_citation.abstract                  ? 
_citation.abstract_id_CAS           ? 
_citation.book_id_ISBN              ? 
_citation.book_publisher            ? 
_citation.book_publisher_city       ? 
_citation.book_title                ? 
_citation.coordinate_linkage        ? 
_citation.country                   NE 
_citation.database_id_Medline       ? 
_citation.details                   ? 
_citation.id                        primary 
_citation.journal_abbrev            'Biochem Biophys Rep' 
_citation.journal_id_ASTM           ? 
_citation.journal_id_CSD            ? 
_citation.journal_id_ISSN           2405-5808 
_citation.journal_full              ? 
_citation.journal_issue             ? 
_citation.journal_volume            2 
_citation.language                  ? 
_citation.page_first                160 
_citation.page_last                 165 
_citation.title                     
'The L33F darunavir resistance mutation acts as a molecular anchor reducing the flexibility of the HIV-1 protease 30s and 80s loops.' 
_citation.year                      2015 
_citation.database_id_CSD           ? 
_citation.pdbx_database_id_DOI      10.1016/j.bbrep.2015.06.003 
_citation.pdbx_database_id_PubMed   29124158 
_citation.unpublished_flag          ? 
# 
loop_
_citation_author.citation_id 
_citation_author.name 
_citation_author.ordinal 
_citation_author.identifier_ORCID 
primary 'Kuiper, B.D.'    1  ? 
primary 'Keusch, B.J.'    2  ? 
primary 'Dewdney, T.G.'   3  ? 
primary 'Chordia, P.'     4  ? 
primary 'Ross, K.'        5  ? 
primary 'Brunzelle, J.S.' 6  ? 
primary 'Kovari, I.A.'    7  ? 
primary 'MacArthur, R.'   8  ? 
primary 'Salimnia, H.'    9  ? 
primary 'Kovari, L.C.'    10 ? 
# 
_cell.angle_alpha                  90.00 
_cell.angle_alpha_esd              ? 
_cell.angle_beta                   90.00 
_cell.angle_beta_esd               ? 
_cell.angle_gamma                  90.00 
_cell.angle_gamma_esd              ? 
_cell.entry_id                     4YOA 
_cell.details                      ? 
_cell.formula_units_Z              ? 
_cell.length_a                     45.470 
_cell.length_a_esd                 ? 
_cell.length_b                     45.470 
_cell.length_b_esd                 ? 
_cell.length_c                     102.220 
_cell.length_c_esd                 ? 
_cell.volume                       ? 
_cell.volume_esd                   ? 
_cell.Z_PDB                        8 
_cell.reciprocal_angle_alpha       ? 
_cell.reciprocal_angle_beta        ? 
_cell.reciprocal_angle_gamma       ? 
_cell.reciprocal_angle_alpha_esd   ? 
_cell.reciprocal_angle_beta_esd    ? 
_cell.reciprocal_angle_gamma_esd   ? 
_cell.reciprocal_length_a          ? 
_cell.reciprocal_length_b          ? 
_cell.reciprocal_length_c          ? 
_cell.reciprocal_length_a_esd      ? 
_cell.reciprocal_length_b_esd      ? 
_cell.reciprocal_length_c_esd      ? 
_cell.pdbx_unique_axis             ? 
# 
_symmetry.entry_id                         4YOA 
_symmetry.cell_setting                     ? 
_symmetry.Int_Tables_number                92 
_symmetry.space_group_name_Hall            ? 
_symmetry.space_group_name_H-M             'P 41 21 2' 
_symmetry.pdbx_full_space_group_name_H-M   ? 
# 
loop_
_entity.id 
_entity.type 
_entity.src_method 
_entity.pdbx_description 
_entity.formula_weight 
_entity.pdbx_number_of_molecules 
_entity.pdbx_ec 
_entity.pdbx_mutation 
_entity.pdbx_fragment 
_entity.details 
1 polymer     man 'HIV-1 Protease' 10804.702 1  ? ? ? ? 
2 non-polymer syn 
'(3R,3AS,6AR)-HEXAHYDROFURO[2,3-B]FURAN-3-YL(1S,2R)-3-[[(4-AMINOPHENYL)SULFONYL](ISOBUTYL)AMINO]-1-BENZYL-2-HYDROXYPROPYLCARBAMATE' 
547.664   1  ? ? ? ? 
3 water       nat water 18.015    71 ? ? ? ? 
# 
_entity_poly.entity_id                      1 
_entity_poly.type                           'polypeptide(L)' 
_entity_poly.nstd_linkage                   no 
_entity_poly.nstd_monomer                   no 
_entity_poly.pdbx_seq_one_letter_code       
;PQITLWKRPIVTIKIGGQLKEALLNTGADDTVFEEVNLPGRWKPKLIGGIGGFVKVRQYDQVPIEICGHKVIGTVLVGPT
PTNVIGRNLMTQIGCTLNF
;
_entity_poly.pdbx_seq_one_letter_code_can   
;PQITLWKRPIVTIKIGGQLKEALLNTGADDTVFEEVNLPGRWKPKLIGGIGGFVKVRQYDQVPIEICGHKVIGTVLVGPT
PTNVIGRNLMTQIGCTLNF
;
_entity_poly.pdbx_strand_id                 A 
_entity_poly.pdbx_target_identifier         ? 
# 
loop_
_entity_poly_seq.entity_id 
_entity_poly_seq.num 
_entity_poly_seq.mon_id 
_entity_poly_seq.hetero 
1 1  PRO n 
1 2  GLN n 
1 3  ILE n 
1 4  THR n 
1 5  LEU n 
1 6  TRP n 
1 7  LYS n 
1 8  ARG n 
1 9  PRO n 
1 10 ILE n 
1 11 VAL n 
1 12 THR n 
1 13 ILE n 
1 14 LYS n 
1 15 ILE n 
1 16 GLY n 
1 17 GLY n 
1 18 GLN n 
1 19 LEU n 
1 20 LYS n 
1 21 GLU n 
1 22 ALA n 
1 23 LEU n 
1 24 LEU n 
1 25 ASN n 
1 26 THR n 
1 27 GLY n 
1 28 ALA n 
1 29 ASP n 
1 30 ASP n 
1 31 THR n 
1 32 VAL n 
1 33 PHE n 
1 34 GLU n 
1 35 GLU n 
1 36 VAL n 
1 37 ASN n 
1 38 LEU n 
1 39 PRO n 
1 40 GLY n 
1 41 ARG n 
1 42 TRP n 
1 43 LYS n 
1 44 PRO n 
1 45 LYS n 
1 46 LEU n 
1 47 ILE n 
1 48 GLY n 
1 49 GLY n 
1 50 ILE n 
1 51 GLY n 
1 52 GLY n 
1 53 PHE n 
1 54 VAL n 
1 55 LYS n 
1 56 VAL n 
1 57 ARG n 
1 58 GLN n 
1 59 TYR n 
1 60 ASP n 
1 61 GLN n 
1 62 VAL n 
1 63 PRO n 
1 64 ILE n 
1 65 GLU n 
1 66 ILE n 
1 67 CYS n 
1 68 GLY n 
1 69 HIS n 
1 70 LYS n 
1 71 VAL n 
1 72 ILE n 
1 73 GLY n 
1 74 THR n 
1 75 VAL n 
1 76 LEU n 
1 77 VAL n 
1 78 GLY n 
1 79 PRO n 
1 80 THR n 
1 81 PRO n 
1 82 THR n 
1 83 ASN n 
1 84 VAL n 
1 85 ILE n 
1 86 GLY n 
1 87 ARG n 
1 88 ASN n 
1 89 LEU n 
1 90 MET n 
1 91 THR n 
1 92 GLN n 
1 93 ILE n 
1 94 GLY n 
1 95 CYS n 
1 96 THR n 
1 97 LEU n 
1 98 ASN n 
1 99 PHE n 
# 
_entity_src_gen.entity_id                          1 
_entity_src_gen.pdbx_src_id                        1 
_entity_src_gen.pdbx_alt_source_flag               sample 
_entity_src_gen.pdbx_seq_type                      'Biological sequence' 
_entity_src_gen.pdbx_beg_seq_num                   1 
_entity_src_gen.pdbx_end_seq_num                   99 
_entity_src_gen.gene_src_common_name               ? 
_entity_src_gen.gene_src_genus                     ? 
_entity_src_gen.pdbx_gene_src_gene                 pol 
_entity_src_gen.gene_src_species                   ? 
_entity_src_gen.gene_src_strain                    ? 
_entity_src_gen.gene_src_tissue                    ? 
_entity_src_gen.gene_src_tissue_fraction           ? 
_entity_src_gen.gene_src_details                   ? 
_entity_src_gen.pdbx_gene_src_fragment             ? 
_entity_src_gen.pdbx_gene_src_scientific_name      'Human immunodeficiency virus 1' 
_entity_src_gen.pdbx_gene_src_ncbi_taxonomy_id     11676 
_entity_src_gen.pdbx_gene_src_variant              ? 
_entity_src_gen.pdbx_gene_src_cell_line            ? 
_entity_src_gen.pdbx_gene_src_atcc                 ? 
_entity_src_gen.pdbx_gene_src_organ                ? 
_entity_src_gen.pdbx_gene_src_organelle            ? 
_entity_src_gen.pdbx_gene_src_cell                 ? 
_entity_src_gen.pdbx_gene_src_cellular_location    ? 
_entity_src_gen.host_org_common_name               ? 
_entity_src_gen.pdbx_host_org_scientific_name      'Escherichia coli' 
_entity_src_gen.pdbx_host_org_ncbi_taxonomy_id     562 
_entity_src_gen.host_org_genus                     ? 
_entity_src_gen.pdbx_host_org_gene                 ? 
_entity_src_gen.pdbx_host_org_organ                ? 
_entity_src_gen.host_org_species                   ? 
_entity_src_gen.pdbx_host_org_tissue               ? 
_entity_src_gen.pdbx_host_org_tissue_fraction      ? 
_entity_src_gen.pdbx_host_org_strain               ? 
_entity_src_gen.pdbx_host_org_variant              ? 
_entity_src_gen.pdbx_host_org_cell_line            ? 
_entity_src_gen.pdbx_host_org_atcc                 ? 
_entity_src_gen.pdbx_host_org_culture_collection   ? 
_entity_src_gen.pdbx_host_org_cell                 ? 
_entity_src_gen.pdbx_host_org_organelle            ? 
_entity_src_gen.pdbx_host_org_cellular_location    ? 
_entity_src_gen.pdbx_host_org_vector_type          ? 
_entity_src_gen.pdbx_host_org_vector               ? 
_entity_src_gen.host_org_details                   ? 
_entity_src_gen.expression_system_id               ? 
_entity_src_gen.plasmid_name                       ? 
_entity_src_gen.plasmid_details                    ? 
_entity_src_gen.pdbx_description                   ? 
# 
_struct_ref.id                         1 
_struct_ref.db_name                    UNP 
_struct_ref.db_code                    Q5RTL1_9HIV1 
_struct_ref.pdbx_db_accession          Q5RTL1 
_struct_ref.pdbx_db_isoform            ? 
_struct_ref.entity_id                  1 
_struct_ref.pdbx_seq_one_letter_code   
;PQITLWQRPIVTIKIGGQLKEALLDTGADDTVLEEMNLPGRWKPKLIGGIGGFVKVRQYDQVPIEICGHKVIGTVLVGPT
PANIIGRNLMTQIGCTLNF
;
_struct_ref.pdbx_align_begin           1 
# 
_struct_ref_seq.align_id                      1 
_struct_ref_seq.ref_id                        1 
_struct_ref_seq.pdbx_PDB_id_code              4YOA 
_struct_ref_seq.pdbx_strand_id                A 
_struct_ref_seq.seq_align_beg                 1 
_struct_ref_seq.pdbx_seq_align_beg_ins_code   ? 
_struct_ref_seq.seq_align_end                 99 
_struct_ref_seq.pdbx_seq_align_end_ins_code   ? 
_struct_ref_seq.pdbx_db_accession             Q5RTL1 
_struct_ref_seq.db_align_beg                  1 
_struct_ref_seq.pdbx_db_align_beg_ins_code    ? 
_struct_ref_seq.db_align_end                  99 
_struct_ref_seq.pdbx_db_align_end_ins_code    ? 
_struct_ref_seq.pdbx_auth_seq_align_beg       1 
_struct_ref_seq.pdbx_auth_seq_align_end       99 
# 
loop_
_struct_ref_seq_dif.align_id 
_struct_ref_seq_dif.pdbx_pdb_id_code 
_struct_ref_seq_dif.mon_id 
_struct_ref_seq_dif.pdbx_pdb_strand_id 
_struct_ref_seq_dif.seq_num 
_struct_ref_seq_dif.pdbx_pdb_ins_code 
_struct_ref_seq_dif.pdbx_seq_db_name 
_struct_ref_seq_dif.pdbx_seq_db_accession_code 
_struct_ref_seq_dif.db_mon_id 
_struct_ref_seq_dif.pdbx_seq_db_seq_num 
_struct_ref_seq_dif.details 
_struct_ref_seq_dif.pdbx_auth_seq_num 
_struct_ref_seq_dif.pdbx_ordinal 
1 4YOA LYS A 7  ? UNP Q5RTL1 GLN 7  'engineered mutation' 7  1 
1 4YOA ASN A 25 ? UNP Q5RTL1 ASP 25 'engineered mutation' 25 2 
1 4YOA PHE A 33 ? UNP Q5RTL1 LEU 33 'engineered mutation' 33 3 
1 4YOA VAL A 36 ? UNP Q5RTL1 MET 36 'engineered mutation' 36 4 
1 4YOA THR A 82 ? UNP Q5RTL1 ALA 82 'engineered mutation' 82 5 
1 4YOA VAL A 84 ? UNP Q5RTL1 ILE 84 'engineered mutation' 84 6 
# 
loop_
_chem_comp.id 
_chem_comp.type 
_chem_comp.mon_nstd_flag 
_chem_comp.name 
_chem_comp.pdbx_synonyms 
_chem_comp.formula 
_chem_comp.formula_weight 
017 non-polymer         . 
'(3R,3AS,6AR)-HEXAHYDROFURO[2,3-B]FURAN-3-YL(1S,2R)-3-[[(4-AMINOPHENYL)SULFONYL](ISOBUTYL)AMINO]-1-BENZYL-2-HYDROXYPROPYLCARBAMATE' 
'Darunavir; TMC114; UIC-94017' 'C27 H37 N3 O7 S' 547.664 
ALA 'L-peptide linking' y ALANINE ?                              'C3 H7 N O2'      89.093  
ARG 'L-peptide linking' y ARGININE ?                              'C6 H15 N4 O2 1'  175.209 
ASN 'L-peptide linking' y ASPARAGINE ?                              'C4 H8 N2 O3'     132.118 
ASP 'L-peptide linking' y 'ASPARTIC ACID' ?                              'C4 H7 N O4'      133.103 
CYS 'L-peptide linking' y CYSTEINE ?                              'C3 H7 N O2 S'    121.158 
GLN 'L-peptide linking' y GLUTAMINE ?                              'C5 H10 N2 O3'    146.144 
GLU 'L-peptide linking' y 'GLUTAMIC ACID' ?                              'C5 H9 N O4'      147.129 
GLY 'peptide linking'   y GLYCINE ?                              'C2 H5 N O2'      75.067  
HIS 'L-peptide linking' y HISTIDINE ?                              'C6 H10 N3 O2 1'  156.162 
HOH non-polymer         . WATER ?                              'H2 O'            18.015  
ILE 'L-peptide linking' y ISOLEUCINE ?                              'C6 H13 N O2'     131.173 
LEU 'L-peptide linking' y LEUCINE ?                              'C6 H13 N O2'     131.173 
LYS 'L-peptide linking' y LYSINE ?                              'C6 H15 N2 O2 1'  147.195 
MET 'L-peptide linking' y METHIONINE ?                              'C5 H11 N O2 S'   149.211 
PHE 'L-peptide linking' y PHENYLALANINE ?                              'C9 H11 N O2'     165.189 
PRO 'L-peptide linking' y PROLINE ?                              'C5 H9 N O2'      115.130 
THR 'L-peptide linking' y THREONINE ?                              'C4 H9 N O3'      119.119 
TRP 'L-peptide linking' y TRYPTOPHAN ?                              'C11 H12 N2 O2'   204.225 
TYR 'L-peptide linking' y TYROSINE ?                              'C9 H11 N O3'     181.189 
VAL 'L-peptide linking' y VALINE ?                              'C5 H11 N O2'     117.146 
# 
_exptl.absorpt_coefficient_mu     ? 
_exptl.absorpt_correction_T_max   ? 
_exptl.absorpt_correction_T_min   ? 
_exptl.absorpt_correction_type    ? 
_exptl.absorpt_process_details    ? 
_exptl.entry_id                   4YOA 
_exptl.crystals_number            1 
_exptl.details                    ? 
_exptl.method                     'X-RAY DIFFRACTION' 
_exptl.method_details             ? 
# 
_exptl_crystal.colour                      ? 
_exptl_crystal.density_diffrn              ? 
_exptl_crystal.density_Matthews            2.45 
_exptl_crystal.density_method              ? 
_exptl_crystal.density_percent_sol         49.69 
_exptl_crystal.description                 ? 
_exptl_crystal.F_000                       ? 
_exptl_crystal.id                          1 
_exptl_crystal.preparation                 ? 
_exptl_crystal.size_max                    ? 
_exptl_crystal.size_mid                    ? 
_exptl_crystal.size_min                    ? 
_exptl_crystal.size_rad                    ? 
_exptl_crystal.colour_lustre               ? 
_exptl_crystal.colour_modifier             ? 
_exptl_crystal.colour_primary              ? 
_exptl_crystal.density_meas                ? 
_exptl_crystal.density_meas_esd            ? 
_exptl_crystal.density_meas_gt             ? 
_exptl_crystal.density_meas_lt             ? 
_exptl_crystal.density_meas_temp           ? 
_exptl_crystal.density_meas_temp_esd       ? 
_exptl_crystal.density_meas_temp_gt        ? 
_exptl_crystal.density_meas_temp_lt        ? 
_exptl_crystal.pdbx_crystal_image_url      ? 
_exptl_crystal.pdbx_crystal_image_format   ? 
_exptl_crystal.pdbx_mosaicity              ? 
_exptl_crystal.pdbx_mosaicity_esd          ? 
# 
_exptl_crystal_grow.apparatus       ? 
_exptl_crystal_grow.atmosphere      ? 
_exptl_crystal_grow.crystal_id      1 
_exptl_crystal_grow.details         ? 
_exptl_crystal_grow.method          'VAPOR DIFFUSION, HANGING DROP' 
_exptl_crystal_grow.method_ref      ? 
_exptl_crystal_grow.pH              ? 
_exptl_crystal_grow.pressure        ? 
_exptl_crystal_grow.pressure_esd    ? 
_exptl_crystal_grow.seeding         ? 
_exptl_crystal_grow.seeding_ref     ? 
_exptl_crystal_grow.temp            298 
_exptl_crystal_grow.temp_details    ? 
_exptl_crystal_grow.temp_esd        ? 
_exptl_crystal_grow.time            ? 
_exptl_crystal_grow.pdbx_details    
;2.4M ammonium sulfate, 0.1 M MES, pH 6.2;
2.4M ammonium sulfate, 0.1 M MES, pH 6.2
;
_exptl_crystal_grow.pdbx_pH_range   ? 
# 
_diffrn.ambient_environment    ? 
_diffrn.ambient_temp           80 
_diffrn.ambient_temp_details   ? 
_diffrn.ambient_temp_esd       ? 
_diffrn.crystal_id             1 
_diffrn.crystal_support        ? 
_diffrn.crystal_treatment      ? 
_diffrn.details                ? 
_diffrn.id                     1 
_diffrn.ambient_pressure       ? 
_diffrn.ambient_pressure_esd   ? 
_diffrn.ambient_pressure_gt    ? 
_diffrn.ambient_pressure_lt    ? 
_diffrn.ambient_temp_gt        ? 
_diffrn.ambient_temp_lt        ? 
# 
_diffrn_detector.details                      ? 
_diffrn_detector.detector                     CCD 
_diffrn_detector.diffrn_id                    1 
_diffrn_detector.type                         'RAYONIX MX-300' 
_diffrn_detector.area_resol_mean              ? 
_diffrn_detector.dtime                        ? 
_diffrn_detector.pdbx_frames_total            ? 
_diffrn_detector.pdbx_collection_time_total   ? 
_diffrn_detector.pdbx_collection_date         2014-05-08 
# 
_diffrn_radiation.collimation                      ? 
_diffrn_radiation.diffrn_id                        1 
_diffrn_radiation.filter_edge                      ? 
_diffrn_radiation.inhomogeneity                    ? 
_diffrn_radiation.monochromator                    ? 
_diffrn_radiation.polarisn_norm                    ? 
_diffrn_radiation.polarisn_ratio                   ? 
_diffrn_radiation.probe                            ? 
_diffrn_radiation.type                             ? 
_diffrn_radiation.xray_symbol                      ? 
_diffrn_radiation.wavelength_id                    1 
_diffrn_radiation.pdbx_monochromatic_or_laue_m_l   M 
_diffrn_radiation.pdbx_wavelength_list             ? 
_diffrn_radiation.pdbx_wavelength                  ? 
_diffrn_radiation.pdbx_diffrn_protocol             'SINGLE WAVELENGTH' 
_diffrn_radiation.pdbx_analyzer                    ? 
_diffrn_radiation.pdbx_scattering_type             x-ray 
# 
_diffrn_radiation_wavelength.id           1 
_diffrn_radiation_wavelength.wavelength   .978 
_diffrn_radiation_wavelength.wt           1.0 
# 
_diffrn_source.current                     ? 
_diffrn_source.details                     ? 
_diffrn_source.diffrn_id                   1 
_diffrn_source.power                       ? 
_diffrn_source.size                        ? 
_diffrn_source.source                      SYNCHROTRON 
_diffrn_source.target                      ? 
_diffrn_source.type                        'APS BEAMLINE 21-ID-D' 
_diffrn_source.voltage                     ? 
_diffrn_source.take-off_angle              ? 
_diffrn_source.pdbx_wavelength_list        .978 
_diffrn_source.pdbx_wavelength             ? 
_diffrn_source.pdbx_synchrotron_beamline   21-ID-D 
_diffrn_source.pdbx_synchrotron_site       APS 
# 
_reflns.B_iso_Wilson_estimate            ? 
_reflns.entry_id                         4YOA 
_reflns.data_reduction_details           ? 
_reflns.data_reduction_method            ? 
_reflns.d_resolution_high                1.697 
_reflns.d_resolution_low                 102.22 
_reflns.details                          ? 
_reflns.limit_h_max                      ? 
_reflns.limit_h_min                      ? 
_reflns.limit_k_max                      ? 
_reflns.limit_k_min                      ? 
_reflns.limit_l_max                      ? 
_reflns.limit_l_min                      ? 
_reflns.number_all                       ? 
_reflns.number_obs                       12545 
_reflns.observed_criterion               ? 
_reflns.observed_criterion_F_max         ? 
_reflns.observed_criterion_F_min         ? 
_reflns.observed_criterion_I_max         ? 
_reflns.observed_criterion_I_min         ? 
_reflns.observed_criterion_sigma_F       ? 
_reflns.observed_criterion_sigma_I       ? 
_reflns.percent_possible_obs             99.9 
_reflns.R_free_details                   ? 
_reflns.Rmerge_F_all                     ? 
_reflns.Rmerge_F_obs                     ? 
_reflns.Friedel_coverage                 ? 
_reflns.number_gt                        ? 
_reflns.threshold_expression             ? 
_reflns.pdbx_redundancy                  13.7 
_reflns.pdbx_Rmerge_I_obs                0.049 
_reflns.pdbx_Rmerge_I_all                ? 
_reflns.pdbx_Rsym_value                  ? 
_reflns.pdbx_netI_over_av_sigmaI         ? 
_reflns.pdbx_netI_over_sigmaI            26.9 
_reflns.pdbx_res_netI_over_av_sigmaI_2   ? 
_reflns.pdbx_res_netI_over_sigmaI_2      ? 
_reflns.pdbx_chi_squared                 ? 
_reflns.pdbx_scaling_rejects             ? 
_reflns.pdbx_d_res_high_opt              ? 
_reflns.pdbx_d_res_low_opt               ? 
_reflns.pdbx_d_res_opt_method            ? 
_reflns.phase_calculation_details        ? 
_reflns.pdbx_Rrim_I_all                  ? 
_reflns.pdbx_Rpim_I_all                  ? 
_reflns.pdbx_d_opt                       ? 
_reflns.pdbx_number_measured_all         ? 
_reflns.pdbx_diffrn_id                   1 
_reflns.pdbx_ordinal                     1 
_reflns.pdbx_CC_half                     ? 
_reflns.pdbx_R_split                     ? 
# 
_reflns_shell.Rmerge_F_all                ? 
_reflns_shell.Rmerge_F_gt                 ? 
_reflns_shell.Rmerge_F_obs                ? 
_reflns_shell.Rmerge_I_all                ? 
_reflns_shell.Rmerge_I_gt                 ? 
_reflns_shell.Rmerge_I_obs                0.615 
_reflns_shell.d_res_high                  1.7 
_reflns_shell.d_res_low                   1.9 
_reflns_shell.meanI_over_sigI_all         ? 
_reflns_shell.meanI_over_sigI_gt          ? 
_reflns_shell.meanI_over_sigI_obs         4.2 
_reflns_shell.meanI_over_uI_all           ? 
_reflns_shell.meanI_over_uI_gt            ? 
_reflns_shell.number_measured_all         ? 
_reflns_shell.number_measured_gt          ? 
_reflns_shell.number_measured_obs         ? 
_reflns_shell.number_possible             ? 
_reflns_shell.number_unique_all           ? 
_reflns_shell.number_unique_gt            ? 
_reflns_shell.number_unique_obs           ? 
_reflns_shell.pdbx_CC_half                ? 
_reflns_shell.pdbx_R_split                ? 
_reflns_shell.pdbx_Rpim_I_all             ? 
_reflns_shell.pdbx_Rrim_I_all             ? 
_reflns_shell.pdbx_Rsym_value             ? 
_reflns_shell.pdbx_chi_squared            ? 
_reflns_shell.pdbx_diffrn_id              ? 
_reflns_shell.pdbx_netI_over_sigmaI_all   ? 
_reflns_shell.pdbx_netI_over_sigmaI_obs   ? 
_reflns_shell.pdbx_ordinal                1 
_reflns_shell.pdbx_redundancy             14.2 
_reflns_shell.pdbx_rejects                ? 
_reflns_shell.percent_possible_all        100 
_reflns_shell.percent_possible_gt         ? 
_reflns_shell.percent_possible_obs        ? 
# 
_refine.aniso_B[1][1]                            ? 
_refine.aniso_B[1][2]                            ? 
_refine.aniso_B[1][3]                            ? 
_refine.aniso_B[2][2]                            ? 
_refine.aniso_B[2][3]                            ? 
_refine.aniso_B[3][3]                            ? 
_refine.B_iso_max                                ? 
_refine.B_iso_mean                               ? 
_refine.B_iso_min                                ? 
_refine.correlation_coeff_Fo_to_Fc               ? 
_refine.correlation_coeff_Fo_to_Fc_free          ? 
_refine.details                                  ? 
_refine.diff_density_max                         ? 
_refine.diff_density_max_esd                     ? 
_refine.diff_density_min                         ? 
_refine.diff_density_min_esd                     ? 
_refine.diff_density_rms                         ? 
_refine.diff_density_rms_esd                     ? 
_refine.entry_id                                 4YOA 
_refine.pdbx_refine_id                           'X-RAY DIFFRACTION' 
_refine.ls_abs_structure_details                 ? 
_refine.ls_abs_structure_Flack                   ? 
_refine.ls_abs_structure_Flack_esd               ? 
_refine.ls_abs_structure_Rogers                  ? 
_refine.ls_abs_structure_Rogers_esd              ? 
_refine.ls_d_res_high                            1.697 
_refine.ls_d_res_low                             27.267 
_refine.ls_extinction_coef                       ? 
_refine.ls_extinction_coef_esd                   ? 
_refine.ls_extinction_expression                 ? 
_refine.ls_extinction_method                     ? 
_refine.ls_goodness_of_fit_all                   ? 
_refine.ls_goodness_of_fit_all_esd               ? 
_refine.ls_goodness_of_fit_obs                   ? 
_refine.ls_goodness_of_fit_obs_esd               ? 
_refine.ls_hydrogen_treatment                    ? 
_refine.ls_matrix_type                           ? 
_refine.ls_number_constraints                    ? 
_refine.ls_number_parameters                     ? 
_refine.ls_number_reflns_all                     ? 
_refine.ls_number_reflns_obs                     12478 
_refine.ls_number_reflns_R_free                  1248 
_refine.ls_number_reflns_R_work                  ? 
_refine.ls_number_restraints                     ? 
_refine.ls_percent_reflns_obs                    99.82 
_refine.ls_percent_reflns_R_free                 10.00 
_refine.ls_R_factor_all                          ? 
_refine.ls_R_factor_obs                          0.1937 
_refine.ls_R_factor_R_free                       0.2246 
_refine.ls_R_factor_R_free_error                 ? 
_refine.ls_R_factor_R_free_error_details         ? 
_refine.ls_R_factor_R_work                       0.1901 
_refine.ls_R_Fsqd_factor_obs                     ? 
_refine.ls_R_I_factor_obs                        ? 
_refine.ls_redundancy_reflns_all                 ? 
_refine.ls_redundancy_reflns_obs                 ? 
_refine.ls_restrained_S_all                      ? 
_refine.ls_restrained_S_obs                      ? 
_refine.ls_shift_over_esd_max                    ? 
_refine.ls_shift_over_esd_mean                   ? 
_refine.ls_structure_factor_coef                 ? 
_refine.ls_weighting_details                     ? 
_refine.ls_weighting_scheme                      ? 
_refine.ls_wR_factor_all                         ? 
_refine.ls_wR_factor_obs                         ? 
_refine.ls_wR_factor_R_free                      ? 
_refine.ls_wR_factor_R_work                      ? 
_refine.occupancy_max                            ? 
_refine.occupancy_min                            ? 
_refine.solvent_model_details                    'FLAT BULK SOLVENT MODEL' 
_refine.solvent_model_param_bsol                 ? 
_refine.solvent_model_param_ksol                 ? 
_refine.ls_R_factor_gt                           ? 
_refine.ls_goodness_of_fit_gt                    ? 
_refine.ls_goodness_of_fit_ref                   ? 
_refine.ls_shift_over_su_max                     ? 
_refine.ls_shift_over_su_max_lt                  ? 
_refine.ls_shift_over_su_mean                    ? 
_refine.ls_shift_over_su_mean_lt                 ? 
_refine.pdbx_ls_sigma_I                          ? 
_refine.pdbx_ls_sigma_F                          1.38 
_refine.pdbx_ls_sigma_Fsqd                       ? 
_refine.pdbx_data_cutoff_high_absF               ? 
_refine.pdbx_data_cutoff_high_rms_absF           ? 
_refine.pdbx_data_cutoff_low_absF                ? 
_refine.pdbx_isotropic_thermal_model             ? 
_refine.pdbx_ls_cross_valid_method               'FREE R-VALUE' 
_refine.pdbx_method_to_determine_struct          'MOLECULAR REPLACEMENT' 
_refine.pdbx_starting_model                      4YOB 
_refine.pdbx_stereochemistry_target_values       ML 
_refine.pdbx_R_Free_selection_details            ? 
_refine.pdbx_stereochem_target_val_spec_case     ? 
_refine.pdbx_overall_ESU_R                       ? 
_refine.pdbx_overall_ESU_R_Free                  ? 
_refine.pdbx_solvent_vdw_probe_radii             1.11 
_refine.pdbx_solvent_ion_probe_radii             ? 
_refine.pdbx_solvent_shrinkage_radii             0.90 
_refine.pdbx_real_space_R                        ? 
_refine.pdbx_density_correlation                 ? 
_refine.pdbx_pd_number_of_powder_patterns        ? 
_refine.pdbx_pd_number_of_points                 ? 
_refine.pdbx_pd_meas_number_of_points            ? 
_refine.pdbx_pd_proc_ls_prof_R_factor            ? 
_refine.pdbx_pd_proc_ls_prof_wR_factor           ? 
_refine.pdbx_pd_Marquardt_correlation_coeff      ? 
_refine.pdbx_pd_Fsqrd_R_factor                   ? 
_refine.pdbx_pd_ls_matrix_band_width             ? 
_refine.pdbx_overall_phase_error                 22.17 
_refine.pdbx_overall_SU_R_free_Cruickshank_DPI   ? 
_refine.pdbx_overall_SU_R_free_Blow_DPI          ? 
_refine.pdbx_overall_SU_R_Blow_DPI               ? 
_refine.pdbx_TLS_residual_ADP_flag               ? 
_refine.pdbx_diffrn_id                           1 
_refine.overall_SU_B                             ? 
_refine.overall_SU_ML                            0.18 
_refine.overall_SU_R_Cruickshank_DPI             ? 
_refine.overall_SU_R_free                        ? 
_refine.overall_FOM_free_R_set                   ? 
_refine.overall_FOM_work_R_set                   ? 
_refine.pdbx_average_fsc_overall                 ? 
_refine.pdbx_average_fsc_work                    ? 
_refine.pdbx_average_fsc_free                    ? 
# 
_refine_hist.pdbx_refine_id                   'X-RAY DIFFRACTION' 
_refine_hist.cycle_id                         LAST 
_refine_hist.pdbx_number_atoms_protein        760 
_refine_hist.pdbx_number_atoms_nucleic_acid   0 
_refine_hist.pdbx_number_atoms_ligand         38 
_refine_hist.number_atoms_solvent             71 
_refine_hist.number_atoms_total               869 
_refine_hist.d_res_high                       1.697 
_refine_hist.d_res_low                        27.267 
# 
loop_
_refine_ls_restr.pdbx_refine_id 
_refine_ls_restr.criterion 
_refine_ls_restr.dev_ideal 
_refine_ls_restr.dev_ideal_target 
_refine_ls_restr.number 
_refine_ls_restr.rejects 
_refine_ls_restr.type 
_refine_ls_restr.weight 
_refine_ls_restr.pdbx_restraint_function 
'X-RAY DIFFRACTION' ? 0.014  ? 844  ? f_bond_d           ? ? 
'X-RAY DIFFRACTION' ? 1.543  ? 1156 ? f_angle_d          ? ? 
'X-RAY DIFFRACTION' ? 18.075 ? 326  ? f_dihedral_angle_d ? ? 
'X-RAY DIFFRACTION' ? 0.079  ? 138  ? f_chiral_restr     ? ? 
'X-RAY DIFFRACTION' ? 0.006  ? 144  ? f_plane_restr      ? ? 
# 
loop_
_refine_ls_shell.pdbx_refine_id 
_refine_ls_shell.d_res_high 
_refine_ls_shell.d_res_low 
_refine_ls_shell.number_reflns_all 
_refine_ls_shell.number_reflns_obs 
_refine_ls_shell.number_reflns_R_free 
_refine_ls_shell.number_reflns_R_work 
_refine_ls_shell.percent_reflns_obs 
_refine_ls_shell.percent_reflns_R_free 
_refine_ls_shell.R_factor_all 
_refine_ls_shell.R_factor_obs 
_refine_ls_shell.R_factor_R_free 
_refine_ls_shell.R_factor_R_free_error 
_refine_ls_shell.R_factor_R_work 
_refine_ls_shell.redundancy_reflns_all 
_refine_ls_shell.redundancy_reflns_obs 
_refine_ls_shell.wR_factor_all 
_refine_ls_shell.wR_factor_obs 
_refine_ls_shell.wR_factor_R_free 
_refine_ls_shell.wR_factor_R_work 
_refine_ls_shell.pdbx_total_number_of_bins_used 
_refine_ls_shell.pdbx_phase_error 
_refine_ls_shell.pdbx_fsc_work 
_refine_ls_shell.pdbx_fsc_free 
'X-RAY DIFFRACTION' 1.6974 1.7654  . . 133 1201 100.00 . . . 0.2965 . 0.2572 . . . . . . . . . . 
'X-RAY DIFFRACTION' 1.7654 1.8457  . . 136 1220 100.00 . . . 0.3371 . 0.2322 . . . . . . . . . . 
'X-RAY DIFFRACTION' 1.8457 1.9430  . . 136 1218 100.00 . . . 0.2600 . 0.2101 . . . . . . . . . . 
'X-RAY DIFFRACTION' 1.9430 2.0647  . . 136 1230 100.00 . . . 0.2678 . 0.2069 . . . . . . . . . . 
'X-RAY DIFFRACTION' 2.0647 2.2240  . . 135 1222 100.00 . . . 0.2637 . 0.1965 . . . . . . . . . . 
'X-RAY DIFFRACTION' 2.2240 2.4477  . . 139 1249 100.00 . . . 0.2374 . 0.1939 . . . . . . . . . . 
'X-RAY DIFFRACTION' 2.4477 2.8016  . . 139 1257 100.00 . . . 0.2175 . 0.2007 . . . . . . . . . . 
'X-RAY DIFFRACTION' 2.8016 3.5285  . . 143 1275 100.00 . . . 0.2154 . 0.1880 . . . . . . . . . . 
'X-RAY DIFFRACTION' 3.5285 27.2706 . . 151 1358 99.00  . . . 0.2038 . 0.1751 . . . . . . . . . . 
# 
_struct.entry_id                     4YOA 
_struct.title                        'Crsystal structure HIV-1 Protease MDR769 L33F Complexed with darunavir' 
_struct.pdbx_model_details           ? 
_struct.pdbx_formula_weight          ? 
_struct.pdbx_formula_weight_method   ? 
_struct.pdbx_model_type_details      ? 
_struct.pdbx_CASP_flag               ? 
# 
_struct_keywords.entry_id        4YOA 
_struct_keywords.text            
'HIV-1 Protease, complex, darunavir, Hydrolase/Hydrolase inhibitor, Hydrolase-Hydrolase inhibitor complex' 
_struct_keywords.pdbx_keywords   'Hydrolase/Hydrolase inhibitor' 
# 
loop_
_struct_asym.id 
_struct_asym.pdbx_blank_PDB_chainid_flag 
_struct_asym.pdbx_modified 
_struct_asym.entity_id 
_struct_asym.details 
A N N 1 ? 
B N N 2 ? 
C N N 3 ? 
# 
_struct_conf.conf_type_id            HELX_P 
_struct_conf.id                      HELX_P1 
_struct_conf.pdbx_PDB_helix_id       AA1 
_struct_conf.beg_label_comp_id       GLY 
_struct_conf.beg_label_asym_id       A 
_struct_conf.beg_label_seq_id        86 
_struct_conf.pdbx_beg_PDB_ins_code   ? 
_struct_conf.end_label_comp_id       GLY 
_struct_conf.end_label_asym_id       A 
_struct_conf.end_label_seq_id        94 
_struct_conf.pdbx_end_PDB_ins_code   ? 
_struct_conf.beg_auth_comp_id        GLY 
_struct_conf.beg_auth_asym_id        A 
_struct_conf.beg_auth_seq_id         86 
_struct_conf.end_auth_comp_id        GLY 
_struct_conf.end_auth_asym_id        A 
_struct_conf.end_auth_seq_id         94 
_struct_conf.pdbx_PDB_helix_class    1 
_struct_conf.details                 ? 
_struct_conf.pdbx_PDB_helix_length   9 
# 
_struct_conf_type.id          HELX_P 
_struct_conf_type.criteria    ? 
_struct_conf_type.reference   ? 
# 
_struct_sheet.id               AA1 
_struct_sheet.type             ? 
_struct_sheet.number_strands   8 
_struct_sheet.details          ? 
# 
loop_
_struct_sheet_order.sheet_id 
_struct_sheet_order.range_id_1 
_struct_sheet_order.range_id_2 
_struct_sheet_order.offset 
_struct_sheet_order.sense 
AA1 1 2 ? anti-parallel 
AA1 2 3 ? anti-parallel 
AA1 3 4 ? parallel      
AA1 4 5 ? anti-parallel 
AA1 5 6 ? parallel      
AA1 6 7 ? anti-parallel 
AA1 7 8 ? anti-parallel 
# 
loop_
_struct_sheet_range.sheet_id 
_struct_sheet_range.id 
_struct_sheet_range.beg_label_comp_id 
_struct_sheet_range.beg_label_asym_id 
_struct_sheet_range.beg_label_seq_id 
_struct_sheet_range.pdbx_beg_PDB_ins_code 
_struct_sheet_range.end_label_comp_id 
_struct_sheet_range.end_label_asym_id 
_struct_sheet_range.end_label_seq_id 
_struct_sheet_range.pdbx_end_PDB_ins_code 
_struct_sheet_range.beg_auth_comp_id 
_struct_sheet_range.beg_auth_asym_id 
_struct_sheet_range.beg_auth_seq_id 
_struct_sheet_range.end_auth_comp_id 
_struct_sheet_range.end_auth_asym_id 
_struct_sheet_range.end_auth_seq_id 
AA1 1 LYS A 43 ? GLY A 48 ? LYS A 43 GLY A 48 
AA1 2 PHE A 53 ? ILE A 66 ? PHE A 53 ILE A 66 
AA1 3 HIS A 69 ? VAL A 77 ? HIS A 69 VAL A 77 
AA1 4 VAL A 32 ? PHE A 33 ? VAL A 32 PHE A 33 
AA1 5 VAL A 84 ? ILE A 85 ? VAL A 84 ILE A 85 
AA1 6 GLN A 18 ? LEU A 24 ? GLN A 18 LEU A 24 
AA1 7 ILE A 10 ? ILE A 15 ? ILE A 10 ILE A 15 
AA1 8 PHE A 53 ? ILE A 66 ? PHE A 53 ILE A 66 
# 
loop_
_pdbx_struct_sheet_hbond.sheet_id 
_pdbx_struct_sheet_hbond.range_id_1 
_pdbx_struct_sheet_hbond.range_id_2 
_pdbx_struct_sheet_hbond.range_1_label_atom_id 
_pdbx_struct_sheet_hbond.range_1_label_comp_id 
_pdbx_struct_sheet_hbond.range_1_label_asym_id 
_pdbx_struct_sheet_hbond.range_1_label_seq_id 
_pdbx_struct_sheet_hbond.range_1_PDB_ins_code 
_pdbx_struct_sheet_hbond.range_1_auth_atom_id 
_pdbx_struct_sheet_hbond.range_1_auth_comp_id 
_pdbx_struct_sheet_hbond.range_1_auth_asym_id 
_pdbx_struct_sheet_hbond.range_1_auth_seq_id 
_pdbx_struct_sheet_hbond.range_2_label_atom_id 
_pdbx_struct_sheet_hbond.range_2_label_comp_id 
_pdbx_struct_sheet_hbond.range_2_label_asym_id 
_pdbx_struct_sheet_hbond.range_2_label_seq_id 
_pdbx_struct_sheet_hbond.range_2_PDB_ins_code 
_pdbx_struct_sheet_hbond.range_2_auth_atom_id 
_pdbx_struct_sheet_hbond.range_2_auth_comp_id 
_pdbx_struct_sheet_hbond.range_2_auth_asym_id 
_pdbx_struct_sheet_hbond.range_2_auth_seq_id 
AA1 1 2 N LYS A 43 ? N LYS A 43 O GLN A 58 ? O GLN A 58 
AA1 2 3 N ILE A 64 ? N ILE A 64 O VAL A 71 ? O VAL A 71 
AA1 3 4 O LEU A 76 ? O LEU A 76 N PHE A 33 ? N PHE A 33 
AA1 4 5 N VAL A 32 ? N VAL A 32 O VAL A 84 ? O VAL A 84 
AA1 5 6 O ILE A 85 ? O ILE A 85 N LEU A 23 ? N LEU A 23 
AA1 6 7 O LYS A 20 ? O LYS A 20 N ILE A 13 ? N ILE A 13 
AA1 7 8 N LYS A 14 ? N LYS A 14 O GLU A 65 ? O GLU A 65 
# 
_struct_site.id                   AC1 
_struct_site.pdbx_evidence_code   Software 
_struct_site.pdbx_auth_asym_id    A 
_struct_site.pdbx_auth_comp_id    017 
_struct_site.pdbx_auth_seq_id     100 
_struct_site.pdbx_auth_ins_code   ? 
_struct_site.pdbx_num_residues    11 
_struct_site.details              'binding site for residue 017 A 100' 
# 
loop_
_struct_site_gen.id 
_struct_site_gen.site_id 
_struct_site_gen.pdbx_num_res 
_struct_site_gen.label_comp_id 
_struct_site_gen.label_asym_id 
_struct_site_gen.label_seq_id 
_struct_site_gen.pdbx_auth_ins_code 
_struct_site_gen.auth_comp_id 
_struct_site_gen.auth_asym_id 
_struct_site_gen.auth_seq_id 
_struct_site_gen.label_atom_id 
_struct_site_gen.label_alt_id 
_struct_site_gen.symmetry 
_struct_site_gen.details 
1  AC1 11 ARG A 8  ? ARG A 8  . ? 8_554 ? 
2  AC1 11 ASN A 25 ? ASN A 25 . ? 1_555 ? 
3  AC1 11 ASN A 25 ? ASN A 25 . ? 8_554 ? 
4  AC1 11 GLY A 27 ? GLY A 27 . ? 8_554 ? 
5  AC1 11 ALA A 28 ? ALA A 28 . ? 8_554 ? 
6  AC1 11 ASP A 29 ? ASP A 29 . ? 8_554 ? 
7  AC1 11 ASP A 29 ? ASP A 29 . ? 1_555 ? 
8  AC1 11 ASP A 30 ? ASP A 30 . ? 8_554 ? 
9  AC1 11 VAL A 32 ? VAL A 32 . ? 8_554 ? 
10 AC1 11 THR A 82 ? THR A 82 . ? 1_555 ? 
11 AC1 11 VAL A 84 ? VAL A 84 . ? 1_555 ? 
# 
_atom_sites.entry_id                    4YOA 
_atom_sites.fract_transf_matrix[1][1]   0.00578482 
_atom_sites.fract_transf_matrix[1][2]   0.01788711 
_atom_sites.fract_transf_matrix[1][3]   -0.01141400 
_atom_sites.fract_transf_matrix[2][1]   0.00940091 
_atom_sites.fract_transf_matrix[2][2]   -0.01276664 
_atom_sites.fract_transf_matrix[2][3]   -0.01524230 
_atom_sites.fract_transf_matrix[3][1]   -0.00846160 
_atom_sites.fract_transf_matrix[3][2]   -0.00038688 
_atom_sites.fract_transf_matrix[3][3]   -0.00489477 
_atom_sites.fract_transf_vector[1]      -0.056016 
_atom_sites.fract_transf_vector[2]      0.093897 
_atom_sites.fract_transf_vector[3]      -0.136833 
# 
loop_
_atom_type.symbol 
C 
N 
O 
S 
# 
loop_
_atom_site.group_PDB 
_atom_site.id 
_atom_site.type_symbol 
_atom_site.label_atom_id 
_atom_site.label_alt_id 
_atom_site.label_comp_id 
_atom_site.label_asym_id 
_atom_site.label_entity_id 
_atom_site.label_seq_id 
_atom_site.pdbx_PDB_ins_code 
_atom_site.Cartn_x 
_atom_site.Cartn_y 
_atom_site.Cartn_z 
_atom_site.occupancy 
_atom_site.B_iso_or_equiv 
_atom_site.pdbx_formal_charge 
_atom_site.auth_seq_id 
_atom_site.auth_comp_id 
_atom_site.auth_asym_id 
_atom_site.auth_atom_id 
_atom_site.pdbx_PDB_model_num 
ATOM   1   N N   . PRO A 1 1  ? -1.361  15.647  8.480   1.00 44.70  ? 1   PRO A N   1 
ATOM   2   C CA  . PRO A 1 1  ? -1.161  15.412  9.908   1.00 47.30  ? 1   PRO A CA  1 
ATOM   3   C C   . PRO A 1 1  ? 0.293   15.164  10.235  1.00 41.61  ? 1   PRO A C   1 
ATOM   4   O O   . PRO A 1 1  ? 1.103   14.933  9.342   1.00 40.37  ? 1   PRO A O   1 
ATOM   5   C CB  . PRO A 1 1  ? -1.991  14.156  10.171  1.00 46.58  ? 1   PRO A CB  1 
ATOM   6   C CG  . PRO A 1 1  ? -1.873  13.388  8.873   1.00 43.42  ? 1   PRO A CG  1 
ATOM   7   C CD  . PRO A 1 1  ? -1.956  14.474  7.809   1.00 42.57  ? 1   PRO A CD  1 
ATOM   8   N N   . GLN A 1 2  ? 0.627   15.218  11.513  1.00 33.83  ? 2   GLN A N   1 
ATOM   9   C CA  . GLN A 1 2  ? 1.949   14.843  11.949  1.00 32.47  ? 2   GLN A CA  1 
ATOM   10  C C   . GLN A 1 2  ? 1.830   13.552  12.752  1.00 40.44  ? 2   GLN A C   1 
ATOM   11  O O   . GLN A 1 2  ? 1.132   13.507  13.768  1.00 41.18  ? 2   GLN A O   1 
ATOM   12  C CB  . GLN A 1 2  ? 2.614   15.942  12.793  1.00 37.56  ? 2   GLN A CB  1 
ATOM   13  C CG  . GLN A 1 2  ? 3.927   15.471  13.409  1.00 48.31  ? 2   GLN A CG  1 
ATOM   14  C CD  . GLN A 1 2  ? 4.733   16.598  14.013  1.00 54.13  ? 2   GLN A CD  1 
ATOM   15  O OE1 . GLN A 1 2  ? 5.430   17.323  13.302  1.00 64.73  ? 2   GLN A OE1 1 
ATOM   16  N NE2 . GLN A 1 2  ? 4.652   16.745  15.332  1.00 50.32  ? 2   GLN A NE2 1 
ATOM   17  N N   . ILE A 1 3  ? 2.497   12.498  12.292  1.00 32.60  ? 3   ILE A N   1 
ATOM   18  C CA  . ILE A 1 3  ? 2.382   11.200  12.960  1.00 30.68  ? 3   ILE A CA  1 
ATOM   19  C C   . ILE A 1 3  ? 3.700   10.838  13.642  1.00 29.77  ? 3   ILE A C   1 
ATOM   20  O O   . ILE A 1 3  ? 4.758   10.757  12.993  1.00 29.03  ? 3   ILE A O   1 
ATOM   21  C CB  . ILE A 1 3  ? 1.950   10.117  11.968  1.00 30.51  ? 3   ILE A CB  1 
ATOM   22  C CG1 . ILE A 1 3  ? 0.561   10.444  11.376  1.00 31.59  ? 3   ILE A CG1 1 
ATOM   23  C CG2 . ILE A 1 3  ? 1.915   8.750   12.652  1.00 34.33  ? 3   ILE A CG2 1 
ATOM   24  C CD1 . ILE A 1 3  ? 0.182   9.552   10.171  1.00 36.28  ? 3   ILE A CD1 1 
ATOM   25  N N   . THR A 1 4  ? 3.649   10.674  14.967  1.00 25.32  ? 4   THR A N   1 
ATOM   26  C CA  . THR A 1 4  ? 4.844   10.325  15.720  1.00 24.64  ? 4   THR A CA  1 
ATOM   27  C C   . THR A 1 4  ? 5.031   8.820   15.616  1.00 22.55  ? 4   THR A C   1 
ATOM   28  O O   . THR A 1 4  ? 4.145   8.115   15.097  1.00 29.92  ? 4   THR A O   1 
ATOM   29  C CB  . THR A 1 4  ? 4.765   10.751  17.204  1.00 31.67  ? 4   THR A CB  1 
ATOM   30  O OG1 . THR A 1 4  ? 3.633   10.135  17.832  1.00 30.44  ? 4   THR A OG1 1 
ATOM   31  C CG2 . THR A 1 4  ? 4.657   12.300  17.337  1.00 41.14  ? 4   THR A CG2 1 
ATOM   32  N N   . LEU A 1 5  ? 6.182   8.325   16.054  1.00 24.12  ? 5   LEU A N   1 
ATOM   33  C CA  . LEU A 1 5  ? 6.464   6.924   15.746  1.00 23.70  ? 5   LEU A CA  1 
ATOM   34  C C   . LEU A 1 5  ? 6.570   6.090   16.998  1.00 27.53  ? 5   LEU A C   1 
ATOM   35  O O   . LEU A 1 5  ? 7.176   5.014   17.002  1.00 24.64  ? 5   LEU A O   1 
ATOM   36  C CB  . LEU A 1 5  ? 7.732   6.823   14.908  1.00 21.98  ? 5   LEU A CB  1 
ATOM   37  C CG  . LEU A 1 5  ? 7.481   7.335   13.500  1.00 24.81  ? 5   LEU A CG  1 
ATOM   38  C CD1 . LEU A 1 5  ? 8.779   7.619   12.797  1.00 23.12  ? 5   LEU A CD1 1 
ATOM   39  C CD2 . LEU A 1 5  ? 6.626   6.344   12.658  1.00 22.08  ? 5   LEU A CD2 1 
ATOM   40  N N   . TRP A 1 6  ? 5.955   6.561   18.087  1.00 24.67  ? 6   TRP A N   1 
ATOM   41  C CA  . TRP A 1 6  ? 5.945   5.751   19.298  1.00 26.18  ? 6   TRP A CA  1 
ATOM   42  C C   . TRP A 1 6  ? 5.117   4.471   19.151  1.00 25.85  ? 6   TRP A C   1 
ATOM   43  O O   . TRP A 1 6  ? 5.381   3.485   19.865  1.00 30.54  ? 6   TRP A O   1 
ATOM   44  C CB  . TRP A 1 6  ? 5.426   6.568   20.488  1.00 26.52  ? 6   TRP A CB  1 
ATOM   45  C CG  . TRP A 1 6  ? 6.224   7.898   20.735  1.00 29.99  ? 6   TRP A CG  1 
ATOM   46  C CD1 . TRP A 1 6  ? 5.908   9.140   20.260  1.00 34.90  ? 6   TRP A CD1 1 
ATOM   47  C CD2 . TRP A 1 6  ? 7.435   8.054   21.487  1.00 29.19  ? 6   TRP A CD2 1 
ATOM   48  N NE1 . TRP A 1 6  ? 6.838   10.069  20.685  1.00 30.51  ? 6   TRP A NE1 1 
ATOM   49  C CE2 . TRP A 1 6  ? 7.774   9.433   21.460  1.00 28.65  ? 6   TRP A CE2 1 
ATOM   50  C CE3 . TRP A 1 6  ? 8.249   7.175   22.198  1.00 25.39  ? 6   TRP A CE3 1 
ATOM   51  C CZ2 . TRP A 1 6  ? 8.921   9.927   22.098  1.00 30.47  ? 6   TRP A CZ2 1 
ATOM   52  C CZ3 . TRP A 1 6  ? 9.372   7.660   22.849  1.00 29.68  ? 6   TRP A CZ3 1 
ATOM   53  C CH2 . TRP A 1 6  ? 9.703   9.024   22.786  1.00 33.75  ? 6   TRP A CH2 1 
ATOM   54  N N   . LYS A 1 7  ? 4.074   4.526   18.314  1.00 25.09  ? 7   LYS A N   1 
ATOM   55  C CA  . LYS A 1 7  ? 3.241   3.370   17.910  1.00 26.46  ? 7   LYS A CA  1 
ATOM   56  C C   . LYS A 1 7  ? 3.444   3.057   16.434  1.00 23.42  ? 7   LYS A C   1 
ATOM   57  O O   . LYS A 1 7  ? 4.001   3.880   15.693  1.00 26.07  ? 7   LYS A O   1 
ATOM   58  C CB  . LYS A 1 7  ? 1.747   3.648   18.126  1.00 28.30  ? 7   LYS A CB  1 
ATOM   59  C CG  . LYS A 1 7  ? 1.313   3.778   19.567  1.00 46.65  ? 7   LYS A CG  1 
ATOM   60  C CD  . LYS A 1 7  ? -0.151  4.244   19.618  1.00 66.59  ? 7   LYS A CD  1 
ATOM   61  C CE  . LYS A 1 7  ? -0.729  4.326   21.041  1.00 81.78  ? 7   LYS A CE  1 
ATOM   62  N NZ  . LYS A 1 7  ? 0.266   4.608   22.113  1.00 89.29  ? 7   LYS A NZ  1 
ATOM   63  N N   . ARG A 1 8  ? 3.002   1.880   15.983  1.00 23.38  ? 8   ARG A N   1 
ATOM   64  C CA  . ARG A 1 8  ? 3.012   1.639   14.543  1.00 23.65  ? 8   ARG A CA  1 
ATOM   65  C C   . ARG A 1 8  ? 2.109   2.644   13.830  1.00 25.38  ? 8   ARG A C   1 
ATOM   66  O O   . ARG A 1 8  ? 0.968   2.882   14.321  1.00 25.78  ? 8   ARG A O   1 
ATOM   67  C CB  . ARG A 1 8  ? 2.550   0.208   14.222  1.00 28.24  ? 8   ARG A CB  1 
ATOM   68  C CG  . ARG A 1 8  ? 3.516   -0.827  14.748  1.00 33.45  ? 8   ARG A CG  1 
ATOM   69  C CD  . ARG A 1 8  ? 3.024   -2.249  14.456  1.00 54.32  ? 8   ARG A CD  1 
ATOM   70  N NE  . ARG A 1 8  ? 3.991   -3.251  14.914  1.00 66.93  ? 8   ARG A NE  1 
ATOM   71  C CZ  . ARG A 1 8  ? 3.703   -4.526  15.167  1.00 77.07  ? 8   ARG A CZ  1 
ATOM   72  N NH1 . ARG A 1 8  ? 2.463   -4.974  15.011  1.00 83.35  ? 8   ARG A NH1 1 
ATOM   73  N NH2 . ARG A 1 8  ? 4.658   -5.355  15.574  1.00 75.32  ? 8   ARG A NH2 1 
ATOM   74  N N   . PRO A 1 9  ? 2.596   3.257   12.714  1.00 25.99  ? 9   PRO A N   1 
ATOM   75  C CA  . PRO A 1 9  ? 1.810   4.278   12.000  1.00 27.67  ? 9   PRO A CA  1 
ATOM   76  C C   . PRO A 1 9  ? 0.768   3.643   11.063  1.00 26.98  ? 9   PRO A C   1 
ATOM   77  O O   . PRO A 1 9  ? 0.947   3.575   9.855   1.00 25.68  ? 9   PRO A O   1 
ATOM   78  C CB  . PRO A 1 9  ? 2.870   5.074   11.231  1.00 24.87  ? 9   PRO A CB  1 
ATOM   79  C CG  . PRO A 1 9  ? 3.952   3.984   10.890  1.00 25.28  ? 9   PRO A CG  1 
ATOM   80  C CD  . PRO A 1 9  ? 3.980   3.143   12.175  1.00 23.75  ? 9   PRO A CD  1 
ATOM   81  N N   . ILE A 1 10 ? -0.326  3.208   11.665  1.00 27.46  ? 10  ILE A N   1 
ATOM   82  C CA  . ILE A 1 10 ? -1.433  2.555   10.957  1.00 31.60  ? 10  ILE A CA  1 
ATOM   83  C C   . ILE A 1 10 ? -2.504  3.615   10.654  1.00 32.31  ? 10  ILE A C   1 
ATOM   84  O O   . ILE A 1 10 ? -2.893  4.370   11.555  1.00 35.10  ? 10  ILE A O   1 
ATOM   85  C CB  . ILE A 1 10 ? -1.951  1.384   11.807  1.00 33.10  ? 10  ILE A CB  1 
ATOM   86  C CG1 . ILE A 1 10 ? -0.861  0.311   11.813  1.00 36.38  ? 10  ILE A CG1 1 
ATOM   87  C CG2 . ILE A 1 10 ? -3.266  0.804   11.247  1.00 41.30  ? 10  ILE A CG2 1 
ATOM   88  C CD1 . ILE A 1 10 ? -0.981  -0.699  12.869  1.00 42.02  ? 10  ILE A CD1 1 
ATOM   89  N N   . VAL A 1 11 ? -2.917  3.713   9.382   1.00 31.48  ? 11  VAL A N   1 
ATOM   90  C CA  . VAL A 1 11 ? -3.882  4.710   8.944   1.00 30.14  ? 11  VAL A CA  1 
ATOM   91  C C   . VAL A 1 11 ? -5.050  4.070   8.214   1.00 36.00  ? 11  VAL A C   1 
ATOM   92  O O   . VAL A 1 11 ? -4.951  2.920   7.783   1.00 33.73  ? 11  VAL A O   1 
ATOM   93  C CB  . VAL A 1 11 ? -3.245  5.731   8.021   1.00 30.85  ? 11  VAL A CB  1 
ATOM   94  C CG1 . VAL A 1 11 ? -2.134  6.529   8.789   1.00 37.04  ? 11  VAL A CG1 1 
ATOM   95  C CG2 . VAL A 1 11 ? -2.677  5.055   6.751   1.00 33.67  ? 11  VAL A CG2 1 
ATOM   96  N N   . THR A 1 12 ? -6.136  4.826   8.092   1.00 33.95  ? 12  THR A N   1 
ATOM   97  C CA  . THR A 1 12 ? -7.386  4.363   7.442   1.00 31.53  ? 12  THR A CA  1 
ATOM   98  C C   . THR A 1 12 ? -7.301  4.575   5.956   1.00 34.58  ? 12  THR A C   1 
ATOM   99  O O   . THR A 1 12 ? -6.858  5.621   5.479   1.00 37.24  ? 12  THR A O   1 
ATOM   100 C CB  . THR A 1 12 ? -8.593  5.092   7.995   1.00 39.17  ? 12  THR A CB  1 
ATOM   101 O OG1 . THR A 1 12 ? -8.679  4.865   9.403   1.00 42.54  ? 12  THR A OG1 1 
ATOM   102 C CG2 . THR A 1 12 ? -9.882  4.605   7.358   1.00 35.99  ? 12  THR A CG2 1 
ATOM   103 N N   . ILE A 1 13 ? -7.703  3.561   5.218   1.00 29.53  ? 13  ILE A N   1 
ATOM   104 C CA  . ILE A 1 13 ? -7.587  3.544   3.767   1.00 33.89  ? 13  ILE A CA  1 
ATOM   105 C C   . ILE A 1 13 ? -8.962  3.344   3.163   1.00 35.05  ? 13  ILE A C   1 
ATOM   106 O O   . ILE A 1 13 ? -9.711  2.502   3.659   1.00 37.69  ? 13  ILE A O   1 
ATOM   107 C CB  . ILE A 1 13 ? -6.641  2.372   3.299   1.00 28.63  ? 13  ILE A CB  1 
ATOM   108 C CG1 . ILE A 1 13 ? -5.284  2.464   3.963   1.00 35.75  ? 13  ILE A CG1 1 
ATOM   109 C CG2 . ILE A 1 13 ? -6.599  2.211   1.770   1.00 33.71  ? 13  ILE A CG2 1 
ATOM   110 C CD1 . ILE A 1 13 ? -4.529  3.755   3.683   1.00 37.98  ? 13  ILE A CD1 1 
ATOM   111 N N   . LYS A 1 14 ? -9.306  4.071   2.089   1.00 30.37  ? 14  LYS A N   1 
ATOM   112 C CA  . LYS A 1 14 ? -10.399 3.602   1.217   1.00 32.19  ? 14  LYS A CA  1 
ATOM   113 C C   . LYS A 1 14 ? -9.792  3.058   -0.057  1.00 36.68  ? 14  LYS A C   1 
ATOM   114 O O   . LYS A 1 14 ? -9.059  3.763   -0.771  1.00 32.80  ? 14  LYS A O   1 
ATOM   115 C CB  . LYS A 1 14 ? -11.402 4.705   0.898   1.00 32.64  ? 14  LYS A CB  1 
ATOM   116 C CG  . LYS A 1 14 ? -12.211 5.077   2.099   1.00 33.83  ? 14  LYS A CG  1 
ATOM   117 C CD  . LYS A 1 14 ? -13.235 6.131   1.775   1.00 38.56  ? 14  LYS A CD  1 
ATOM   118 C CE  . LYS A 1 14 ? -13.953 6.549   3.033   1.00 44.38  ? 14  LYS A CE  1 
ATOM   119 N NZ  . LYS A 1 14 ? -14.962 7.591   2.773   1.00 42.72  ? 14  LYS A NZ  1 
ATOM   120 N N   . ILE A 1 15 ? -10.085 1.789   -0.326  1.00 32.90  ? 15  ILE A N   1 
ATOM   121 C CA  . ILE A 1 15 ? -9.588  1.096   -1.515  1.00 29.28  ? 15  ILE A CA  1 
ATOM   122 C C   . ILE A 1 15 ? -10.583 0.022   -1.997  1.00 32.71  ? 15  ILE A C   1 
ATOM   123 O O   . ILE A 1 15 ? -11.104 -0.733  -1.204  1.00 35.32  ? 15  ILE A O   1 
ATOM   124 C CB  . ILE A 1 15 ? -8.222  0.430   -1.270  1.00 30.09  ? 15  ILE A CB  1 
ATOM   125 C CG1 . ILE A 1 15 ? -7.708  -0.191  -2.572  1.00 32.38  ? 15  ILE A CG1 1 
ATOM   126 C CG2 . ILE A 1 15 ? -8.283  -0.602  -0.120  1.00 28.39  ? 15  ILE A CG2 1 
ATOM   127 C CD1 . ILE A 1 15 ? -6.284  -0.638  -2.513  1.00 34.89  ? 15  ILE A CD1 1 
ATOM   128 N N   . GLY A 1 16 ? -10.799 -0.010  -3.311  1.00 38.69  ? 16  GLY A N   1 
ATOM   129 C CA  . GLY A 1 16 ? -11.668 -0.979  -3.959  1.00 40.11  ? 16  GLY A CA  1 
ATOM   130 C C   . GLY A 1 16 ? -13.078 -1.061  -3.392  1.00 42.12  ? 16  GLY A C   1 
ATOM   131 O O   . GLY A 1 16 ? -13.672 -2.142  -3.328  1.00 44.22  ? 16  GLY A O   1 
ATOM   132 N N   . GLY A 1 17 ? -13.616 0.086   -2.987  1.00 39.88  ? 17  GLY A N   1 
ATOM   133 C CA  . GLY A 1 17 ? -14.940 0.117   -2.380  1.00 37.86  ? 17  GLY A CA  1 
ATOM   134 C C   . GLY A 1 17 ? -14.960 -0.416  -0.949  1.00 39.98  ? 17  GLY A C   1 
ATOM   135 O O   . GLY A 1 17 ? -16.017 -0.737  -0.429  1.00 43.55  ? 17  GLY A O   1 
ATOM   136 N N   . GLN A 1 18 ? -13.794 -0.517  -0.311  1.00 36.69  ? 18  GLN A N   1 
ATOM   137 C CA  . GLN A 1 18 ? -13.719 -1.082  1.037   1.00 38.86  ? 18  GLN A CA  1 
ATOM   138 C C   . GLN A 1 18 ? -12.989 -0.139  1.954   1.00 41.07  ? 18  GLN A C   1 
ATOM   139 O O   . GLN A 1 18 ? -12.190 0.666   1.514   1.00 39.54  ? 18  GLN A O   1 
ATOM   140 C CB  . GLN A 1 18 ? -12.998 -2.441  1.050   1.00 44.69  ? 18  GLN A CB  1 
ATOM   141 C CG  . GLN A 1 18 ? -13.786 -3.613  0.459   1.00 53.29  ? 18  GLN A CG  1 
ATOM   142 C CD  . GLN A 1 18 ? -13.025 -4.934  0.560   1.00 62.44  ? 18  GLN A CD  1 
ATOM   143 O OE1 . GLN A 1 18 ? -12.659 -5.374  1.653   1.00 63.91  ? 18  GLN A OE1 1 
ATOM   144 N NE2 . GLN A 1 18 ? -12.802 -5.579  -0.582  1.00 66.80  ? 18  GLN A NE2 1 
ATOM   145 N N   . LEU A 1 19 ? -13.256 -0.275  3.243   1.00 41.15  ? 19  LEU A N   1 
ATOM   146 C CA  . LEU A 1 19 ? -12.505 0.450   4.254   1.00 47.07  ? 19  LEU A CA  1 
ATOM   147 C C   . LEU A 1 19 ? -11.457 -0.492  4.816   1.00 45.33  ? 19  LEU A C   1 
ATOM   148 O O   . LEU A 1 19 ? -11.769 -1.620  5.199   1.00 42.17  ? 19  LEU A O   1 
ATOM   149 C CB  . LEU A 1 19 ? -13.449 0.948   5.335   1.00 46.47  ? 19  LEU A CB  1 
ATOM   150 C CG  . LEU A 1 19 ? -13.111 2.126   6.227   1.00 48.81  ? 19  LEU A CG  1 
ATOM   151 C CD1 . LEU A 1 19 ? -12.901 3.396   5.421   1.00 48.30  ? 19  LEU A CD1 1 
ATOM   152 C CD2 . LEU A 1 19 ? -14.282 2.303   7.243   1.00 50.23  ? 19  LEU A CD2 1 
ATOM   153 N N   . LYS A 1 20 ? -10.208 -0.047  4.829   1.00 33.41  ? 20  LYS A N   1 
ATOM   154 C CA  . LYS A 1 20 ? -9.106  -0.883  5.254   1.00 32.36  ? 20  LYS A CA  1 
ATOM   155 C C   . LYS A 1 20 ? -8.187  -0.084  6.199   1.00 34.47  ? 20  LYS A C   1 
ATOM   156 O O   . LYS A 1 20 ? -8.336  1.139   6.375   1.00 38.72  ? 20  LYS A O   1 
ATOM   157 C CB  . LYS A 1 20 ? -8.285  -1.370  4.051   1.00 32.56  ? 20  LYS A CB  1 
ATOM   158 C CG  . LYS A 1 20 ? -9.071  -2.228  3.061   1.00 37.07  ? 20  LYS A CG  1 
ATOM   159 C CD  . LYS A 1 20 ? -9.217  -3.606  3.623   1.00 47.33  ? 20  LYS A CD  1 
ATOM   160 C CE  . LYS A 1 20 ? -9.627  -4.590  2.536   1.00 53.58  ? 20  LYS A CE  1 
ATOM   161 N NZ  . LYS A 1 20 ? -9.869  -5.924  3.122   1.00 51.42  ? 20  LYS A NZ  1 
ATOM   162 N N   . GLU A 1 21 ? -7.246  -0.790  6.799   1.00 29.55  ? 21  GLU A N   1 
ATOM   163 C CA  . GLU A 1 21 ? -6.143  -0.134  7.517   1.00 32.68  ? 21  GLU A CA  1 
ATOM   164 C C   . GLU A 1 21 ? -4.838  -0.563  6.899   1.00 34.01  ? 21  GLU A C   1 
ATOM   165 O O   . GLU A 1 21 ? -4.720  -1.696  6.445   1.00 30.39  ? 21  GLU A O   1 
ATOM   166 C CB  . GLU A 1 21 ? -6.130  -0.513  8.993   1.00 33.35  ? 21  GLU A CB  1 
ATOM   167 C CG  . GLU A 1 21 ? -7.384  -0.063  9.687   1.00 43.31  ? 21  GLU A CG  1 
ATOM   168 C CD  . GLU A 1 21 ? -7.276  -0.254  11.167  1.00 56.87  ? 21  GLU A CD  1 
ATOM   169 O OE1 . GLU A 1 21 ? -6.460  -1.097  11.594  1.00 54.53  ? 21  GLU A OE1 1 
ATOM   170 O OE2 . GLU A 1 21 ? -7.985  0.450   11.904  1.00 70.77  ? 21  GLU A OE2 1 
ATOM   171 N N   . ALA A 1 22 ? -3.839  0.313   6.936   1.00 29.59  ? 22  ALA A N   1 
ATOM   172 C CA  . ALA A 1 22 ? -2.548  -0.066  6.397   1.00 26.26  ? 22  ALA A CA  1 
ATOM   173 C C   . ALA A 1 22 ? -1.449  0.653   7.161   1.00 31.30  ? 22  ALA A C   1 
ATOM   174 O O   . ALA A 1 22 ? -1.684  1.734   7.737   1.00 29.36  ? 22  ALA A O   1 
ATOM   175 C CB  . ALA A 1 22 ? -2.470  0.263   4.899   1.00 26.82  ? 22  ALA A CB  1 
ATOM   176 N N   . LEU A 1 23 ? -0.267  0.036   7.169   1.00 25.27  ? 23  LEU A N   1 
ATOM   177 C CA  . LEU A 1 23 ? 0.930   0.579   7.832   1.00 23.26  ? 23  LEU A CA  1 
ATOM   178 C C   . LEU A 1 23 ? 1.729   1.505   6.881   1.00 25.57  ? 23  LEU A C   1 
ATOM   179 O O   . LEU A 1 23 ? 2.066   1.079   5.772   1.00 27.32  ? 23  LEU A O   1 
ATOM   180 C CB  . LEU A 1 23 ? 1.797   -0.601  8.274   1.00 25.01  ? 23  LEU A CB  1 
ATOM   181 C CG  . LEU A 1 23 ? 3.173   -0.337  8.893   1.00 30.11  ? 23  LEU A CG  1 
ATOM   182 C CD1 . LEU A 1 23 ? 2.934   0.231   10.245  1.00 31.25  ? 23  LEU A CD1 1 
ATOM   183 C CD2 . LEU A 1 23 ? 3.886   -1.667  9.042   1.00 32.22  ? 23  LEU A CD2 1 
ATOM   184 N N   . LEU A 1 24 ? 2.058   2.733   7.312   1.00 23.10  ? 24  LEU A N   1 
ATOM   185 C CA  . LEU A 1 24 ? 2.925   3.648   6.561   1.00 22.27  ? 24  LEU A CA  1 
ATOM   186 C C   . LEU A 1 24 ? 4.346   3.161   6.715   1.00 25.45  ? 24  LEU A C   1 
ATOM   187 O O   . LEU A 1 24 ? 4.923   3.255   7.804   1.00 27.03  ? 24  LEU A O   1 
ATOM   188 C CB  . LEU A 1 24 ? 2.757   5.088   7.078   1.00 22.51  ? 24  LEU A CB  1 
ATOM   189 C CG  . LEU A 1 24 ? 1.355   5.691   6.868   1.00 26.12  ? 24  LEU A CG  1 
ATOM   190 C CD1 . LEU A 1 24 ? 1.260   7.149   7.331   1.00 30.89  ? 24  LEU A CD1 1 
ATOM   191 C CD2 . LEU A 1 24 ? 0.928   5.620   5.390   1.00 29.38  ? 24  LEU A CD2 1 
ATOM   192 N N   . ASN A 1 25 ? 4.916   2.613   5.647   1.00 22.62  ? 25  ASN A N   1 
ATOM   193 C CA  . ASN A 1 25 ? 6.177   1.877   5.762   1.00 20.55  ? 25  ASN A CA  1 
ATOM   194 C C   . ASN A 1 25 ? 7.255   2.429   4.857   1.00 22.76  ? 25  ASN A C   1 
ATOM   195 O O   . ASN A 1 25 ? 7.248   2.116   3.673   1.00 22.04  ? 25  ASN A O   1 
ATOM   196 C CB  . ASN A 1 25 ? 5.922   0.410   5.389   1.00 21.78  ? 25  ASN A CB  1 
ATOM   197 C CG  . ASN A 1 25 ? 7.144   -0.471  5.672   1.00 25.34  ? 25  ASN A CG  1 
ATOM   198 O OD1 . ASN A 1 25 ? 8.198   0.038   5.947   1.00 25.46  ? 25  ASN A OD1 1 
ATOM   199 N ND2 . ASN A 1 25 ? 6.968   -1.774  5.631   1.00 33.33  ? 25  ASN A ND2 1 
ATOM   200 N N   . THR A 1 26 ? 8.137   3.264   5.403   1.00 20.04  ? 26  THR A N   1 
ATOM   201 C CA  . THR A 1 26 ? 9.185   3.911   4.602   1.00 19.56  ? 26  THR A CA  1 
ATOM   202 C C   . THR A 1 26 ? 10.271  2.930   4.181   1.00 22.12  ? 26  THR A C   1 
ATOM   203 O O   . THR A 1 26 ? 11.100  3.248   3.314   1.00 24.12  ? 26  THR A O   1 
ATOM   204 C CB  . THR A 1 26 ? 9.844   5.069   5.338   1.00 23.46  ? 26  THR A CB  1 
ATOM   205 O OG1 . THR A 1 26 ? 10.452  4.590   6.555   1.00 22.88  ? 26  THR A OG1 1 
ATOM   206 C CG2 . THR A 1 26 ? 8.790   6.129   5.643   1.00 21.34  ? 26  THR A CG2 1 
ATOM   207 N N   . GLY A 1 27 ? 10.256  1.737   4.774   1.00 23.45  ? 27  GLY A N   1 
ATOM   208 C CA  . GLY A 1 27 ? 11.152  0.687   4.350   1.00 25.18  ? 27  GLY A CA  1 
ATOM   209 C C   . GLY A 1 27 ? 10.658  -0.150  3.155   1.00 29.36  ? 27  GLY A C   1 
ATOM   210 O O   . GLY A 1 27 ? 11.395  -0.986  2.653   1.00 32.00  ? 27  GLY A O   1 
ATOM   211 N N   . ALA A 1 28 ? 9.419   0.064   2.709   1.00 21.17  ? 28  ALA A N   1 
ATOM   212 C CA  . ALA A 1 28 ? 8.834   -0.700  1.600   1.00 26.20  ? 28  ALA A CA  1 
ATOM   213 C C   . ALA A 1 28 ? 8.827   0.127   0.332   1.00 27.14  ? 28  ALA A C   1 
ATOM   214 O O   . ALA A 1 28 ? 8.338   1.241   0.340   1.00 23.92  ? 28  ALA A O   1 
ATOM   215 C CB  . ALA A 1 28 ? 7.372   -1.129  1.932   1.00 23.29  ? 28  ALA A CB  1 
ATOM   216 N N   . ASP A 1 29 ? 9.381   -0.395  -0.761  1.00 27.63  ? 29  ASP A N   1 
ATOM   217 C CA  . ASP A 1 29 ? 9.284   0.319   -2.031  1.00 27.97  ? 29  ASP A CA  1 
ATOM   218 C C   . ASP A 1 29 ? 7.856   0.367   -2.539  1.00 26.86  ? 29  ASP A C   1 
ATOM   219 O O   . ASP A 1 29 ? 7.435   1.370   -3.127  1.00 28.47  ? 29  ASP A O   1 
ATOM   220 C CB  . ASP A 1 29 ? 10.134  -0.363  -3.109  1.00 32.81  ? 29  ASP A CB  1 
ATOM   221 C CG  . ASP A 1 29 ? 11.598  -0.474  -2.727  1.00 37.59  ? 29  ASP A CG  1 
ATOM   222 O OD1 . ASP A 1 29 ? 12.087  0.361   -1.924  1.00 32.57  ? 29  ASP A OD1 1 
ATOM   223 O OD2 . ASP A 1 29 ? 12.260  -1.415  -3.246  1.00 40.82  ? 29  ASP A OD2 1 
ATOM   224 N N   . ASP A 1 30 ? 7.123   -0.728  -2.308  1.00 25.60  ? 30  ASP A N   1 
ATOM   225 C CA  . ASP A 1 30 ? 5.821   -0.959  -2.960  1.00 24.42  ? 30  ASP A CA  1 
ATOM   226 C C   . ASP A 1 30 ? 4.711   -1.044  -1.925  1.00 25.85  ? 30  ASP A C   1 
ATOM   227 O O   . ASP A 1 30 ? 4.971   -1.233  -0.720  1.00 26.30  ? 30  ASP A O   1 
ATOM   228 C CB  . ASP A 1 30 ? 5.834   -2.248  -3.797  1.00 30.24  ? 30  ASP A CB  1 
ATOM   229 C CG  . ASP A 1 30 ? 7.009   -2.298  -4.807  1.00 39.70  ? 30  ASP A CG  1 
ATOM   230 O OD1 . ASP A 1 30 ? 7.261   -1.298  -5.509  1.00 41.85  ? 30  ASP A OD1 1 
ATOM   231 O OD2 . ASP A 1 30 ? 7.710   -3.337  -4.879  1.00 41.95  ? 30  ASP A OD2 1 
ATOM   232 N N   . THR A 1 31 ? 3.483   -0.920  -2.422  1.00 22.50  ? 31  THR A N   1 
ATOM   233 C CA  . THR A 1 31 ? 2.257   -1.003  -1.642  1.00 19.82  ? 31  THR A CA  1 
ATOM   234 C C   . THR A 1 31 ? 1.619   -2.374  -1.867  1.00 25.42  ? 31  THR A C   1 
ATOM   235 O O   . THR A 1 31 ? 1.493   -2.814  -3.017  1.00 23.96  ? 31  THR A O   1 
ATOM   236 C CB  . THR A 1 31 ? 1.314   0.130   -2.052  1.00 20.65  ? 31  THR A CB  1 
ATOM   237 O OG1 . THR A 1 31 ? 1.924   1.351   -1.580  1.00 23.13  ? 31  THR A OG1 1 
ATOM   238 C CG2 . THR A 1 31 ? -0.025  -0.013  -1.425  1.00 23.85  ? 31  THR A CG2 1 
ATOM   239 N N   A VAL A 1 32 ? 1.237   -3.047  -0.776  0.65 26.47  ? 32  VAL A N   1 
ATOM   240 N N   B VAL A 1 32 ? 1.235   -3.033  -0.776  0.35 25.73  ? 32  VAL A N   1 
ATOM   241 C CA  A VAL A 1 32 ? 0.668   -4.401  -0.876  0.65 23.96  ? 32  VAL A CA  1 
ATOM   242 C CA  B VAL A 1 32 ? 0.643   -4.363  -0.867  0.35 24.87  ? 32  VAL A CA  1 
ATOM   243 C C   A VAL A 1 32 ? -0.566  -4.584  0.021   0.65 27.41  ? 32  VAL A C   1 
ATOM   244 C C   B VAL A 1 32 ? -0.603  -4.486  0.012   0.35 27.61  ? 32  VAL A C   1 
ATOM   245 O O   A VAL A 1 32 ? -0.509  -4.327  1.230   0.65 29.66  ? 32  VAL A O   1 
ATOM   246 O O   B VAL A 1 32 ? -0.599  -4.083  1.181   0.35 26.55  ? 32  VAL A O   1 
ATOM   247 C CB  A VAL A 1 32 ? 1.709   -5.470  -0.506  0.65 22.97  ? 32  VAL A CB  1 
ATOM   248 C CB  B VAL A 1 32 ? 1.664   -5.454  -0.484  0.35 22.42  ? 32  VAL A CB  1 
ATOM   249 C CG1 A VAL A 1 32 ? 1.216   -6.892  -0.892  0.65 20.48  ? 32  VAL A CG1 1 
ATOM   250 C CG1 B VAL A 1 32 ? 2.700   -5.618  -1.582  0.35 27.95  ? 32  VAL A CG1 1 
ATOM   251 C CG2 A VAL A 1 32 ? 3.090   -5.140  -1.115  0.65 30.07  ? 32  VAL A CG2 1 
ATOM   252 C CG2 B VAL A 1 32 ? 2.345   -5.132  0.854   0.35 17.65  ? 32  VAL A CG2 1 
ATOM   253 N N   . PHE A 1 33 ? -1.675  -5.006  -0.575  1.00 24.65  ? 33  PHE A N   1 
ATOM   254 C CA  . PHE A 1 33 ? -2.903  -5.286  0.144   1.00 26.79  ? 33  PHE A CA  1 
ATOM   255 C C   . PHE A 1 33 ? -3.278  -6.731  -0.074  1.00 29.73  ? 33  PHE A C   1 
ATOM   256 O O   . PHE A 1 33 ? -3.044  -7.276  -1.149  1.00 27.92  ? 33  PHE A O   1 
ATOM   257 C CB  . PHE A 1 33 ? -4.072  -4.386  -0.329  1.00 25.58  ? 33  PHE A CB  1 
ATOM   258 C CG  . PHE A 1 33 ? -4.050  -3.008  0.267   1.00 29.26  ? 33  PHE A CG  1 
ATOM   259 C CD1 . PHE A 1 33 ? -3.174  -2.061  -0.203  1.00 29.37  ? 33  PHE A CD1 1 
ATOM   260 C CD2 . PHE A 1 33 ? -4.917  -2.667  1.297   1.00 30.50  ? 33  PHE A CD2 1 
ATOM   261 C CE1 . PHE A 1 33 ? -3.130  -0.790  0.361   1.00 29.53  ? 33  PHE A CE1 1 
ATOM   262 C CE2 . PHE A 1 33 ? -4.873  -1.396  1.879   1.00 35.09  ? 33  PHE A CE2 1 
ATOM   263 C CZ  . PHE A 1 33 ? -3.975  -0.449  1.395   1.00 29.43  ? 33  PHE A CZ  1 
ATOM   264 N N   . GLU A 1 34 ? -3.869  -7.364  0.929   1.00 28.99  ? 34  GLU A N   1 
ATOM   265 C CA  . GLU A 1 34 ? -4.562  -8.615  0.650   1.00 37.51  ? 34  GLU A CA  1 
ATOM   266 C C   . GLU A 1 34 ? -6.074  -8.442  0.827   1.00 42.27  ? 34  GLU A C   1 
ATOM   267 O O   . GLU A 1 34 ? -6.553  -7.488  1.470   1.00 39.95  ? 34  GLU A O   1 
ATOM   268 C CB  . GLU A 1 34 ? -4.036  -9.720  1.550   1.00 41.62  ? 34  GLU A CB  1 
ATOM   269 C CG  . GLU A 1 34 ? -4.422  -9.527  2.989   1.00 45.29  ? 34  GLU A CG  1 
ATOM   270 C CD  . GLU A 1 34 ? -4.061  -10.728 3.835   0.43 47.60  ? 34  GLU A CD  1 
ATOM   271 O OE1 . GLU A 1 34 ? -3.218  -11.528 3.371   1.00 43.81  ? 34  GLU A OE1 1 
ATOM   272 O OE2 . GLU A 1 34 ? -4.626  -10.872 4.948   0.75 50.73  ? 34  GLU A OE2 1 
ATOM   273 N N   . GLU A 1 35 ? -6.826  -9.366  0.262   1.00 43.93  ? 35  GLU A N   1 
ATOM   274 C CA  . GLU A 1 35 ? -8.278  -9.364  0.421   1.00 45.48  ? 35  GLU A CA  1 
ATOM   275 C C   . GLU A 1 35 ? -8.891  -8.058  -0.073  1.00 42.41  ? 35  GLU A C   1 
ATOM   276 O O   . GLU A 1 35 ? -9.769  -7.459  0.562   1.00 47.38  ? 35  GLU A O   1 
ATOM   277 C CB  . GLU A 1 35 ? -8.679  -9.638  1.887   1.00 46.37  ? 35  GLU A CB  1 
ATOM   278 C CG  . GLU A 1 35 ? -8.325  -11.051 2.331   1.00 57.51  ? 35  GLU A CG  1 
ATOM   279 C CD  . GLU A 1 35 ? -8.854  -11.402 3.703   0.58 56.42  ? 35  GLU A CD  1 
ATOM   280 O OE1 . GLU A 1 35 ? -10.082 -11.522 3.841   0.50 55.23  ? 35  GLU A OE1 1 
ATOM   281 O OE2 . GLU A 1 35 ? -8.047  -11.571 4.639   0.72 60.39  ? 35  GLU A OE2 1 
ATOM   282 N N   . VAL A 1 36 ? -8.406  -7.609  -1.220  1.00 37.83  ? 36  VAL A N   1 
ATOM   283 C CA  . VAL A 1 36 ? -9.118  -6.598  -1.961  1.00 34.53  ? 36  VAL A CA  1 
ATOM   284 C C   . VAL A 1 36 ? -9.414  -7.181  -3.339  1.00 36.43  ? 36  VAL A C   1 
ATOM   285 O O   . VAL A 1 36 ? -8.680  -8.047  -3.850  1.00 42.05  ? 36  VAL A O   1 
ATOM   286 C CB  . VAL A 1 36 ? -8.314  -5.274  -2.093  1.00 37.57  ? 36  VAL A CB  1 
ATOM   287 C CG1 . VAL A 1 36 ? -8.091  -4.660  -0.719  1.00 38.97  ? 36  VAL A CG1 1 
ATOM   288 C CG2 . VAL A 1 36 ? -6.994  -5.538  -2.782  1.00 33.65  ? 36  VAL A CG2 1 
ATOM   289 N N   . ASN A 1 37 ? -10.510 -6.711  -3.909  1.00 28.69  ? 37  ASN A N   1 
ATOM   290 C CA  A ASN A 1 37 ? -11.002 -7.172  -5.195  0.50 30.96  ? 37  ASN A CA  1 
ATOM   291 C CA  B ASN A 1 37 ? -10.973 -7.179  -5.215  0.50 30.19  ? 37  ASN A CA  1 
ATOM   292 C C   . ASN A 1 37 ? -10.963 -6.021  -6.205  1.00 34.47  ? 37  ASN A C   1 
ATOM   293 O O   . ASN A 1 37 ? -11.981 -5.373  -6.458  1.00 45.30  ? 37  ASN A O   1 
ATOM   294 C CB  A ASN A 1 37 ? -12.425 -7.718  -5.024  0.50 33.92  ? 37  ASN A CB  1 
ATOM   295 C CB  B ASN A 1 37 ? -12.375 -7.795  -5.130  0.50 33.47  ? 37  ASN A CB  1 
ATOM   296 C CG  A ASN A 1 37 ? -12.993 -8.295  -6.295  0.50 38.48  ? 37  ASN A CG  1 
ATOM   297 C CG  B ASN A 1 37 ? -12.373 -9.183  -4.515  0.50 37.08  ? 37  ASN A CG  1 
ATOM   298 O OD1 A ASN A 1 37 ? -12.276 -8.839  -7.128  0.50 50.31  ? 37  ASN A OD1 1 
ATOM   299 O OD1 B ASN A 1 37 ? -11.418 -9.940  -4.665  0.50 42.07  ? 37  ASN A OD1 1 
ATOM   300 N ND2 A ASN A 1 37 ? -14.298 -8.185  -6.444  0.50 38.53  ? 37  ASN A ND2 1 
ATOM   301 N ND2 B ASN A 1 37 ? -13.468 -9.538  -3.852  0.50 44.99  ? 37  ASN A ND2 1 
ATOM   302 N N   . LEU A 1 38 ? -9.802  -5.778  -6.781  1.00 27.72  ? 38  LEU A N   1 
ATOM   303 C CA  . LEU A 1 38 ? -9.627  -4.621  -7.647  1.00 26.83  ? 38  LEU A CA  1 
ATOM   304 C C   . LEU A 1 38 ? -10.069 -4.917  -9.073  1.00 29.79  ? 38  LEU A C   1 
ATOM   305 O O   . LEU A 1 38 ? -9.811  -5.997  -9.576  1.00 32.85  ? 38  LEU A O   1 
ATOM   306 C CB  . LEU A 1 38 ? -8.165  -4.180  -7.639  1.00 24.06  ? 38  LEU A CB  1 
ATOM   307 C CG  . LEU A 1 38 ? -7.582  -3.771  -6.264  1.00 25.74  ? 38  LEU A CG  1 
ATOM   308 C CD1 . LEU A 1 38 ? -6.166  -3.278  -6.505  1.00 26.87  ? 38  LEU A CD1 1 
ATOM   309 C CD2 . LEU A 1 38 ? -8.480  -2.682  -5.664  1.00 31.94  ? 38  LEU A CD2 1 
ATOM   310 N N   . PRO A 1 39 ? -10.726 -3.948  -9.725  1.00 33.19  ? 39  PRO A N   1 
ATOM   311 C CA  . PRO A 1 39 ? -11.188 -4.136  -11.103 1.00 32.83  ? 39  PRO A CA  1 
ATOM   312 C C   . PRO A 1 39 ? -10.085 -3.815  -12.102 1.00 37.42  ? 39  PRO A C   1 
ATOM   313 O O   . PRO A 1 39 ? -9.061  -3.298  -11.708 1.00 33.34  ? 39  PRO A O   1 
ATOM   314 C CB  . PRO A 1 39 ? -12.344 -3.127  -11.220 1.00 37.28  ? 39  PRO A CB  1 
ATOM   315 C CG  . PRO A 1 39 ? -11.899 -1.993  -10.367 1.00 39.71  ? 39  PRO A CG  1 
ATOM   316 C CD  . PRO A 1 39 ? -11.141 -2.640  -9.183  1.00 35.48  ? 39  PRO A CD  1 
ATOM   317 N N   . GLY A 1 40 ? -10.280 -4.083  -13.383 1.00 38.00  ? 40  GLY A N   1 
ATOM   318 C CA  . GLY A 1 40 ? -9.269  -3.613  -14.335 1.00 38.45  ? 40  GLY A CA  1 
ATOM   319 C C   . GLY A 1 40 ? -8.199  -4.648  -14.638 1.00 39.67  ? 40  GLY A C   1 
ATOM   320 O O   . GLY A 1 40 ? -8.297  -5.793  -14.213 1.00 38.26  ? 40  GLY A O   1 
ATOM   321 N N   . ARG A 1 41 ? -7.168  -4.254  -15.383 1.00 41.41  ? 41  ARG A N   1 
ATOM   322 C CA  . ARG A 1 41 ? -6.181  -5.230  -15.815 1.00 33.22  ? 41  ARG A CA  1 
ATOM   323 C C   . ARG A 1 41 ? -5.077  -5.308  -14.778 1.00 29.06  ? 41  ARG A C   1 
ATOM   324 O O   . ARG A 1 41 ? -4.768  -4.315  -14.119 1.00 33.23  ? 41  ARG A O   1 
ATOM   325 C CB  . ARG A 1 41 ? -5.597  -4.864  -17.189 1.00 50.16  ? 41  ARG A CB  1 
ATOM   326 C CG  . ARG A 1 41 ? -4.584  -5.877  -17.728 1.00 68.79  ? 41  ARG A CG  1 
ATOM   327 C CD  . ARG A 1 41 ? -4.135  -5.593  -19.168 1.00 82.24  ? 41  ARG A CD  1 
ATOM   328 N NE  . ARG A 1 41 ? -5.203  -5.825  -20.133 1.00 89.12  ? 41  ARG A NE  1 
ATOM   329 C CZ  . ARG A 1 41 ? -5.855  -4.859  -20.771 1.00 93.53  ? 41  ARG A CZ  1 
ATOM   330 N NH1 . ARG A 1 41 ? -5.531  -3.590  -20.557 1.00 93.09  ? 41  ARG A NH1 1 
ATOM   331 N NH2 . ARG A 1 41 ? -6.822  -5.162  -21.630 1.00 95.70  ? 41  ARG A NH2 1 
ATOM   332 N N   . TRP A 1 42 ? -4.471  -6.479  -14.658 1.00 32.55  ? 42  TRP A N   1 
ATOM   333 C CA  . TRP A 1 42 ? -3.303  -6.647  -13.797 1.00 27.36  ? 42  TRP A CA  1 
ATOM   334 C C   . TRP A 1 42 ? -2.263  -7.439  -14.535 1.00 28.79  ? 42  TRP A C   1 
ATOM   335 O O   . TRP A 1 42 ? -2.568  -8.059  -15.559 1.00 37.77  ? 42  TRP A O   1 
ATOM   336 C CB  . TRP A 1 42 ? -3.677  -7.352  -12.479 1.00 32.34  ? 42  TRP A CB  1 
ATOM   337 C CG  . TRP A 1 42 ? -4.421  -8.643  -12.702 1.00 35.95  ? 42  TRP A CG  1 
ATOM   338 C CD1 . TRP A 1 42 ? -5.768  -8.787  -12.788 1.00 35.23  ? 42  TRP A CD1 1 
ATOM   339 C CD2 . TRP A 1 42 ? -3.862  -9.958  -12.919 1.00 32.31  ? 42  TRP A CD2 1 
ATOM   340 N NE1 . TRP A 1 42 ? -6.089  -10.103 -13.036 1.00 43.10  ? 42  TRP A NE1 1 
ATOM   341 C CE2 . TRP A 1 42 ? -4.932  -10.840 -13.118 1.00 40.41  ? 42  TRP A CE2 1 
ATOM   342 C CE3 . TRP A 1 42 ? -2.554  -10.465 -12.943 1.00 38.29  ? 42  TRP A CE3 1 
ATOM   343 C CZ2 . TRP A 1 42 ? -4.751  -12.208 -13.358 1.00 42.29  ? 42  TRP A CZ2 1 
ATOM   344 C CZ3 . TRP A 1 42 ? -2.369  -11.820 -13.194 1.00 40.23  ? 42  TRP A CZ3 1 
ATOM   345 C CH2 . TRP A 1 42 ? -3.460  -12.673 -13.393 1.00 46.40  ? 42  TRP A CH2 1 
ATOM   346 N N   . LYS A 1 43 ? -1.043  -7.432  -14.025 1.00 33.38  ? 43  LYS A N   1 
ATOM   347 C CA  . LYS A 1 43 ? 0.012   -8.311  -14.533 1.00 43.67  ? 43  LYS A CA  1 
ATOM   348 C C   . LYS A 1 43 ? 0.716   -8.975  -13.351 1.00 44.10  ? 43  LYS A C   1 
ATOM   349 O O   . LYS A 1 43 ? 0.781   -8.399  -12.268 1.00 34.90  ? 43  LYS A O   1 
ATOM   350 C CB  . LYS A 1 43 ? 1.015   -7.540  -15.393 1.00 42.12  ? 43  LYS A CB  1 
ATOM   351 C CG  . LYS A 1 43 ? 1.859   -6.567  -14.613 1.00 51.84  ? 43  LYS A CG  1 
ATOM   352 C CD  . LYS A 1 43 ? 2.809   -5.810  -15.536 0.84 58.25  ? 43  LYS A CD  1 
ATOM   353 C CE  . LYS A 1 43 ? 3.976   -6.693  -15.947 0.30 63.12  ? 43  LYS A CE  1 
ATOM   354 N NZ  . LYS A 1 43 ? 4.983   -5.953  -16.755 1.00 71.85  ? 43  LYS A NZ  1 
ATOM   355 N N   . PRO A 1 44 ? 1.214   -10.210 -13.539 1.00 40.51  ? 44  PRO A N   1 
ATOM   356 C CA  . PRO A 1 44 ? 1.960   -10.876 -12.470 1.00 35.31  ? 44  PRO A CA  1 
ATOM   357 C C   . PRO A 1 44 ? 3.283   -10.189 -12.183 1.00 43.07  ? 44  PRO A C   1 
ATOM   358 O O   . PRO A 1 44 ? 3.939   -9.701  -13.112 1.00 50.09  ? 44  PRO A O   1 
ATOM   359 C CB  . PRO A 1 44 ? 2.201   -12.296 -13.030 1.00 43.11  ? 44  PRO A CB  1 
ATOM   360 C CG  . PRO A 1 44 ? 2.202   -12.096 -14.502 1.00 44.27  ? 44  PRO A CG  1 
ATOM   361 C CD  . PRO A 1 44 ? 1.144   -11.046 -14.755 1.00 49.08  ? 44  PRO A CD  1 
ATOM   362 N N   . LYS A 1 45 ? 3.648   -10.123 -10.904 1.00 36.88  ? 45  LYS A N   1 
ATOM   363 C CA  . LYS A 1 45 ? 4.920   -9.578  -10.464 1.00 35.33  ? 45  LYS A CA  1 
ATOM   364 C C   . LYS A 1 45 ? 5.520   -10.513 -9.399  1.00 40.06  ? 45  LYS A C   1 
ATOM   365 O O   . LYS A 1 45 ? 4.822   -11.018 -8.520  1.00 35.39  ? 45  LYS A O   1 
ATOM   366 C CB  . LYS A 1 45 ? 4.729   -8.153  -9.910  1.00 34.93  ? 45  LYS A CB  1 
ATOM   367 C CG  . LYS A 1 45 ? 6.023   -7.424  -9.527  1.00 44.82  ? 45  LYS A CG  1 
ATOM   368 C CD  . LYS A 1 45 ? 5.717   -6.192  -8.664  1.00 51.76  ? 45  LYS A CD  1 
ATOM   369 C CE  . LYS A 1 45 ? 6.956   -5.341  -8.366  1.00 56.78  ? 45  LYS A CE  1 
ATOM   370 N NZ  . LYS A 1 45 ? 7.313   -4.460  -9.510  1.00 60.69  ? 45  LYS A NZ  1 
ATOM   371 N N   . LEU A 1 46 ? 6.820   -10.762 -9.486  1.00 37.64  ? 46  LEU A N   1 
ATOM   372 C CA  . LEU A 1 46 ? 7.528   -11.490 -8.454  1.00 33.77  ? 46  LEU A CA  1 
ATOM   373 C C   . LEU A 1 46 ? 8.154   -10.493 -7.536  1.00 41.56  ? 46  LEU A C   1 
ATOM   374 O O   . LEU A 1 46 ? 8.873   -9.582  -7.973  1.00 40.64  ? 46  LEU A O   1 
ATOM   375 C CB  . LEU A 1 46 ? 8.598   -12.435 -9.044  1.00 39.79  ? 46  LEU A CB  1 
ATOM   376 C CG  . LEU A 1 46 ? 8.135   -13.676 -9.810  1.00 46.59  ? 46  LEU A CG  1 
ATOM   377 C CD1 . LEU A 1 46 ? 9.332   -14.470 -10.340 1.00 48.03  ? 46  LEU A CD1 1 
ATOM   378 C CD2 . LEU A 1 46 ? 7.286   -14.583 -8.943  1.00 38.87  ? 46  LEU A CD2 1 
ATOM   379 N N   . ILE A 1 47 ? 7.860   -10.624 -6.252  1.00 35.12  ? 47  ILE A N   1 
ATOM   380 C CA  . ILE A 1 47 ? 8.458   -9.713  -5.285  1.00 37.34  ? 47  ILE A CA  1 
ATOM   381 C C   . ILE A 1 47 ? 9.112   -10.545 -4.208  1.00 39.02  ? 47  ILE A C   1 
ATOM   382 O O   . ILE A 1 47 ? 9.172   -11.769 -4.313  1.00 38.36  ? 47  ILE A O   1 
ATOM   383 C CB  . ILE A 1 47 ? 7.442   -8.723  -4.651  1.00 31.32  ? 47  ILE A CB  1 
ATOM   384 C CG1 . ILE A 1 47 ? 6.339   -9.455  -3.897  1.00 33.84  ? 47  ILE A CG1 1 
ATOM   385 C CG2 . ILE A 1 47 ? 6.860   -7.777  -5.696  1.00 35.96  ? 47  ILE A CG2 1 
ATOM   386 C CD1 . ILE A 1 47 ? 5.413   -8.536  -3.112  1.00 36.90  ? 47  ILE A CD1 1 
ATOM   387 N N   . GLY A 1 48 ? 9.613   -9.891  -3.162  1.00 47.05  ? 48  GLY A N   1 
ATOM   388 C CA  . GLY A 1 48 ? 10.335  -10.614 -2.132  1.00 41.07  ? 48  GLY A CA  1 
ATOM   389 C C   . GLY A 1 48 ? 11.605  -11.119 -2.760  1.00 46.94  ? 48  GLY A C   1 
ATOM   390 O O   . GLY A 1 48 ? 12.293  -10.368 -3.456  1.00 63.18  ? 48  GLY A O   1 
ATOM   391 N N   . GLY A 1 49 ? 11.925  -12.384 -2.538  1.00 50.23  ? 49  GLY A N   1 
ATOM   392 C CA  . GLY A 1 49 ? 13.170  -12.931 -3.059  1.00 63.29  ? 49  GLY A CA  1 
ATOM   393 C C   . GLY A 1 49 ? 13.989  -13.671 -2.016  1.00 66.93  ? 49  GLY A C   1 
ATOM   394 O O   . GLY A 1 49 ? 14.977  -14.326 -2.320  1.00 68.25  ? 49  GLY A O   1 
ATOM   395 N N   . ILE A 1 50 ? 13.560  -13.572 -0.770  1.00 70.52  ? 50  ILE A N   1 
ATOM   396 C CA  . ILE A 1 50 ? 14.225  -14.261 0.315   1.00 66.36  ? 50  ILE A CA  1 
ATOM   397 C C   . ILE A 1 50 ? 13.380  -15.489 0.702   1.00 57.20  ? 50  ILE A C   1 
ATOM   398 O O   . ILE A 1 50 ? 12.249  -15.332 1.134   1.00 46.06  ? 50  ILE A O   1 
ATOM   399 C CB  . ILE A 1 50 ? 14.438  -13.295 1.517   1.00 66.00  ? 50  ILE A CB  1 
ATOM   400 C CG1 . ILE A 1 50 ? 15.254  -12.052 1.100   1.00 64.02  ? 50  ILE A CG1 1 
ATOM   401 C CG2 . ILE A 1 50 ? 15.130  -13.997 2.651   1.00 66.30  ? 50  ILE A CG2 1 
ATOM   402 C CD1 . ILE A 1 50 ? 14.413  -10.856 0.589   1.00 64.63  ? 50  ILE A CD1 1 
ATOM   403 N N   . GLY A 1 51 ? 13.923  -16.699 0.517   1.00 65.32  ? 51  GLY A N   1 
ATOM   404 C CA  . GLY A 1 51 ? 13.225  -17.952 0.826   1.00 57.40  ? 51  GLY A CA  1 
ATOM   405 C C   . GLY A 1 51 ? 12.586  -18.534 -0.426  1.00 44.40  ? 51  GLY A C   1 
ATOM   406 O O   . GLY A 1 51 ? 12.150  -19.704 -0.491  1.00 48.15  ? 51  GLY A O   1 
ATOM   407 N N   . GLY A 1 52 ? 12.594  -17.696 -1.449  1.00 53.42  ? 52  GLY A N   1 
ATOM   408 C CA  . GLY A 1 52 ? 11.808  -17.912 -2.639  1.00 48.00  ? 52  GLY A CA  1 
ATOM   409 C C   . GLY A 1 52 ? 11.206  -16.571 -3.009  1.00 45.43  ? 52  GLY A C   1 
ATOM   410 O O   . GLY A 1 52 ? 11.462  -15.537 -2.402  1.00 38.91  ? 52  GLY A O   1 
ATOM   411 N N   . PHE A 1 53 ? 10.401  -16.574 -4.057  1.00 36.21  ? 53  PHE A N   1 
ATOM   412 C CA  . PHE A 1 53 ? 9.705   -15.369 -4.402  1.00 32.80  ? 53  PHE A CA  1 
ATOM   413 C C   . PHE A 1 53 ? 8.239   -15.581 -4.083  1.00 30.31  ? 53  PHE A C   1 
ATOM   414 O O   . PHE A 1 53 ? 7.822   -16.709 -3.930  1.00 29.91  ? 53  PHE A O   1 
ATOM   415 C CB  . PHE A 1 53 ? 9.908   -15.054 -5.875  1.00 40.45  ? 53  PHE A CB  1 
ATOM   416 C CG  . PHE A 1 53 ? 11.328  -14.768 -6.224  1.00 44.87  ? 53  PHE A CG  1 
ATOM   417 C CD1 . PHE A 1 53 ? 11.809  -13.471 -6.173  1.00 41.82  ? 53  PHE A CD1 1 
ATOM   418 C CD2 . PHE A 1 53 ? 12.188  -15.799 -6.571  1.00 47.87  ? 53  PHE A CD2 1 
ATOM   419 C CE1 . PHE A 1 53 ? 13.132  -13.191 -6.486  1.00 40.86  ? 53  PHE A CE1 1 
ATOM   420 C CE2 . PHE A 1 53 ? 13.509  -15.520 -6.887  1.00 44.66  ? 53  PHE A CE2 1 
ATOM   421 C CZ  . PHE A 1 53 ? 13.960  -14.192 -6.841  1.00 38.02  ? 53  PHE A CZ  1 
ATOM   422 N N   . VAL A 1 54 ? 7.503   -14.481 -3.989  1.00 30.62  ? 54  VAL A N   1 
ATOM   423 C CA  . VAL A 1 54 ? 6.036   -14.501 -3.926  1.00 29.08  ? 54  VAL A CA  1 
ATOM   424 C C   . VAL A 1 54 ? 5.494   -13.898 -5.215  1.00 29.30  ? 54  VAL A C   1 
ATOM   425 O O   . VAL A 1 54 ? 5.977   -12.844 -5.652  1.00 32.71  ? 54  VAL A O   1 
ATOM   426 C CB  . VAL A 1 54 ? 5.537   -13.711 -2.714  1.00 30.66  ? 54  VAL A CB  1 
ATOM   427 C CG1 . VAL A 1 54 ? 3.993   -13.495 -2.771  1.00 30.05  ? 54  VAL A CG1 1 
ATOM   428 C CG2 . VAL A 1 54 ? 5.933   -14.434 -1.434  1.00 40.96  ? 54  VAL A CG2 1 
ATOM   429 N N   . LYS A 1 55 ? 4.509   -14.563 -5.841  1.00 25.72  ? 55  LYS A N   1 
ATOM   430 C CA  . LYS A 1 55 ? 3.860   -14.006 -7.031  1.00 24.64  ? 55  LYS A CA  1 
ATOM   431 C C   . LYS A 1 55 ? 2.639   -13.202 -6.606  1.00 27.20  ? 55  LYS A C   1 
ATOM   432 O O   . LYS A 1 55 ? 1.756   -13.729 -5.956  1.00 30.28  ? 55  LYS A O   1 
ATOM   433 C CB  . LYS A 1 55 ? 3.428   -15.092 -8.000  1.00 25.45  ? 55  LYS A CB  1 
ATOM   434 C CG  . LYS A 1 55 ? 3.122   -14.525 -9.382  1.00 31.96  ? 55  LYS A CG  1 
ATOM   435 C CD  . LYS A 1 55 ? 2.551   -15.604 -10.265 1.00 34.45  ? 55  LYS A CD  1 
ATOM   436 C CE  . LYS A 1 55 ? 3.535   -16.749 -10.396 1.00 38.13  ? 55  LYS A CE  1 
ATOM   437 N NZ  . LYS A 1 55 ? 3.077   -17.831 -11.338 1.00 41.60  ? 55  LYS A NZ  1 
ATOM   438 N N   . VAL A 1 56 ? 2.570   -11.943 -7.001  1.00 27.81  ? 56  VAL A N   1 
ATOM   439 C CA  . VAL A 1 56 ? 1.416   -11.111 -6.686  1.00 24.58  ? 56  VAL A CA  1 
ATOM   440 C C   . VAL A 1 56 ? 0.806   -10.537 -7.979  1.00 26.93  ? 56  VAL A C   1 
ATOM   441 O O   . VAL A 1 56 ? 1.391   -10.654 -9.071  1.00 29.50  ? 56  VAL A O   1 
ATOM   442 C CB  . VAL A 1 56 ? 1.816   -9.937  -5.736  1.00 26.57  ? 56  VAL A CB  1 
ATOM   443 C CG1 . VAL A 1 56 ? 2.344   -10.475 -4.377  1.00 27.98  ? 56  VAL A CG1 1 
ATOM   444 C CG2 . VAL A 1 56 ? 2.859   -9.028  -6.423  1.00 30.29  ? 56  VAL A CG2 1 
ATOM   445 N N   . ARG A 1 57 ? -0.387  -9.963  -7.865  1.00 28.41  ? 57  ARG A N   1 
ATOM   446 C CA  . ARG A 1 57 ? -1.043  -9.241  -8.966  1.00 21.60  ? 57  ARG A CA  1 
ATOM   447 C C   . ARG A 1 57 ? -0.719  -7.740  -8.878  1.00 25.35  ? 57  ARG A C   1 
ATOM   448 O O   . ARG A 1 57 ? -0.972  -7.118  -7.877  1.00 23.17  ? 57  ARG A O   1 
ATOM   449 C CB  . ARG A 1 57 ? -2.579  -9.489  -8.947  1.00 22.24  ? 57  ARG A CB  1 
ATOM   450 C CG  . ARG A 1 57 ? -2.988  -10.861 -9.493  1.00 24.72  ? 57  ARG A CG  1 
ATOM   451 C CD  . ARG A 1 57 ? -4.502  -11.031 -9.442  1.00 26.33  ? 57  ARG A CD  1 
ATOM   452 N NE  . ARG A 1 57 ? -4.908  -11.081 -8.039  1.00 30.41  ? 57  ARG A NE  1 
ATOM   453 C CZ  . ARG A 1 57 ? -6.156  -11.118 -7.597  1.00 32.65  ? 57  ARG A CZ  1 
ATOM   454 N NH1 . ARG A 1 57 ? -7.157  -11.131 -8.453  1.00 38.02  ? 57  ARG A NH1 1 
ATOM   455 N NH2 . ARG A 1 57 ? -6.380  -11.181 -6.283  1.00 35.01  ? 57  ARG A NH2 1 
ATOM   456 N N   . GLN A 1 58 ? -0.131  -7.183  -9.940  1.00 22.05  ? 58  GLN A N   1 
ATOM   457 C CA  . GLN A 1 58 ? 0.235   -5.778  -9.950  1.00 22.30  ? 58  GLN A CA  1 
ATOM   458 C C   . GLN A 1 58 ? -0.863  -5.004  -10.693 1.00 28.04  ? 58  GLN A C   1 
ATOM   459 O O   . GLN A 1 58 ? -1.086  -5.239  -11.890 1.00 29.26  ? 58  GLN A O   1 
ATOM   460 C CB  . GLN A 1 58 ? 1.603   -5.561  -10.638 1.00 24.96  ? 58  GLN A CB  1 
ATOM   461 C CG  . GLN A 1 58 ? 1.900   -4.067  -10.836 1.00 24.60  ? 58  GLN A CG  1 
ATOM   462 C CD  . GLN A 1 58 ? 3.234   -3.809  -11.546 1.00 35.95  ? 58  GLN A CD  1 
ATOM   463 O OE1 . GLN A 1 58 ? 4.171   -4.613  -11.462 1.00 37.05  ? 58  GLN A OE1 1 
ATOM   464 N NE2 . GLN A 1 58 ? 3.314   -2.669  -12.253 1.00 39.88  ? 58  GLN A NE2 1 
ATOM   465 N N   . TYR A 1 59 ? -1.533  -4.077  -9.995  1.00 24.37  ? 59  TYR A N   1 
ATOM   466 C CA  . TYR A 1 59 ? -2.541  -3.239  -10.623 1.00 21.48  ? 59  TYR A CA  1 
ATOM   467 C C   . TYR A 1 59 ? -2.019  -1.823  -10.724 1.00 25.51  ? 59  TYR A C   1 
ATOM   468 O O   . TYR A 1 59 ? -1.632  -1.227  -9.706  1.00 25.16  ? 59  TYR A O   1 
ATOM   469 C CB  . TYR A 1 59 ? -3.814  -3.205  -9.830  1.00 23.91  ? 59  TYR A CB  1 
ATOM   470 C CG  . TYR A 1 59 ? -4.576  -4.500  -9.779  1.00 20.92  ? 59  TYR A CG  1 
ATOM   471 C CD1 . TYR A 1 59 ? -4.214  -5.500  -8.859  1.00 23.56  ? 59  TYR A CD1 1 
ATOM   472 C CD2 . TYR A 1 59 ? -5.689  -4.689  -10.569 1.00 25.55  ? 59  TYR A CD2 1 
ATOM   473 C CE1 . TYR A 1 59 ? -4.933  -6.680  -8.758  1.00 23.93  ? 59  TYR A CE1 1 
ATOM   474 C CE2 . TYR A 1 59 ? -6.412  -5.901  -10.494 1.00 27.13  ? 59  TYR A CE2 1 
ATOM   475 C CZ  . TYR A 1 59 ? -6.035  -6.875  -9.572  1.00 24.98  ? 59  TYR A CZ  1 
ATOM   476 O OH  . TYR A 1 59 ? -6.777  -8.046  -9.460  1.00 27.15  ? 59  TYR A OH  1 
ATOM   477 N N   . ASP A 1 60 ? -2.000  -1.282  -11.938 1.00 26.28  ? 60  ASP A N   1 
ATOM   478 C CA  . ASP A 1 60 ? -1.499  0.079   -12.109 1.00 31.19  ? 60  ASP A CA  1 
ATOM   479 C C   . ASP A 1 60 ? -2.591  1.126   -11.930 1.00 29.29  ? 60  ASP A C   1 
ATOM   480 O O   . ASP A 1 60 ? -3.783  0.870   -12.148 1.00 32.34  ? 60  ASP A O   1 
ATOM   481 C CB  . ASP A 1 60 ? -0.861  0.222   -13.496 1.00 35.31  ? 60  ASP A CB  1 
ATOM   482 C CG  . ASP A 1 60 ? 0.491   -0.453  -13.574 1.00 47.60  ? 60  ASP A CG  1 
ATOM   483 O OD1 . ASP A 1 60 ? 1.115   -0.641  -12.500 1.00 49.82  ? 60  ASP A OD1 1 
ATOM   484 O OD2 . ASP A 1 60 ? 0.942   -0.781  -14.693 1.00 52.41  ? 60  ASP A OD2 1 
ATOM   485 N N   . GLN A 1 61 ? -2.149  2.325   -11.542 1.00 30.40  ? 61  GLN A N   1 
ATOM   486 C CA  . GLN A 1 61 ? -2.971  3.507   -11.422 1.00 33.34  ? 61  GLN A CA  1 
ATOM   487 C C   . GLN A 1 61 ? -4.272  3.261   -10.701 1.00 31.69  ? 61  GLN A C   1 
ATOM   488 O O   . GLN A 1 61 ? -5.331  3.567   -11.209 1.00 41.37  ? 61  GLN A O   1 
ATOM   489 C CB  . GLN A 1 61 ? -3.234  4.100   -12.800 1.00 33.58  ? 61  GLN A CB  1 
ATOM   490 C CG  . GLN A 1 61 ? -1.990  4.167   -13.680 1.00 48.79  ? 61  GLN A CG  1 
ATOM   491 C CD  . GLN A 1 61 ? -2.176  5.081   -14.875 1.00 61.05  ? 61  GLN A CD  1 
ATOM   492 O OE1 . GLN A 1 61 ? -2.435  4.623   -15.987 1.00 69.80  ? 61  GLN A OE1 1 
ATOM   493 N NE2 . GLN A 1 61 ? -2.062  6.381   -14.649 1.00 59.73  ? 61  GLN A NE2 1 
ATOM   494 N N   . VAL A 1 62 ? -4.169  2.683   -9.515  1.00 25.15  ? 62  VAL A N   1 
ATOM   495 C CA  . VAL A 1 62 ? -5.293  2.416   -8.640  1.00 27.00  ? 62  VAL A CA  1 
ATOM   496 C C   . VAL A 1 62 ? -5.690  3.627   -7.814  1.00 37.48  ? 62  VAL A C   1 
ATOM   497 O O   . VAL A 1 62 ? -4.890  4.156   -7.053  1.00 29.86  ? 62  VAL A O   1 
ATOM   498 C CB  . VAL A 1 62 ? -4.974  1.263   -7.663  1.00 33.00  ? 62  VAL A CB  1 
ATOM   499 C CG1 . VAL A 1 62 ? -6.160  0.978   -6.704  1.00 32.27  ? 62  VAL A CG1 1 
ATOM   500 C CG2 . VAL A 1 62 ? -4.594  -0.027  -8.467  1.00 27.07  ? 62  VAL A CG2 1 
ATOM   501 N N   . PRO A 1 63 ? -6.932  4.079   -7.963  1.00 36.30  ? 63  PRO A N   1 
ATOM   502 C CA  . PRO A 1 63 ? -7.373  5.162   -7.073  1.00 31.71  ? 63  PRO A CA  1 
ATOM   503 C C   . PRO A 1 63 ? -7.496  4.684   -5.648  1.00 34.66  ? 63  PRO A C   1 
ATOM   504 O O   . PRO A 1 63 ? -8.087  3.651   -5.353  1.00 44.77  ? 63  PRO A O   1 
ATOM   505 C CB  . PRO A 1 63 ? -8.732  5.576   -7.644  1.00 39.35  ? 63  PRO A CB  1 
ATOM   506 C CG  . PRO A 1 63 ? -9.152  4.470   -8.505  1.00 39.11  ? 63  PRO A CG  1 
ATOM   507 C CD  . PRO A 1 63 ? -7.926  3.765   -9.001  1.00 34.78  ? 63  PRO A CD  1 
ATOM   508 N N   . ILE A 1 64 ? -6.928  5.457   -4.742  1.00 30.47  ? 64  ILE A N   1 
ATOM   509 C CA  . ILE A 1 64 ? -6.921  5.066   -3.339  1.00 24.82  ? 64  ILE A CA  1 
ATOM   510 C C   . ILE A 1 64 ? -6.965  6.335   -2.456  1.00 37.75  ? 64  ILE A C   1 
ATOM   511 O O   . ILE A 1 64 ? -6.399  7.356   -2.806  1.00 38.10  ? 64  ILE A O   1 
ATOM   512 C CB  . ILE A 1 64 ? -5.669  4.175   -3.030  1.00 37.71  ? 64  ILE A CB  1 
ATOM   513 C CG1 . ILE A 1 64 ? -5.624  3.697   -1.579  1.00 35.69  ? 64  ILE A CG1 1 
ATOM   514 C CG2 . ILE A 1 64 ? -4.360  4.861   -3.437  1.00 36.41  ? 64  ILE A CG2 1 
ATOM   515 C CD1 . ILE A 1 64 ? -4.535  2.663   -1.360  1.00 39.08  ? 64  ILE A CD1 1 
ATOM   516 N N   . GLU A 1 65 ? -7.674  6.274   -1.341  1.00 32.52  ? 65  GLU A N   1 
ATOM   517 C CA  . GLU A 1 65 ? -7.739  7.384   -0.388  1.00 34.68  ? 65  GLU A CA  1 
ATOM   518 C C   . GLU A 1 65 ? -7.010  7.061   0.924   1.00 38.46  ? 65  GLU A C   1 
ATOM   519 O O   . GLU A 1 65 ? -7.380  6.108   1.624   1.00 39.88  ? 65  GLU A O   1 
ATOM   520 C CB  . GLU A 1 65 ? -9.214  7.727   -0.091  1.00 35.99  ? 65  GLU A CB  1 
ATOM   521 C CG  . GLU A 1 65 ? -9.408  8.927   0.774   1.00 37.32  ? 65  GLU A CG  1 
ATOM   522 C CD  . GLU A 1 65 ? -10.886 9.281   0.914   1.00 47.37  ? 65  GLU A CD  1 
ATOM   523 O OE1 . GLU A 1 65 ? -11.690 8.900   0.025   1.00 47.70  ? 65  GLU A OE1 1 
ATOM   524 O OE2 . GLU A 1 65 ? -11.245 9.938   1.910   1.00 50.09  ? 65  GLU A OE2 1 
ATOM   525 N N   . ILE A 1 66 ? -5.978  7.851   1.256   1.00 33.17  ? 66  ILE A N   1 
ATOM   526 C CA  . ILE A 1 66 ? -5.102  7.566   2.405   1.00 33.92  ? 66  ILE A CA  1 
ATOM   527 C C   . ILE A 1 66 ? -5.228  8.748   3.367   1.00 43.05  ? 66  ILE A C   1 
ATOM   528 O O   . ILE A 1 66 ? -4.837  9.856   3.024   1.00 44.59  ? 66  ILE A O   1 
ATOM   529 C CB  . ILE A 1 66 ? -3.631  7.385   1.969   1.00 34.32  ? 66  ILE A CB  1 
ATOM   530 C CG1 . ILE A 1 66 ? -3.464  6.309   0.878   1.00 37.50  ? 66  ILE A CG1 1 
ATOM   531 C CG2 . ILE A 1 66 ? -2.702  7.158   3.188   1.00 40.78  ? 66  ILE A CG2 1 
ATOM   532 C CD1 . ILE A 1 66 ? -2.082  6.374   0.097   1.00 33.40  ? 66  ILE A CD1 1 
ATOM   533 N N   . CYS A 1 67 ? -5.809  8.549   4.546   1.00 48.18  ? 67  CYS A N   1 
ATOM   534 C CA  . CYS A 1 67 ? -6.094  9.689   5.421   1.00 47.63  ? 67  CYS A CA  1 
ATOM   535 C C   . CYS A 1 67 ? -6.858  10.825  4.805   1.00 52.80  ? 67  CYS A C   1 
ATOM   536 O O   . CYS A 1 67 ? -6.581  11.994  5.095   1.00 52.86  ? 67  CYS A O   1 
ATOM   537 C CB  . CYS A 1 67 ? -4.813  10.281  5.988   1.00 60.87  ? 67  CYS A CB  1 
ATOM   538 S SG  . CYS A 1 67 ? -4.607  9.887   7.671   1.00 53.14  ? 67  CYS A SG  1 
ATOM   539 N N   . GLY A 1 68 ? -7.838  10.498  3.980   1.00 40.79  ? 68  GLY A N   1 
ATOM   540 C CA  . GLY A 1 68 ? -8.636  11.537  3.366   1.00 51.41  ? 68  GLY A CA  1 
ATOM   541 C C   . GLY A 1 68 ? -7.941  12.192  2.176   1.00 49.10  ? 68  GLY A C   1 
ATOM   542 O O   . GLY A 1 68 ? -8.484  13.121  1.595   1.00 52.71  ? 68  GLY A O   1 
ATOM   543 N N   . HIS A 1 69 ? -6.750  11.717  1.815   1.00 39.95  ? 69  HIS A N   1 
ATOM   544 C CA  . HIS A 1 69 ? -6.038  12.220  0.638   1.00 35.38  ? 69  HIS A CA  1 
ATOM   545 C C   . HIS A 1 69 ? -6.278  11.281  -0.559  1.00 35.98  ? 69  HIS A C   1 
ATOM   546 O O   . HIS A 1 69 ? -5.827  10.128  -0.563  1.00 35.94  ? 69  HIS A O   1 
ATOM   547 C CB  . HIS A 1 69 ? -4.517  12.335  0.911   1.00 37.49  ? 69  HIS A CB  1 
ATOM   548 C CG  . HIS A 1 69 ? -4.138  13.440  1.855   1.00 43.07  ? 69  HIS A CG  1 
ATOM   549 N ND1 . HIS A 1 69 ? -3.336  14.498  1.482   1.00 45.00  ? 69  HIS A ND1 1 
ATOM   550 C CD2 . HIS A 1 69 ? -4.453  13.647  3.157   1.00 41.28  ? 69  HIS A CD2 1 
ATOM   551 C CE1 . HIS A 1 69 ? -3.166  15.306  2.514   1.00 38.93  ? 69  HIS A CE1 1 
ATOM   552 N NE2 . HIS A 1 69 ? -3.843  14.820  3.536   1.00 43.36  ? 69  HIS A NE2 1 
ATOM   553 N N   . LYS A 1 70 ? -6.980  11.767  -1.574  1.00 32.20  ? 70  LYS A N   1 
ATOM   554 C CA  . LYS A 1 70 ? -7.330  10.934  -2.741  1.00 30.65  ? 70  LYS A CA  1 
ATOM   555 C C   . LYS A 1 70 ? -6.191  10.925  -3.753  1.00 36.08  ? 70  LYS A C   1 
ATOM   556 O O   . LYS A 1 70 ? -5.890  11.960  -4.351  1.00 34.02  ? 70  LYS A O   1 
ATOM   557 C CB  . LYS A 1 70 ? -8.630  11.428  -3.397  1.00 30.61  ? 70  LYS A CB  1 
ATOM   558 C CG  . LYS A 1 70 ? -9.813  11.422  -2.451  1.00 37.21  ? 70  LYS A CG  1 
ATOM   559 C CD  . LYS A 1 70 ? -11.109 11.726  -3.179  1.00 44.97  ? 70  LYS A CD  1 
ATOM   560 C CE  . LYS A 1 70 ? -12.347 11.602  -2.263  1.00 45.13  ? 70  LYS A CE  1 
ATOM   561 N NZ  . LYS A 1 70 ? -12.474 12.721  -1.300  1.00 59.66  ? 70  LYS A NZ  1 
ATOM   562 N N   . VAL A 1 71 ? -5.547  9.769   -3.952  1.00 27.79  ? 71  VAL A N   1 
ATOM   563 C CA  . VAL A 1 71 ? -4.341  9.694   -4.821  1.00 24.94  ? 71  VAL A CA  1 
ATOM   564 C C   . VAL A 1 71 ? -4.420  8.477   -5.757  1.00 27.77  ? 71  VAL A C   1 
ATOM   565 O O   . VAL A 1 71 ? -5.407  7.745   -5.738  1.00 28.79  ? 71  VAL A O   1 
ATOM   566 C CB  . VAL A 1 71 ? -3.048  9.665   -3.977  1.00 26.83  ? 71  VAL A CB  1 
ATOM   567 C CG1 . VAL A 1 71 ? -2.863  11.008  -3.216  1.00 24.30  ? 71  VAL A CG1 1 
ATOM   568 C CG2 . VAL A 1 71 ? -3.001  8.457   -3.038  1.00 31.70  ? 71  VAL A CG2 1 
ATOM   569 N N   . ILE A 1 72 ? -3.416  8.305   -6.598  1.00 27.13  ? 72  ILE A N   1 
ATOM   570 C CA  . ILE A 1 72 ? -3.368  7.206   -7.561  1.00 26.77  ? 72  ILE A CA  1 
ATOM   571 C C   . ILE A 1 72 ? -2.004  6.530   -7.478  1.00 28.99  ? 72  ILE A C   1 
ATOM   572 O O   . ILE A 1 72 ? -0.986  7.201   -7.372  1.00 27.78  ? 72  ILE A O   1 
ATOM   573 C CB  . ILE A 1 72 ? -3.587  7.736   -9.002  1.00 27.36  ? 72  ILE A CB  1 
ATOM   574 C CG1 . ILE A 1 72 ? -4.953  8.358   -9.146  1.00 37.64  ? 72  ILE A CG1 1 
ATOM   575 C CG2 . ILE A 1 72 ? -3.334  6.668   -10.078 1.00 30.20  ? 72  ILE A CG2 1 
ATOM   576 C CD1 . ILE A 1 72 ? -6.001  7.334   -9.162  1.00 49.46  ? 72  ILE A CD1 1 
ATOM   577 N N   . GLY A 1 73 ? -1.947  5.203   -7.538  1.00 26.85  ? 73  GLY A N   1 
ATOM   578 C CA  . GLY A 1 73 ? -0.641  4.568   -7.569  1.00 28.80  ? 73  GLY A CA  1 
ATOM   579 C C   . GLY A 1 73 ? -0.776  3.066   -7.791  1.00 29.89  ? 73  GLY A C   1 
ATOM   580 O O   . GLY A 1 73 ? -1.883  2.505   -7.791  1.00 27.59  ? 73  GLY A O   1 
ATOM   581 N N   . THR A 1 74 ? 0.362   2.434   -7.960  1.00 26.02  ? 74  THR A N   1 
ATOM   582 C CA  . THR A 1 74 ? 0.396   0.998   -8.226  1.00 21.74  ? 74  THR A CA  1 
ATOM   583 C C   . THR A 1 74 ? 0.114   0.248   -6.939  1.00 21.50  ? 74  THR A C   1 
ATOM   584 O O   . THR A 1 74 ? 0.700   0.566   -5.905  1.00 23.38  ? 74  THR A O   1 
ATOM   585 C CB  . THR A 1 74 ? 1.768   0.562   -8.751  1.00 25.10  ? 74  THR A CB  1 
ATOM   586 O OG1 . THR A 1 74 ? 2.027   1.172   -10.017 1.00 28.52  ? 74  THR A OG1 1 
ATOM   587 C CG2 . THR A 1 74 ? 1.823   -0.961  -8.944  1.00 24.60  ? 74  THR A CG2 1 
ATOM   588 N N   . VAL A 1 75 ? -0.774  -0.735  -6.996  1.00 22.17  ? 75  VAL A N   1 
ATOM   589 C CA  . VAL A 1 75 ? -1.030  -1.561  -5.806  1.00 23.26  ? 75  VAL A CA  1 
ATOM   590 C C   . VAL A 1 75 ? -0.789  -3.015  -6.127  1.00 27.54  ? 75  VAL A C   1 
ATOM   591 O O   . VAL A 1 75 ? -1.282  -3.508  -7.146  1.00 28.12  ? 75  VAL A O   1 
ATOM   592 C CB  . VAL A 1 75 ? -2.455  -1.402  -5.302  1.00 26.87  ? 75  VAL A CB  1 
ATOM   593 C CG1 . VAL A 1 75 ? -2.727  -2.374  -4.102  1.00 26.90  ? 75  VAL A CG1 1 
ATOM   594 C CG2 . VAL A 1 75 ? -2.704  0.052   -4.901  1.00 25.94  ? 75  VAL A CG2 1 
ATOM   595 N N   . LEU A 1 76 ? -0.005  -3.680  -5.273  1.00 24.30  ? 76  LEU A N   1 
ATOM   596 C CA  . LEU A 1 76 ? 0.211   -5.119  -5.405  1.00 23.01  ? 76  LEU A CA  1 
ATOM   597 C C   . LEU A 1 76 ? -0.813  -5.820  -4.532  1.00 23.42  ? 76  LEU A C   1 
ATOM   598 O O   . LEU A 1 76 ? -1.099  -5.384  -3.394  1.00 29.07  ? 76  LEU A O   1 
ATOM   599 C CB  . LEU A 1 76 ? 1.614   -5.512  -4.990  1.00 25.99  ? 76  LEU A CB  1 
ATOM   600 C CG  . LEU A 1 76 ? 2.729   -4.724  -5.677  1.00 27.52  ? 76  LEU A CG  1 
ATOM   601 C CD1 . LEU A 1 76 ? 4.037   -5.235  -5.179  1.00 27.76  ? 76  LEU A CD1 1 
ATOM   602 C CD2 . LEU A 1 76 ? 2.553   -4.849  -7.201  1.00 25.12  ? 76  LEU A CD2 1 
ATOM   603 N N   . VAL A 1 77 ? -1.385  -6.889  -5.056  1.00 22.95  ? 77  VAL A N   1 
ATOM   604 C CA  . VAL A 1 77 ? -2.305  -7.661  -4.253  1.00 21.75  ? 77  VAL A CA  1 
ATOM   605 C C   . VAL A 1 77 ? -1.762  -9.073  -4.062  1.00 27.60  ? 77  VAL A C   1 
ATOM   606 O O   . VAL A 1 77 ? -1.554  -9.788  -5.030  1.00 26.84  ? 77  VAL A O   1 
ATOM   607 C CB  . VAL A 1 77 ? -3.726  -7.696  -4.910  1.00 25.66  ? 77  VAL A CB  1 
ATOM   608 C CG1 . VAL A 1 77 ? -4.711  -8.499  -4.085  1.00 25.69  ? 77  VAL A CG1 1 
ATOM   609 C CG2 . VAL A 1 77 ? -4.204  -6.247  -5.078  1.00 25.61  ? 77  VAL A CG2 1 
ATOM   610 N N   . GLY A 1 78 ? -1.541  -9.432  -2.799  1.00 30.06  ? 78  GLY A N   1 
ATOM   611 C CA  . GLY A 1 78 ? -1.056  -10.738 -2.401  1.00 34.05  ? 78  GLY A CA  1 
ATOM   612 C C   . GLY A 1 78 ? -1.044  -10.829 -0.884  1.00 27.59  ? 78  GLY A C   1 
ATOM   613 O O   . GLY A 1 78 ? -1.399  -9.861  -0.174  1.00 32.92  ? 78  GLY A O   1 
ATOM   614 N N   . PRO A 1 79 ? -0.604  -11.975 -0.350  1.00 36.20  ? 79  PRO A N   1 
ATOM   615 C CA  . PRO A 1 79 ? -0.573  -12.227 1.106   1.00 36.44  ? 79  PRO A CA  1 
ATOM   616 C C   . PRO A 1 79 ? 0.311   -11.243 1.882   1.00 40.18  ? 79  PRO A C   1 
ATOM   617 O O   . PRO A 1 79 ? 1.465   -11.056 1.526   1.00 42.10  ? 79  PRO A O   1 
ATOM   618 C CB  . PRO A 1 79 ? 0.007   -13.644 1.208   1.00 37.84  ? 79  PRO A CB  1 
ATOM   619 C CG  . PRO A 1 79 ? -0.071  -14.234 -0.183  1.00 41.42  ? 79  PRO A CG  1 
ATOM   620 C CD  . PRO A 1 79 ? 0.033   -13.060 -1.121  1.00 38.17  ? 79  PRO A CD  1 
ATOM   621 N N   . THR A 1 80 ? -0.230  -10.629 2.935   1.00 38.31  ? 80  THR A N   1 
ATOM   622 C CA  . THR A 1 80 ? 0.556   -9.735  3.786   1.00 44.09  ? 80  THR A CA  1 
ATOM   623 C C   . THR A 1 80 ? -0.148  -9.675  5.142   1.00 48.26  ? 80  THR A C   1 
ATOM   624 O O   . THR A 1 80 ? -1.375  -9.566  5.198   1.00 48.83  ? 80  THR A O   1 
ATOM   625 C CB  . THR A 1 80 ? 0.717   -8.300  3.141   1.00 36.29  ? 80  THR A CB  1 
ATOM   626 O OG1 . THR A 1 80 ? 1.371   -7.378  4.052   1.00 40.08  ? 80  THR A OG1 1 
ATOM   627 C CG2 . THR A 1 80 ? -0.628  -7.747  2.760   1.00 37.91  ? 80  THR A CG2 1 
ATOM   628 N N   . PRO A 1 81 ? 0.625   -9.773  6.243   1.00 48.34  ? 81  PRO A N   1 
ATOM   629 C CA  . PRO A 1 81 ? 0.054   -9.797  7.598   1.00 41.76  ? 81  PRO A CA  1 
ATOM   630 C C   . PRO A 1 81 ? -0.668  -8.488  7.946   1.00 47.24  ? 81  PRO A C   1 
ATOM   631 O O   . PRO A 1 81 ? -1.717  -8.478  8.584   1.00 53.51  ? 81  PRO A O   1 
ATOM   632 C CB  . PRO A 1 81 ? 1.279   -10.003 8.482   1.00 45.77  ? 81  PRO A CB  1 
ATOM   633 C CG  . PRO A 1 81 ? 2.293   -10.645 7.594   1.00 57.25  ? 81  PRO A CG  1 
ATOM   634 C CD  . PRO A 1 81 ? 2.072   -10.032 6.245   1.00 53.09  ? 81  PRO A CD  1 
ATOM   635 N N   A THR A 1 82 ? -0.067  -7.382  7.527   0.39 42.29  ? 82  THR A N   1 
ATOM   636 N N   B THR A 1 82 ? -0.103  -7.375  7.487   0.61 42.54  ? 82  THR A N   1 
ATOM   637 C CA  A THR A 1 82 ? -0.682  -6.073  7.631   0.39 36.13  ? 82  THR A CA  1 
ATOM   638 C CA  B THR A 1 82 ? -0.693  -6.054  7.669   0.61 37.16  ? 82  THR A CA  1 
ATOM   639 C C   A THR A 1 82 ? -0.630  -5.512  6.221   0.39 31.92  ? 82  THR A C   1 
ATOM   640 C C   B THR A 1 82 ? -0.572  -5.370  6.318   0.61 30.14  ? 82  THR A C   1 
ATOM   641 O O   A THR A 1 82 ? 0.302   -5.816  5.485   0.39 33.65  ? 82  THR A O   1 
ATOM   642 O O   B THR A 1 82 ? 0.494   -5.428  5.727   0.61 30.47  ? 82  THR A O   1 
ATOM   643 C CB  A THR A 1 82 ? 0.060   -5.147  8.643   0.39 44.57  ? 82  THR A CB  1 
ATOM   644 C CB  B THR A 1 82 ? 0.046   -5.221  8.761   0.61 47.19  ? 82  THR A CB  1 
ATOM   645 O OG1 A THR A 1 82 ? -0.712  -3.965  8.896   0.39 46.31  ? 82  THR A OG1 1 
ATOM   646 O OG1 B THR A 1 82 ? -0.153  -5.814  10.050  0.61 42.70  ? 82  THR A OG1 1 
ATOM   647 C CG2 A THR A 1 82 ? 1.435   -4.756  8.124   0.39 38.76  ? 82  THR A CG2 1 
ATOM   648 C CG2 B THR A 1 82 ? -0.458  -3.778  8.791   0.61 44.63  ? 82  THR A CG2 1 
ATOM   649 N N   . ASN A 1 83 ? -1.645  -4.759  5.823   1.00 30.80  ? 83  ASN A N   1 
ATOM   650 C CA  . ASN A 1 83 ? -1.571  -4.051  4.540   1.00 25.97  ? 83  ASN A CA  1 
ATOM   651 C C   . ASN A 1 83 ? -0.485  -2.996  4.641   1.00 28.04  ? 83  ASN A C   1 
ATOM   652 O O   . ASN A 1 83 ? -0.307  -2.416  5.698   1.00 27.39  ? 83  ASN A O   1 
ATOM   653 C CB  . ASN A 1 83 ? -2.904  -3.425  4.206   1.00 27.19  ? 83  ASN A CB  1 
ATOM   654 C CG  . ASN A 1 83 ? -3.996  -4.453  4.042   1.00 32.85  ? 83  ASN A CG  1 
ATOM   655 O OD1 . ASN A 1 83 ? -3.771  -5.498  3.452   1.00 30.26  ? 83  ASN A OD1 1 
ATOM   656 N ND2 . ASN A 1 83 ? -5.177  -4.174  4.602   1.00 32.14  ? 83  ASN A ND2 1 
ATOM   657 N N   . VAL A 1 84 ? 0.255   -2.746  3.562   1.00 27.74  ? 84  VAL A N   1 
ATOM   658 C CA  . VAL A 1 84 ? 1.425   -1.868  3.651   1.00 24.33  ? 84  VAL A CA  1 
ATOM   659 C C   . VAL A 1 84 ? 1.311   -0.757  2.634   1.00 27.98  ? 84  VAL A C   1 
ATOM   660 O O   . VAL A 1 84 ? 1.093   -1.060  1.470   1.00 27.72  ? 84  VAL A O   1 
ATOM   661 C CB  . VAL A 1 84 ? 2.744   -2.632  3.395   1.00 25.88  ? 84  VAL A CB  1 
ATOM   662 C CG1 . VAL A 1 84 ? 3.837   -1.636  3.153   1.00 29.02  ? 84  VAL A CG1 1 
ATOM   663 C CG2 . VAL A 1 84 ? 3.074   -3.512  4.577   1.00 31.32  ? 84  VAL A CG2 1 
ATOM   664 N N   . ILE A 1 85 ? 1.382   0.504   3.080   1.00 22.31  ? 85  ILE A N   1 
ATOM   665 C CA  . ILE A 1 85 ? 1.559   1.661   2.166   1.00 22.46  ? 85  ILE A CA  1 
ATOM   666 C C   . ILE A 1 85 ? 3.049   1.926   2.009   1.00 24.66  ? 85  ILE A C   1 
ATOM   667 O O   . ILE A 1 85 ? 3.726   2.331   2.973   1.00 23.98  ? 85  ILE A O   1 
ATOM   668 C CB  . ILE A 1 85 ? 0.894   2.951   2.693   1.00 27.11  ? 85  ILE A CB  1 
ATOM   669 C CG1 . ILE A 1 85 ? -0.602  2.739   2.971   1.00 32.14  ? 85  ILE A CG1 1 
ATOM   670 C CG2 . ILE A 1 85 ? 1.094   4.069   1.695   1.00 23.49  ? 85  ILE A CG2 1 
ATOM   671 C CD1 . ILE A 1 85 ? -1.367  2.175   1.768   1.00 34.96  ? 85  ILE A CD1 1 
ATOM   672 N N   . GLY A 1 86 ? 3.581   1.690   0.816   1.00 23.46  ? 86  GLY A N   1 
ATOM   673 C CA  . GLY A 1 86 ? 4.992   1.880   0.577   1.00 21.44  ? 86  GLY A CA  1 
ATOM   674 C C   . GLY A 1 86 ? 5.324   3.268   0.066   1.00 21.35  ? 86  GLY A C   1 
ATOM   675 O O   . GLY A 1 86 ? 4.452   4.124   -0.044  1.00 21.36  ? 86  GLY A O   1 
ATOM   676 N N   . ARG A 1 87 ? 6.616   3.495   -0.183  1.00 21.43  ? 87  ARG A N   1 
ATOM   677 C CA  . ARG A 1 87 ? 7.056   4.806   -0.663  1.00 23.64  ? 87  ARG A CA  1 
ATOM   678 C C   . ARG A 1 87 ? 6.330   5.250   -1.933  1.00 22.63  ? 87  ARG A C   1 
ATOM   679 O O   . ARG A 1 87 ? 6.091   6.458   -2.090  1.00 25.86  ? 87  ARG A O   1 
ATOM   680 C CB  . ARG A 1 87 ? 8.576   4.830   -0.913  1.00 27.11  ? 87  ARG A CB  1 
ATOM   681 C CG  . ARG A 1 87 ? 9.376   4.697   0.381   1.00 22.58  ? 87  ARG A CG  1 
ATOM   682 C CD  . ARG A 1 87 ? 10.869  4.897   0.127   1.00 22.44  ? 87  ARG A CD  1 
ATOM   683 N NE  . ARG A 1 87 ? 11.415  3.840   -0.737  1.00 24.36  ? 87  ARG A NE  1 
ATOM   684 C CZ  . ARG A 1 87 ? 11.687  3.978   -2.041  1.00 31.76  ? 87  ARG A CZ  1 
ATOM   685 N NH1 . ARG A 1 87 ? 11.496  5.152   -2.658  1.00 28.01  ? 87  ARG A NH1 1 
ATOM   686 N NH2 . ARG A 1 87 ? 12.169  2.953   -2.744  1.00 27.00  ? 87  ARG A NH2 1 
ATOM   687 N N   . ASN A 1 88 ? 5.981   4.316   -2.820  1.00 23.78  ? 88  ASN A N   1 
ATOM   688 C CA  . ASN A 1 88 ? 5.362   4.683   -4.108  1.00 25.37  ? 88  ASN A CA  1 
ATOM   689 C C   . ASN A 1 88 ? 4.062   5.461   -3.874  1.00 26.27  ? 88  ASN A C   1 
ATOM   690 O O   . ASN A 1 88 ? 3.676   6.289   -4.701  1.00 26.15  ? 88  ASN A O   1 
ATOM   691 C CB  . ASN A 1 88 ? 5.065   3.458   -4.987  1.00 26.02  ? 88  ASN A CB  1 
ATOM   692 C CG  . ASN A 1 88 ? 3.882   2.644   -4.451  1.00 26.27  ? 88  ASN A CG  1 
ATOM   693 O OD1 . ASN A 1 88 ? 3.908   2.229   -3.294  1.00 26.43  ? 88  ASN A OD1 1 
ATOM   694 N ND2 . ASN A 1 88 ? 2.821   2.481   -5.258  1.00 25.21  ? 88  ASN A ND2 1 
ATOM   695 N N   . LEU A 1 89 ? 3.367   5.211   -2.772  1.00 26.30  ? 89  LEU A N   1 
ATOM   696 C CA  . LEU A 1 89 ? 2.166   5.983   -2.513  1.00 24.64  ? 89  LEU A CA  1 
ATOM   697 C C   . LEU A 1 89 ? 2.369   7.063   -1.471  1.00 23.94  ? 89  LEU A C   1 
ATOM   698 O O   . LEU A 1 89 ? 1.638   8.074   -1.485  1.00 25.41  ? 89  LEU A O   1 
ATOM   699 C CB  . LEU A 1 89 ? 1.005   5.076   -2.097  1.00 24.15  ? 89  LEU A CB  1 
ATOM   700 C CG  . LEU A 1 89 ? 0.305   4.530   -3.344  1.00 31.08  ? 89  LEU A CG  1 
ATOM   701 C CD1 . LEU A 1 89 ? -0.562  3.391   -2.919  1.00 39.69  ? 89  LEU A CD1 1 
ATOM   702 C CD2 . LEU A 1 89 ? -0.523  5.621   -4.003  1.00 32.77  ? 89  LEU A CD2 1 
ATOM   703 N N   . MET A 1 90 ? 3.374   6.938   -0.610  1.00 20.57  ? 90  MET A N   1 
ATOM   704 C CA  A MET A 1 90 ? 3.642   8.039   0.330   0.68 20.53  ? 90  MET A CA  1 
ATOM   705 C CA  B MET A 1 90 ? 3.676   8.012   0.333   0.32 21.90  ? 90  MET A CA  1 
ATOM   706 C C   . MET A 1 90 ? 4.111   9.277   -0.418  1.00 19.83  ? 90  MET A C   1 
ATOM   707 O O   . MET A 1 90 ? 3.764   10.399  -0.028  1.00 22.23  ? 90  MET A O   1 
ATOM   708 C CB  A MET A 1 90 ? 4.659   7.611   1.396   0.68 25.15  ? 90  MET A CB  1 
ATOM   709 C CB  B MET A 1 90 ? 4.738   7.530   1.332   0.32 23.08  ? 90  MET A CB  1 
ATOM   710 C CG  A MET A 1 90 ? 3.929   6.935   2.578   0.68 26.25  ? 90  MET A CG  1 
ATOM   711 C CG  B MET A 1 90 ? 4.186   6.376   2.197   0.32 22.07  ? 90  MET A CG  1 
ATOM   712 S SD  A MET A 1 90 ? 5.067   6.464   3.927   0.68 29.84  ? 90  MET A SD  1 
ATOM   713 S SD  B MET A 1 90 ? 5.287   5.789   3.519   0.32 25.64  ? 90  MET A SD  1 
ATOM   714 C CE  A MET A 1 90 ? 5.938   5.085   3.140   0.68 19.85  ? 90  MET A CE  1 
ATOM   715 C CE  B MET A 1 90 ? 5.289   7.206   4.605   0.32 26.28  ? 90  MET A CE  1 
ATOM   716 N N   . THR A 1 91 ? 4.823   9.098   -1.532  1.00 21.09  ? 91  THR A N   1 
ATOM   717 C CA  . THR A 1 91 ? 5.189   10.287  -2.306  1.00 22.87  ? 91  THR A CA  1 
ATOM   718 C C   . THR A 1 91 ? 3.965   11.036  -2.858  1.00 26.03  ? 91  THR A C   1 
ATOM   719 O O   . THR A 1 91 ? 3.978   12.266  -2.993  1.00 26.75  ? 91  THR A O   1 
ATOM   720 C CB  . THR A 1 91 ? 6.083   9.954   -3.523  1.00 24.63  ? 91  THR A CB  1 
ATOM   721 O OG1 . THR A 1 91 ? 5.445   8.947   -4.315  1.00 26.09  ? 91  THR A OG1 1 
ATOM   722 C CG2 . THR A 1 91 ? 7.499   9.419   -3.089  1.00 25.45  ? 91  THR A CG2 1 
ATOM   723 N N   . GLN A 1 92 ? 2.921   10.281  -3.186  1.00 24.96  ? 92  GLN A N   1 
ATOM   724 C CA  . GLN A 1 92 ? 1.721   10.848  -3.809  1.00 21.51  ? 92  GLN A CA  1 
ATOM   725 C C   . GLN A 1 92 ? 0.917   11.710  -2.822  1.00 26.03  ? 92  GLN A C   1 
ATOM   726 O O   . GLN A 1 92 ? 0.283   12.712  -3.221  1.00 28.85  ? 92  GLN A O   1 
ATOM   727 C CB  . GLN A 1 92 ? 0.798   9.744   -4.340  1.00 24.20  ? 92  GLN A CB  1 
ATOM   728 C CG  . GLN A 1 92 ? 1.408   8.852   -5.408  1.00 21.88  ? 92  GLN A CG  1 
ATOM   729 C CD  . GLN A 1 92 ? 1.921   9.689   -6.556  1.00 31.80  ? 92  GLN A CD  1 
ATOM   730 O OE1 . GLN A 1 92 ? 1.133   10.280  -7.296  1.00 29.44  ? 92  GLN A OE1 1 
ATOM   731 N NE2 . GLN A 1 92 ? 3.251   9.762   -6.705  1.00 28.27  ? 92  GLN A NE2 1 
ATOM   732 N N   . ILE A 1 93 ? 0.915   11.336  -1.545  1.00 27.18  ? 93  ILE A N   1 
ATOM   733 C CA  . ILE A 1 93 ? 0.243   12.165  -0.565  1.00 27.69  ? 93  ILE A CA  1 
ATOM   734 C C   . ILE A 1 93 ? 1.141   13.252  0.005   1.00 31.00  ? 93  ILE A C   1 
ATOM   735 O O   . ILE A 1 93 ? 0.712   14.054  0.829   1.00 35.59  ? 93  ILE A O   1 
ATOM   736 C CB  . ILE A 1 93 ? -0.332  11.331  0.592   1.00 29.01  ? 93  ILE A CB  1 
ATOM   737 C CG1 . ILE A 1 93 ? 0.770   10.636  1.379   1.00 30.78  ? 93  ILE A CG1 1 
ATOM   738 C CG2 . ILE A 1 93 ? -1.261  10.272  0.013   1.00 38.12  ? 93  ILE A CG2 1 
ATOM   739 C CD1 . ILE A 1 93 ? 0.243   9.831   2.589   1.00 31.41  ? 93  ILE A CD1 1 
ATOM   740 N N   . GLY A 1 94 ? 2.394   13.283  -0.414  1.00 26.12  ? 94  GLY A N   1 
ATOM   741 C CA  . GLY A 1 94 ? 3.286   14.344  0.022   1.00 28.46  ? 94  GLY A CA  1 
ATOM   742 C C   . GLY A 1 94 ? 3.928   14.099  1.358   1.00 28.49  ? 94  GLY A C   1 
ATOM   743 O O   . GLY A 1 94 ? 4.297   15.049  2.051   1.00 32.35  ? 94  GLY A O   1 
ATOM   744 N N   . CYS A 1 95 ? 4.046   12.828  1.729   1.00 25.81  ? 95  CYS A N   1 
ATOM   745 C CA  . CYS A 1 95 ? 4.550   12.466  3.044   1.00 26.85  ? 95  CYS A CA  1 
ATOM   746 C C   . CYS A 1 95 ? 6.073   12.503  3.140   1.00 32.46  ? 95  CYS A C   1 
ATOM   747 O O   . CYS A 1 95 ? 6.763   11.944  2.265   1.00 30.54  ? 95  CYS A O   1 
ATOM   748 C CB  . CYS A 1 95 ? 4.014   11.079  3.360   1.00 28.33  ? 95  CYS A CB  1 
ATOM   749 S SG  . CYS A 1 95 ? 4.408   10.549  5.030   1.00 33.12  ? 95  CYS A SG  1 
ATOM   750 N N   . THR A 1 96 ? 6.595   13.170  4.174   1.00 26.63  ? 96  THR A N   1 
ATOM   751 C CA  . THR A 1 96 ? 8.026   13.214  4.383   1.00 26.38  ? 96  THR A CA  1 
ATOM   752 C C   . THR A 1 96 ? 8.385   12.760  5.787   1.00 25.55  ? 96  THR A C   1 
ATOM   753 O O   . THR A 1 96 ? 7.499   12.700  6.662   1.00 26.83  ? 96  THR A O   1 
ATOM   754 C CB  . THR A 1 96 ? 8.594   14.636  4.158   1.00 29.03  ? 96  THR A CB  1 
ATOM   755 O OG1 . THR A 1 96 ? 7.892   15.563  4.995   1.00 31.45  ? 96  THR A OG1 1 
ATOM   756 C CG2 . THR A 1 96 ? 8.484   15.051  2.664   1.00 27.87  ? 96  THR A CG2 1 
ATOM   757 N N   . LEU A 1 97 ? 9.658   12.401  5.976   1.00 23.00  ? 97  LEU A N   1 
ATOM   758 C CA  . LEU A 1 97 ? 10.233  12.203  7.294   1.00 26.38  ? 97  LEU A CA  1 
ATOM   759 C C   . LEU A 1 97 ? 10.842  13.497  7.756   1.00 34.18  ? 97  LEU A C   1 
ATOM   760 O O   . LEU A 1 97 ? 11.561  14.131  6.993   1.00 29.32  ? 97  LEU A O   1 
ATOM   761 C CB  . LEU A 1 97 ? 11.334  11.131  7.268   1.00 22.48  ? 97  LEU A CB  1 
ATOM   762 C CG  . LEU A 1 97 ? 10.792  9.685   7.053   1.00 22.82  ? 97  LEU A CG  1 
ATOM   763 C CD1 . LEU A 1 97 ? 11.972  8.783   6.688   1.00 27.10  ? 97  LEU A CD1 1 
ATOM   764 C CD2 . LEU A 1 97 ? 10.062  9.125   8.268   1.00 27.00  ? 97  LEU A CD2 1 
ATOM   765 N N   . ASN A 1 98 ? 10.612  13.882  9.004   1.00 27.72  ? 98  ASN A N   1 
ATOM   766 C CA  . ASN A 1 98 ? 11.129  15.177  9.436   1.00 27.45  ? 98  ASN A CA  1 
ATOM   767 C C   . ASN A 1 98 ? 11.727  15.090  10.810  1.00 28.17  ? 98  ASN A C   1 
ATOM   768 O O   . ASN A 1 98 ? 11.104  14.538  11.700  1.00 30.49  ? 98  ASN A O   1 
ATOM   769 C CB  . ASN A 1 98 ? 10.024  16.241  9.462   1.00 28.50  ? 98  ASN A CB  1 
ATOM   770 C CG  . ASN A 1 98 ? 9.483   16.560  8.095   1.00 39.03  ? 98  ASN A CG  1 
ATOM   771 O OD1 . ASN A 1 98 ? 8.640   15.851  7.569   1.00 39.84  ? 98  ASN A OD1 1 
ATOM   772 N ND2 . ASN A 1 98 ? 9.977   17.625  7.506   1.00 42.88  ? 98  ASN A ND2 1 
ATOM   773 N N   . PHE A 1 99 ? 12.904  15.684  11.009  1.00 30.17  ? 99  PHE A N   1 
ATOM   774 C CA  . PHE A 1 99 ? 13.417  15.804  12.359  1.00 33.66  ? 99  PHE A CA  1 
ATOM   775 C C   . PHE A 1 99 ? 14.456  16.920  12.430  1.00 49.31  ? 99  PHE A C   1 
ATOM   776 O O   . PHE A 1 99 ? 14.601  17.646  11.447  1.00 44.91  ? 99  PHE A O   1 
ATOM   777 C CB  . PHE A 1 99 ? 14.012  14.473  12.842  1.00 30.74  ? 99  PHE A CB  1 
ATOM   778 C CG  . PHE A 1 99 ? 15.135  13.953  11.992  1.00 36.17  ? 99  PHE A CG  1 
ATOM   779 C CD1 . PHE A 1 99 ? 14.864  13.195  10.861  1.00 36.43  ? 99  PHE A CD1 1 
ATOM   780 C CD2 . PHE A 1 99 ? 16.457  14.168  12.362  1.00 37.45  ? 99  PHE A CD2 1 
ATOM   781 C CE1 . PHE A 1 99 ? 15.899  12.680  10.071  1.00 40.52  ? 99  PHE A CE1 1 
ATOM   782 C CE2 . PHE A 1 99 ? 17.493  13.644  11.609  1.00 39.89  ? 99  PHE A CE2 1 
ATOM   783 C CZ  . PHE A 1 99 ? 17.218  12.906  10.444  1.00 41.44  ? 99  PHE A CZ  1 
ATOM   784 O OXT . PHE A 1 99 ? 15.152  17.120  13.434  1.00 63.35  ? 99  PHE A OXT 1 
HETATM 785 N N1  . 017 B 2 .  ? 12.851  -3.861  -1.561  0.59 75.95  ? 100 017 A N1  1 
HETATM 786 C C2  . 017 B 2 .  ? 12.156  -4.258  -0.475  0.59 77.18  ? 100 017 A C2  1 
HETATM 787 C C3  . 017 B 2 .  ? 12.656  -5.268  0.338   0.59 83.12  ? 100 017 A C3  1 
HETATM 788 C C4  . 017 B 2 .  ? 11.941  -5.688  1.455   0.59 86.92  ? 100 017 A C4  1 
HETATM 789 C C5  . 017 B 2 .  ? 10.731  -5.080  1.776   0.59 86.96  ? 100 017 A C5  1 
HETATM 790 C C6  . 017 B 2 .  ? 10.236  -4.072  0.945   0.59 81.97  ? 100 017 A C6  1 
HETATM 791 C C7  . 017 B 2 .  ? 10.945  -3.654  -0.175  0.59 75.30  ? 100 017 A C7  1 
HETATM 792 S S8  . 017 B 2 .  ? 9.873   -5.542  3.053   0.59 119.90 ? 100 017 A S8  1 
HETATM 793 O O9  . 017 B 2 .  ? 8.575   -4.938  2.950   0.59 116.32 ? 100 017 A O9  1 
HETATM 794 O O10 . 017 B 2 .  ? 9.699   -6.967  3.002   0.59 123.56 ? 100 017 A O10 1 
HETATM 795 N N11 . 017 B 2 .  ? 10.442  -5.158  4.435   0.59 117.30 ? 100 017 A N11 1 
HETATM 796 C C12 . 017 B 2 .  ? 11.785  -5.599  4.857   0.59 117.42 ? 100 017 A C12 1 
HETATM 797 C C13 . 017 B 2 .  ? 12.784  -4.452  5.083   0.59 115.27 ? 100 017 A C13 1 
HETATM 798 C C14 . 017 B 2 .  ? 13.573  -4.700  6.367   0.59 112.65 ? 100 017 A C14 1 
HETATM 799 C C15 . 017 B 2 .  ? 13.749  -4.240  3.924   0.59 114.38 ? 100 017 A C15 1 
HETATM 800 C C16 . 017 B 2 .  ? 9.512   -4.425  5.316   0.59 114.16 ? 100 017 A C16 1 
HETATM 801 C C17 . 017 B 2 .  ? 9.920   -4.420  6.794   0.59 112.64 ? 100 017 A C17 1 
HETATM 802 O O18 . 017 B 2 .  ? 9.920   -3.050  7.217   0.59 105.36 ? 100 017 A O18 1 
HETATM 803 C C19 . 017 B 2 .  ? 9.033   -5.231  7.744   0.59 117.16 ? 100 017 A C19 1 
HETATM 804 N N20 . 017 B 2 .  ? 9.629   -5.243  9.080   0.59 118.08 ? 100 017 A N20 1 
HETATM 805 C C21 . 017 B 2 .  ? 10.850  -5.722  9.386   0.59 117.01 ? 100 017 A C21 1 
HETATM 806 O O22 . 017 B 2 .  ? 11.317  -6.736  8.891   0.59 119.23 ? 100 017 A O22 1 
HETATM 807 O O23 . 017 B 2 .  ? 11.641  -5.010  10.396  0.59 102.37 ? 100 017 A O23 1 
HETATM 808 C C24 . 017 B 2 .  ? 12.781  -5.713  10.917  0.59 73.40  ? 100 017 A C24 1 
HETATM 809 C C25 . 017 B 2 .  ? 13.962  -4.763  11.122  0.59 54.98  ? 100 017 A C25 1 
HETATM 810 O O26 . 017 B 2 .  ? 13.967  -4.365  12.508  0.59 32.75  ? 100 017 A O26 1 
HETATM 811 C C27 . 017 B 2 .  ? 13.183  -5.290  13.275  0.59 46.59  ? 100 017 A C27 1 
HETATM 812 O O28 . 017 B 2 .  ? 12.153  -4.634  14.019  0.59 40.18  ? 100 017 A O28 1 
HETATM 813 C C29 . 017 B 2 .  ? 10.882  -5.248  13.835  0.59 47.39  ? 100 017 A C29 1 
HETATM 814 C C30 . 017 B 2 .  ? 11.005  -6.182  12.646  0.59 56.59  ? 100 017 A C30 1 
HETATM 815 C C31 . 017 B 2 .  ? 12.483  -6.225  12.313  0.59 59.67  ? 100 017 A C31 1 
HETATM 816 C C32 . 017 B 2 .  ? 7.608   -4.670  7.806   0.59 114.38 ? 100 017 A C32 1 
HETATM 817 C C33 . 017 B 2 .  ? 5.248   -5.249  7.140   0.59 105.41 ? 100 017 A C33 1 
HETATM 818 C C34 . 017 B 2 .  ? 4.321   -6.070  6.508   0.59 99.92  ? 100 017 A C34 1 
HETATM 819 C C35 . 017 B 2 .  ? 4.738   -7.213  5.840   0.59 99.63  ? 100 017 A C35 1 
HETATM 820 C C36 . 017 B 2 .  ? 6.088   -7.537  5.812   0.59 104.92 ? 100 017 A C36 1 
HETATM 821 C C37 . 017 B 2 .  ? 7.016   -6.716  6.445   0.59 111.10 ? 100 017 A C37 1 
HETATM 822 C C38 . 017 B 2 .  ? 6.601   -5.569  7.113   0.59 112.68 ? 100 017 A C38 1 
HETATM 823 O O   . HOH C 3 .  ? 16.234  -17.662 1.202   1.00 42.35  ? 201 HOH A O   1 
HETATM 824 O O   . HOH C 3 .  ? -4.066  -13.499 1.908   1.00 65.80  ? 202 HOH A O   1 
HETATM 825 O O   . HOH C 3 .  ? 10.860  -13.483 -0.431  1.00 41.37  ? 203 HOH A O   1 
HETATM 826 O O   . HOH C 3 .  ? -8.052  -10.594 -3.586  1.00 50.61  ? 204 HOH A O   1 
HETATM 827 O O   . HOH C 3 .  ? -2.777  -2.607  -14.471 1.00 42.74  ? 205 HOH A O   1 
HETATM 828 O O   . HOH C 3 .  ? 5.716   -18.236 -4.526  1.00 25.90  ? 206 HOH A O   1 
HETATM 829 O O   . HOH C 3 .  ? -8.849  -8.301  -11.172 1.00 40.90  ? 207 HOH A O   1 
HETATM 830 O O   . HOH C 3 .  ? -5.618  -1.106  -12.572 1.00 51.86  ? 208 HOH A O   1 
HETATM 831 O O   . HOH C 3 .  ? 12.571  2.177   1.273   1.00 27.42  ? 209 HOH A O   1 
HETATM 832 O O   . HOH C 3 .  ? 8.225   10.056  16.674  1.00 28.57  ? 210 HOH A O   1 
HETATM 833 O O   . HOH C 3 .  ? 3.783   6.323   -7.458  1.00 39.37  ? 211 HOH A O   1 
HETATM 834 O O   . HOH C 3 .  ? 13.208  -0.430  0.644   1.00 32.23  ? 212 HOH A O   1 
HETATM 835 O O   . HOH C 3 .  ? -3.410  -11.770 -5.566  1.00 37.43  ? 213 HOH A O   1 
HETATM 836 O O   . HOH C 3 .  ? 0.557   3.111   -11.396 1.00 30.88  ? 214 HOH A O   1 
HETATM 837 O O   . HOH C 3 .  ? 12.172  -3.522  -5.086  1.00 58.73  ? 215 HOH A O   1 
HETATM 838 O O   . HOH C 3 .  ? 7.163   12.853  20.533  1.00 49.24  ? 216 HOH A O   1 
HETATM 839 O O   . HOH C 3 .  ? -0.902  12.944  -5.761  1.00 36.83  ? 217 HOH A O   1 
HETATM 840 O O   . HOH C 3 .  ? -5.659  12.797  -7.037  1.00 44.48  ? 218 HOH A O   1 
HETATM 841 O O   . HOH C 3 .  ? 1.429   11.754  18.573  1.00 38.74  ? 219 HOH A O   1 
HETATM 842 O O   . HOH C 3 .  ? 2.850   7.417   18.054  1.00 31.57  ? 220 HOH A O   1 
HETATM 843 O O   . HOH C 3 .  ? -7.689  -7.653  -6.512  1.00 39.49  ? 221 HOH A O   1 
HETATM 844 O O   . HOH C 3 .  ? 5.596   16.828  3.896   1.00 33.29  ? 222 HOH A O   1 
HETATM 845 O O   . HOH C 3 .  ? 1.503   7.103   -8.759  1.00 30.88  ? 223 HOH A O   1 
HETATM 846 O O   . HOH C 3 .  ? 5.700   14.476  -2.430  1.00 53.56  ? 224 HOH A O   1 
HETATM 847 O O   . HOH C 3 .  ? 14.245  16.663  16.111  1.00 55.84  ? 225 HOH A O   1 
HETATM 848 O O   . HOH C 3 .  ? -8.223  -1.052  -10.140 1.00 42.50  ? 226 HOH A O   1 
HETATM 849 O O   . HOH C 3 .  ? -8.150  8.719   -5.876  1.00 38.84  ? 227 HOH A O   1 
HETATM 850 O O   . HOH C 3 .  ? 2.926   3.836   -7.896  1.00 29.55  ? 228 HOH A O   1 
HETATM 851 O O   . HOH C 3 .  ? -12.645 2.842   -2.800  1.00 45.45  ? 229 HOH A O   1 
HETATM 852 O O   . HOH C 3 .  ? 3.755   -12.914 1.642   1.00 50.44  ? 230 HOH A O   1 
HETATM 853 O O   . HOH C 3 .  ? 5.286   -19.832 -11.818 1.00 49.02  ? 231 HOH A O   1 
HETATM 854 O O   . HOH C 3 .  ? 6.976   0.923   20.005  1.00 55.56  ? 232 HOH A O   1 
HETATM 855 O O   . HOH C 3 .  ? 8.827   3.242   -5.107  1.00 45.42  ? 233 HOH A O   1 
HETATM 856 O O   . HOH C 3 .  ? 7.980   2.978   21.533  1.00 49.18  ? 234 HOH A O   1 
HETATM 857 O O   . HOH C 3 .  ? -13.312 -5.228  -13.935 1.00 48.97  ? 235 HOH A O   1 
HETATM 858 O O   . HOH C 3 .  ? 4.239   -4.730  11.794  1.00 45.77  ? 236 HOH A O   1 
HETATM 859 O O   . HOH C 3 .  ? 5.211   2.193   -8.725  1.00 42.25  ? 237 HOH A O   1 
HETATM 860 O O   . HOH C 3 .  ? 1.906   -13.532 4.332   1.00 41.47  ? 238 HOH A O   1 
HETATM 861 O O   . HOH C 3 .  ? -11.995 4.753   -3.136  1.00 55.47  ? 239 HOH A O   1 
HETATM 862 O O   . HOH C 3 .  ? 12.798  -23.364 0.981   1.00 45.16  ? 240 HOH A O   1 
HETATM 863 O O   . HOH C 3 .  ? -3.082  14.315  -6.066  1.00 54.27  ? 241 HOH A O   1 
HETATM 864 O O   . HOH C 3 .  ? 0.415   5.884   -10.959 1.00 36.16  ? 242 HOH A O   1 
HETATM 865 O O   . HOH C 3 .  ? -12.088 3.232   -6.798  1.00 66.92  ? 243 HOH A O   1 
HETATM 866 O O   . HOH C 3 .  ? -10.406 7.952   -5.044  1.00 52.95  ? 244 HOH A O   1 
HETATM 867 O O   . HOH C 3 .  ? -9.726  0.119   -8.051  1.00 51.49  ? 245 HOH A O   1 
HETATM 868 O O   . HOH C 3 .  ? -12.662 -8.084  -12.637 1.00 60.55  ? 246 HOH A O   1 
HETATM 869 O O   . HOH C 3 .  ? -9.151  15.388  -4.243  1.00 63.59  ? 247 HOH A O   1 
HETATM 870 O O   . HOH C 3 .  ? 2.125   14.021  20.181  1.00 70.00  ? 248 HOH A O   1 
HETATM 871 O O   . HOH C 3 .  ? -3.161  -13.264 -16.921 1.00 64.30  ? 249 HOH A O   1 
HETATM 872 O O   . HOH C 3 .  ? 3.062   -0.987  -5.302  1.00 27.82  ? 250 HOH A O   1 
HETATM 873 O O   . HOH C 3 .  ? 2.524   5.992   14.683  1.00 34.76  ? 251 HOH A O   1 
HETATM 874 O O   . HOH C 3 .  ? 0.780   10.380  15.905  1.00 35.47  ? 252 HOH A O   1 
HETATM 875 O O   . HOH C 3 .  ? -7.082  -6.493  4.055   1.00 40.82  ? 253 HOH A O   1 
HETATM 876 O O   . HOH C 3 .  ? -9.655  1.608   -5.424  1.00 36.85  ? 254 HOH A O   1 
HETATM 877 O O   . HOH C 3 .  ? -0.764  1.662   16.107  1.00 39.32  ? 255 HOH A O   1 
HETATM 878 O O   . HOH C 3 .  ? -0.123  6.356   14.745  1.00 42.00  ? 256 HOH A O   1 
HETATM 879 O O   . HOH C 3 .  ? -15.613 -1.837  4.065   1.00 47.87  ? 257 HOH A O   1 
HETATM 880 O O   . HOH C 3 .  ? -4.526  14.365  -3.121  1.00 45.73  ? 258 HOH A O   1 
HETATM 881 O O   . HOH C 3 .  ? 1.380   14.478  16.234  1.00 53.12  ? 259 HOH A O   1 
HETATM 882 O O   . HOH C 3 .  ? -3.308  -10.741 -16.832 1.00 55.36  ? 260 HOH A O   1 
HETATM 883 O O   . HOH C 3 .  ? 5.162   -0.245  -7.070  1.00 48.51  ? 261 HOH A O   1 
HETATM 884 O O   . HOH C 3 .  ? -5.571  -9.120  -16.697 1.00 60.58  ? 262 HOH A O   1 
HETATM 885 O O   . HOH C 3 .  ? -0.881  -3.633  -14.200 1.00 48.55  ? 263 HOH A O   1 
HETATM 886 O O   . HOH C 3 .  ? 9.447   -0.170  -6.992  1.00 49.46  ? 264 HOH A O   1 
HETATM 887 O O   . HOH C 3 .  ? 5.474   -1.553  -9.313  1.00 49.96  ? 265 HOH A O   1 
HETATM 888 O O   . HOH C 3 .  ? 0.385   7.733   16.739  1.00 55.13  ? 266 HOH A O   1 
HETATM 889 O O   . HOH C 3 .  ? -7.684  14.734  -1.763  1.00 47.21  ? 267 HOH A O   1 
HETATM 890 O O   . HOH C 3 .  ? -1.332  6.861   12.783  1.00 45.08  ? 268 HOH A O   1 
HETATM 891 O O   . HOH C 3 .  ? -9.339  7.749   4.247   1.00 43.27  ? 269 HOH A O   1 
HETATM 892 O O   . HOH C 3 .  ? -10.315 8.026   5.872   1.00 57.44  ? 270 HOH A O   1 
HETATM 893 O O   . HOH C 3 .  ? 3.663   -15.700 -15.487 1.00 68.25  ? 271 HOH A O   1 
# 
loop_
_atom_site_anisotrop.id 
_atom_site_anisotrop.type_symbol 
_atom_site_anisotrop.pdbx_label_atom_id 
_atom_site_anisotrop.pdbx_label_alt_id 
_atom_site_anisotrop.pdbx_label_comp_id 
_atom_site_anisotrop.pdbx_label_asym_id 
_atom_site_anisotrop.pdbx_label_seq_id 
_atom_site_anisotrop.pdbx_PDB_ins_code 
_atom_site_anisotrop.U[1][1] 
_atom_site_anisotrop.U[2][2] 
_atom_site_anisotrop.U[3][3] 
_atom_site_anisotrop.U[1][2] 
_atom_site_anisotrop.U[1][3] 
_atom_site_anisotrop.U[2][3] 
_atom_site_anisotrop.pdbx_auth_seq_id 
_atom_site_anisotrop.pdbx_auth_comp_id 
_atom_site_anisotrop.pdbx_auth_asym_id 
_atom_site_anisotrop.pdbx_auth_atom_id 
1   N N   . PRO A 1  ? 0.5354 0.6129 0.5501 0.0907  -0.0478 -0.0989 1  PRO A N   
2   C CA  . PRO A 1  ? 0.5623 0.6579 0.5771 0.0921  -0.0408 -0.1031 1  PRO A CA  
3   C C   . PRO A 1  ? 0.4989 0.5750 0.5071 0.0801  -0.0377 -0.0918 1  PRO A C   
4   O O   . PRO A 1  ? 0.4905 0.5463 0.4971 0.0690  -0.0374 -0.0805 1  PRO A O   
5   C CB  . PRO A 1  ? 0.5370 0.6706 0.5623 0.0862  -0.0258 -0.1023 1  PRO A CB  
6   C CG  . PRO A 1  ? 0.4987 0.6234 0.5275 0.0741  -0.0220 -0.0903 1  PRO A CG  
7   C CD  . PRO A 1  ? 0.4986 0.5962 0.5227 0.0817  -0.0368 -0.0929 1  PRO A CD  
8   N N   . GLN A 2  ? 0.3992 0.4826 0.4035 0.0823  -0.0358 -0.0956 2  GLN A N   
9   C CA  . GLN A 2  ? 0.3880 0.4575 0.3883 0.0710  -0.0327 -0.0854 2  GLN A CA  
10  C C   . GLN A 2  ? 0.4788 0.5745 0.4830 0.0626  -0.0191 -0.0814 2  GLN A C   
11  O O   . GLN A 2  ? 0.4813 0.5999 0.4832 0.0683  -0.0157 -0.0898 2  GLN A O   
12  C CB  . GLN A 2  ? 0.4622 0.5128 0.4522 0.0782  -0.0439 -0.0911 2  GLN A CB  
13  C CG  . GLN A 2  ? 0.6022 0.6436 0.5899 0.0667  -0.0407 -0.0815 2  GLN A CG  
14  C CD  . GLN A 2  ? 0.6874 0.7045 0.6649 0.0713  -0.0537 -0.0849 2  GLN A CD  
15  O OE1 . GLN A 2  ? 0.8316 0.8220 0.8060 0.0681  -0.0632 -0.0805 2  GLN A OE1 
16  N NE2 . GLN A 2  ? 0.6384 0.6644 0.6090 0.0774  -0.0543 -0.0922 2  GLN A NE2 
17  N N   . ILE A 3  ? 0.3795 0.4714 0.3879 0.0489  -0.0118 -0.0689 3  ILE A N   
18  C CA  . ILE A 3  ? 0.3481 0.4597 0.3581 0.0396  -0.0012 -0.0635 3  ILE A CA  
19  C C   . ILE A 3  ? 0.3424 0.4400 0.3489 0.0320  -0.0019 -0.0560 3  ILE A C   
20  O O   . ILE A 3  ? 0.3380 0.4163 0.3487 0.0264  -0.0040 -0.0486 3  ILE A O   
21  C CB  . ILE A 3  ? 0.3406 0.4602 0.3583 0.0308  0.0062  -0.0564 3  ILE A CB  
22  C CG1 . ILE A 3  ? 0.3472 0.4836 0.3694 0.0383  0.0061  -0.0645 3  ILE A CG1 
23  C CG2 . ILE A 3  ? 0.3845 0.5186 0.4014 0.0196  0.0146  -0.0496 3  ILE A CG2 
24  C CD1 . ILE A 3  ? 0.4036 0.5422 0.4325 0.0302  0.0110  -0.0576 3  ILE A CD1 
25  N N   . THR A 4  ? 0.2850 0.3934 0.2839 0.0320  -0.0006 -0.0585 4  THR A N   
26  C CA  . THR A 4  ? 0.2820 0.3773 0.2770 0.0254  -0.0031 -0.0518 4  THR A CA  
27  C C   . THR A 4  ? 0.2528 0.3529 0.2512 0.0129  0.0036  -0.0412 4  THR A C   
28  O O   . THR A 4  ? 0.3400 0.4547 0.3420 0.0092  0.0102  -0.0398 4  THR A O   
29  C CB  . THR A 4  ? 0.3733 0.4749 0.3552 0.0296  -0.0059 -0.0584 4  THR A CB  
30  O OG1 . THR A 4  ? 0.3501 0.4797 0.3267 0.0272  0.0024  -0.0617 4  THR A OG1 
31  C CG2 . THR A 4  ? 0.4979 0.5903 0.4750 0.0437  -0.0151 -0.0702 4  THR A CG2 
32  N N   . LEU A 5  ? 0.2774 0.3636 0.2756 0.0067  0.0002  -0.0341 5  LEU A N   
33  C CA  . LEU A 5  ? 0.2707 0.3559 0.2738 -0.0035 0.0039  -0.0246 5  LEU A CA  
34  C C   . LEU A 5  ? 0.3221 0.4100 0.3141 -0.0109 0.0026  -0.0200 5  LEU A C   
35  O O   . LEU A 5  ? 0.2878 0.3666 0.2818 -0.0185 0.0008  -0.0119 5  LEU A O   
36  C CB  . LEU A 5  ? 0.2509 0.3181 0.2663 -0.0050 0.0007  -0.0200 5  LEU A CB  
37  C CG  . LEU A 5  ? 0.2845 0.3501 0.3081 -0.0018 0.0035  -0.0223 5  LEU A CG  
38  C CD1 . LEU A 5  ? 0.2647 0.3153 0.2983 -0.0031 0.0004  -0.0198 5  LEU A CD1 
39  C CD2 . LEU A 5  ? 0.2457 0.3208 0.2723 -0.0063 0.0106  -0.0195 5  LEU A CD2 
40  N N   . TRP A 6  ? 0.2862 0.3862 0.2648 -0.0087 0.0030  -0.0256 6  TRP A N   
41  C CA  . TRP A 6  ? 0.3092 0.4124 0.2730 -0.0181 0.0022  -0.0205 6  TRP A CA  
42  C C   . TRP A 6  ? 0.3021 0.4176 0.2623 -0.0298 0.0083  -0.0138 6  TRP A C   
43  O O   . TRP A 6  ? 0.3674 0.4765 0.3166 -0.0409 0.0051  -0.0054 6  TRP A O   
44  C CB  . TRP A 6  ? 0.3144 0.4304 0.2628 -0.0136 0.0024  -0.0292 6  TRP A CB  
45  C CG  . TRP A 6  ? 0.3633 0.4641 0.3122 -0.0021 -0.0058 -0.0364 6  TRP A CG  
46  C CD1 . TRP A 6  ? 0.4233 0.5253 0.3774 0.0105  -0.0070 -0.0466 6  TRP A CD1 
47  C CD2 . TRP A 6  ? 0.3616 0.4422 0.3052 -0.0031 -0.0155 -0.0330 6  TRP A CD2 
48  N NE1 . TRP A 6  ? 0.3752 0.4582 0.3260 0.0164  -0.0167 -0.0496 6  TRP A NE1 
49  C CE2 . TRP A 6  ? 0.3574 0.4287 0.3024 0.0082  -0.0216 -0.0416 6  TRP A CE2 
50  C CE3 . TRP A 6  ? 0.3198 0.3881 0.2569 -0.0124 -0.0212 -0.0237 6  TRP A CE3 
51  C CZ2 . TRP A 6  ? 0.3884 0.4399 0.3295 0.0093  -0.0323 -0.0406 6  TRP A CZ2 
52  C CZ3 . TRP A 6  ? 0.3812 0.4311 0.3154 -0.0103 -0.0319 -0.0234 6  TRP A CZ3 
53  C CH2 . TRP A 6  ? 0.4343 0.4769 0.3711 0.0001  -0.0369 -0.0317 6  TRP A CH2 
54  N N   . LYS A 7  ? 0.2843 0.4171 0.2519 -0.0281 0.0157  -0.0175 7  LYS A N   
55  C CA  . LYS A 7  ? 0.2980 0.4422 0.2651 -0.0394 0.0212  -0.0113 7  LYS A CA  
56  C C   . LYS A 7  ? 0.2579 0.3912 0.2407 -0.0374 0.0215  -0.0086 7  LYS A C   
57  O O   . LYS A 7  ? 0.2913 0.4142 0.2849 -0.0273 0.0195  -0.0130 7  LYS A O   
58  C CB  . LYS A 7  ? 0.3112 0.4889 0.2751 -0.0398 0.0298  -0.0186 7  LYS A CB  
59  C CG  . LYS A 7  ? 0.5433 0.7392 0.4898 -0.0444 0.0323  -0.0218 7  LYS A CG  
60  C CD  . LYS A 7  ? 0.7823 1.0166 0.7313 -0.0412 0.0416  -0.0328 7  LYS A CD  
61  C CE  . LYS A 7  ? 0.9721 1.2319 0.9032 -0.0472 0.0467  -0.0377 7  LYS A CE  
62  N NZ  . LYS A 7  ? 1.0792 1.3192 0.9943 -0.0465 0.0401  -0.0364 7  LYS A NZ  
63  N N   . ARG A 8  ? 0.2571 0.3917 0.2395 -0.0480 0.0235  -0.0015 8  ARG A N   
64  C CA  . ARG A 8  ? 0.2585 0.3858 0.2542 -0.0456 0.0248  -0.0007 8  ARG A CA  
65  C C   . ARG A 8  ? 0.2722 0.4164 0.2756 -0.0366 0.0297  -0.0098 8  ARG A C   
66  O O   . ARG A 8  ? 0.2701 0.4400 0.2696 -0.0374 0.0343  -0.0146 8  ARG A O   
67  C CB  . ARG A 8  ? 0.3185 0.4443 0.3103 -0.0587 0.0251  0.0078  8  ARG A CB  
68  C CG  . ARG A 8  ? 0.3945 0.4974 0.3790 -0.0661 0.0170  0.0165  8  ARG A CG  
69  C CD  . ARG A 8  ? 0.6629 0.7602 0.6409 -0.0795 0.0148  0.0250  8  ARG A CD  
70  N NE  . ARG A 8  ? 0.8337 0.9047 0.8048 -0.0849 0.0041  0.0327  8  ARG A NE  
71  C CZ  . ARG A 8  ? 0.9700 1.0302 0.9281 -0.0988 -0.0021 0.0418  8  ARG A CZ  
72  N NH1 . ARG A 8  ? 1.0466 1.1227 0.9976 -0.1105 0.0027  0.0452  8  ARG A NH1 
73  N NH2 . ARG A 8  ? 0.9589 0.9920 0.9111 -0.1013 -0.0143 0.0477  8  ARG A NH2 
74  N N   . PRO A 9  ? 0.2807 0.4121 0.2947 -0.0281 0.0284  -0.0127 9  PRO A N   
75  C CA  . PRO A 9  ? 0.2965 0.4385 0.3164 -0.0189 0.0300  -0.0210 9  PRO A CA  
76  C C   . PRO A 9  ? 0.2826 0.4359 0.3067 -0.0237 0.0339  -0.0196 9  PRO A C   
77  O O   . PRO A 9  ? 0.2682 0.4096 0.2979 -0.0228 0.0334  -0.0183 9  PRO A O   
78  C CB  . PRO A 9  ? 0.2665 0.3865 0.2919 -0.0119 0.0258  -0.0222 9  PRO A CB  
79  C CG  . PRO A 9  ? 0.2765 0.3792 0.3050 -0.0194 0.0253  -0.0138 9  PRO A CG  
80  C CD  . PRO A 9  ? 0.2583 0.3654 0.2786 -0.0267 0.0243  -0.0092 9  PRO A CD  
81  N N   . ILE A 10 ? 0.2816 0.4594 0.3023 -0.0297 0.0379  -0.0203 10 ILE A N   
82  C CA  . ILE A 10 ? 0.3276 0.5206 0.3522 -0.0362 0.0412  -0.0189 10 ILE A CA  
83  C C   . ILE A 10 ? 0.3266 0.5417 0.3591 -0.0252 0.0421  -0.0301 10 ILE A C   
84  O O   . ILE A 10 ? 0.3563 0.5898 0.3875 -0.0184 0.0430  -0.0384 10 ILE A O   
85  C CB  . ILE A 10 ? 0.3447 0.5521 0.3608 -0.0518 0.0443  -0.0119 10 ILE A CB  
86  C CG1 . ILE A 10 ? 0.3982 0.5767 0.4075 -0.0605 0.0399  -0.0012 10 ILE A CG1 
87  C CG2 . ILE A 10 ? 0.4397 0.6693 0.4602 -0.0598 0.0477  -0.0113 10 ILE A CG2 
88  C CD1 . ILE A 10 ? 0.4729 0.6547 0.4691 -0.0754 0.0393  0.0069  10 ILE A CD1 
89  N N   . VAL A 11 ? 0.3150 0.5262 0.3547 -0.0223 0.0404  -0.0311 11 VAL A N   
90  C CA  . VAL A 11 ? 0.2900 0.5173 0.3378 -0.0107 0.0382  -0.0418 11 VAL A CA  
91  C C   . VAL A 11 ? 0.3558 0.6015 0.4106 -0.0169 0.0400  -0.0410 11 VAL A C   
92  O O   . VAL A 11 ? 0.3307 0.5685 0.3827 -0.0297 0.0418  -0.0315 11 VAL A O   
93  C CB  . VAL A 11 ? 0.3076 0.5085 0.3562 0.0003  0.0313  -0.0447 11 VAL A CB  
94  C CG1 . VAL A 11 ? 0.3934 0.5778 0.4361 0.0068  0.0282  -0.0465 11 VAL A CG1 
95  C CG2 . VAL A 11 ? 0.3516 0.5284 0.3991 -0.0070 0.0309  -0.0359 11 VAL A CG2 
96  N N   . THR A 12 ? 0.3188 0.5886 0.3828 -0.0072 0.0382  -0.0518 12 THR A N   
97  C CA  . THR A 12 ? 0.2772 0.5702 0.3507 -0.0116 0.0388  -0.0531 12 THR A CA  
98  C C   . THR A 12 ? 0.3234 0.5921 0.3985 -0.0077 0.0319  -0.0513 12 THR A C   
99  O O   . THR A 12 ? 0.3643 0.6126 0.4380 0.0046  0.0251  -0.0559 12 THR A O   
100 C CB  . THR A 12 ? 0.3566 0.6899 0.4419 -0.0016 0.0394  -0.0671 12 THR A CB  
101 O OG1 . THR A 12 ? 0.3923 0.7501 0.4737 -0.0070 0.0471  -0.0689 12 THR A OG1 
102 C CG2 . THR A 12 ? 0.3031 0.6638 0.4007 -0.0068 0.0397  -0.0687 12 THR A CG2 
103 N N   . ILE A 13 ? 0.2591 0.5278 0.3350 -0.0194 0.0331  -0.0442 13 ILE A N   
104 C CA  . ILE A 13 ? 0.3233 0.5672 0.3973 -0.0189 0.0273  -0.0411 13 ILE A CA  
105 C C   . ILE A 13 ? 0.3266 0.5943 0.4110 -0.0204 0.0245  -0.0445 13 ILE A C   
106 O O   . ILE A 13 ? 0.3492 0.6443 0.4385 -0.0314 0.0294  -0.0424 13 ILE A O   
107 C CB  . ILE A 13 ? 0.2694 0.4854 0.3329 -0.0320 0.0302  -0.0289 13 ILE A CB  
108 C CG1 . ILE A 13 ? 0.3686 0.5651 0.4247 -0.0310 0.0327  -0.0258 13 ILE A CG1 
109 C CG2 . ILE A 13 ? 0.3426 0.5359 0.4024 -0.0332 0.0256  -0.0262 13 ILE A CG2 
110 C CD1 . ILE A 13 ? 0.4039 0.5813 0.4579 -0.0183 0.0283  -0.0307 13 ILE A CD1 
111 N N   . LYS A 14 ? 0.2699 0.5272 0.3569 -0.0110 0.0158  -0.0492 14 LYS A N   
112 C CA  . LYS A 14 ? 0.2864 0.5564 0.3805 -0.0158 0.0118  -0.0491 14 LYS A CA  
113 C C   . LYS A 14 ? 0.3596 0.5932 0.4409 -0.0231 0.0091  -0.0402 14 LYS A C   
114 O O   . LYS A 14 ? 0.3237 0.5269 0.3956 -0.0164 0.0042  -0.0401 14 LYS A O   
115 C CB  . LYS A 14 ? 0.2822 0.5692 0.3888 -0.0004 0.0022  -0.0615 14 LYS A CB  
116 C CG  . LYS A 14 ? 0.2775 0.6085 0.3993 0.0064  0.0059  -0.0724 14 LYS A CG  
117 C CD  . LYS A 14 ? 0.3262 0.6759 0.4629 0.0238  -0.0051 -0.0866 14 LYS A CD  
118 C CE  . LYS A 14 ? 0.3794 0.7751 0.5314 0.0323  -0.0003 -0.0999 14 LYS A CE  
119 N NZ  . LYS A 14 ? 0.3460 0.7622 0.5149 0.0520  -0.0120 -0.1163 14 LYS A NZ  
120 N N   . ILE A 15 ? 0.3112 0.5479 0.3909 -0.0379 0.0122  -0.0327 15 ILE A N   
121 C CA  . ILE A 15 ? 0.2803 0.4850 0.3475 -0.0457 0.0101  -0.0253 15 ILE A CA  
122 C C   . ILE A 15 ? 0.3185 0.5357 0.3887 -0.0582 0.0081  -0.0213 15 ILE A C   
123 O O   . ILE A 15 ? 0.3416 0.5829 0.4175 -0.0684 0.0122  -0.0186 15 ILE A O   
124 C CB  . ILE A 15 ? 0.3031 0.4822 0.3581 -0.0518 0.0163  -0.0181 15 ILE A CB  
125 C CG1 . ILE A 15 ? 0.3467 0.4945 0.3892 -0.0574 0.0143  -0.0132 15 ILE A CG1 
126 C CG2 . ILE A 15 ? 0.2756 0.4710 0.3323 -0.0631 0.0224  -0.0130 15 ILE A CG2 
127 C CD1 . ILE A 15 ? 0.3901 0.5127 0.4228 -0.0595 0.0193  -0.0092 15 ILE A CD1 
128 N N   . GLY A 16 ? 0.4023 0.6010 0.4666 -0.0585 0.0012  -0.0205 16 GLY A N   
129 C CA  . GLY A 16 ? 0.4184 0.6225 0.4832 -0.0703 -0.0027 -0.0166 16 GLY A CA  
130 C C   . GLY A 16 ? 0.4227 0.6712 0.5064 -0.0737 -0.0041 -0.0204 16 GLY A C   
131 O O   . GLY A 16 ? 0.4447 0.7055 0.5299 -0.0887 -0.0036 -0.0148 16 GLY A O   
132 N N   . GLY A 17 ? 0.3815 0.6543 0.4793 -0.0598 -0.0063 -0.0303 17 GLY A N   
133 C CA  . GLY A 17 ? 0.3327 0.6543 0.4516 -0.0610 -0.0065 -0.0365 17 GLY A CA  
134 C C   . GLY A 17 ? 0.3483 0.6991 0.4717 -0.0705 0.0045  -0.0346 17 GLY A C   
135 O O   . GLY A 17 ? 0.3745 0.7675 0.5127 -0.0781 0.0069  -0.0371 17 GLY A O   
136 N N   . GLN A 18 ? 0.3180 0.6476 0.4285 -0.0711 0.0113  -0.0299 18 GLN A N   
137 C CA  . GLN A 18 ? 0.3383 0.6896 0.4484 -0.0818 0.0207  -0.0265 18 GLN A CA  
138 C C   . GLN A 18 ? 0.3667 0.7176 0.4759 -0.0686 0.0252  -0.0326 18 GLN A C   
139 O O   . GLN A 18 ? 0.3589 0.6811 0.4623 -0.0551 0.0216  -0.0353 18 GLN A O   
140 C CB  . GLN A 18 ? 0.4274 0.7505 0.5201 -0.0997 0.0228  -0.0128 18 GLN A CB  
141 C CG  . GLN A 18 ? 0.5355 0.8624 0.6270 -0.1176 0.0187  -0.0053 18 GLN A CG  
142 C CD  . GLN A 18 ? 0.6682 0.9635 0.7408 -0.1336 0.0187  0.0072  18 GLN A CD  
143 O OE1 . GLN A 18 ? 0.6876 0.9870 0.7539 -0.1422 0.0234  0.0122  18 GLN A OE1 
144 N NE2 . GLN A 18 ? 0.7374 1.0004 0.8002 -0.1374 0.0120  0.0118  18 GLN A NE2 
145 N N   . LEU A 19 ? 0.3560 0.7384 0.4690 -0.0740 0.0329  -0.0341 19 LEU A N   
146 C CA  . LEU A 19 ? 0.4329 0.8136 0.5419 -0.0642 0.0375  -0.0386 19 LEU A CA  
147 C C   . LEU A 19 ? 0.4252 0.7805 0.5165 -0.0777 0.0417  -0.0262 19 LEU A C   
148 O O   . LEU A 19 ? 0.3839 0.7485 0.4700 -0.0966 0.0446  -0.0175 19 LEU A O   
149 C CB  . LEU A 19 ? 0.4073 0.8318 0.5265 -0.0598 0.0420  -0.0490 19 LEU A CB  
150 C CG  . LEU A 19 ? 0.4343 0.8655 0.5548 -0.0426 0.0437  -0.0602 19 LEU A CG  
151 C CD1 . LEU A 19 ? 0.4288 0.8482 0.5582 -0.0210 0.0352  -0.0706 19 LEU A CD1 
152 C CD2 . LEU A 19 ? 0.4396 0.9057 0.5632 -0.0418 0.0467  -0.0690 19 LEU A CD2 
153 N N   . LYS A 20 ? 0.2886 0.6103 0.3706 -0.0685 0.0408  -0.0252 20 LYS A N   
154 C CA  . LYS A 20 ? 0.2894 0.5836 0.3564 -0.0784 0.0426  -0.0148 20 LYS A CA  
155 C C   . LYS A 20 ? 0.3196 0.6073 0.3827 -0.0680 0.0450  -0.0187 20 LYS A C   
156 O O   . LYS A 20 ? 0.3674 0.6662 0.4376 -0.0527 0.0444  -0.0292 20 LYS A O   
157 C CB  . LYS A 20 ? 0.3084 0.5613 0.3675 -0.0790 0.0378  -0.0085 20 LYS A CB  
158 C CG  . LYS A 20 ? 0.3653 0.6180 0.4251 -0.0895 0.0340  -0.0042 20 LYS A CG  
159 C CD  . LYS A 20 ? 0.4977 0.7516 0.5490 -0.1091 0.0347  0.0060  20 LYS A CD  
160 C CE  . LYS A 20 ? 0.5830 0.8226 0.6303 -0.1197 0.0291  0.0118  20 LYS A CE  
161 N NZ  . LYS A 20 ? 0.5587 0.7987 0.5964 -0.1403 0.0276  0.0222  20 LYS A NZ  
162 N N   . GLU A 21 ? 0.2681 0.5358 0.3191 -0.0764 0.0461  -0.0102 21 GLU A N   
163 C CA  . GLU A 21 ? 0.3142 0.5673 0.3603 -0.0672 0.0465  -0.0122 21 GLU A CA  
164 C C   . GLU A 21 ? 0.3465 0.5597 0.3859 -0.0671 0.0430  -0.0057 21 GLU A C   
165 O O   . GLU A 21 ? 0.3074 0.5058 0.3415 -0.0779 0.0410  0.0021  21 GLU A O   
166 C CB  . GLU A 21 ? 0.3203 0.5886 0.3581 -0.0765 0.0505  -0.0092 21 GLU A CB  
167 C CG  . GLU A 21 ? 0.4291 0.7424 0.4740 -0.0768 0.0558  -0.0174 21 GLU A CG  
168 C CD  . GLU A 21 ? 0.5996 0.9273 0.6337 -0.0850 0.0603  -0.0156 21 GLU A CD  
169 O OE1 . GLU A 21 ? 0.5827 0.8862 0.6030 -0.0959 0.0580  -0.0048 21 GLU A OE1 
170 O OE2 . GLU A 21 ? 0.7646 1.1220 0.8023 -0.0788 0.0638  -0.0257 21 GLU A OE2 
171 N N   . ALA A 22 ? 0.2961 0.4925 0.3356 -0.0553 0.0418  -0.0094 22 ALA A N   
172 C CA  . ALA A 22 ? 0.2661 0.4298 0.3016 -0.0550 0.0394  -0.0047 22 ALA A CA  
173 C C   . ALA A 22 ? 0.3338 0.4877 0.3680 -0.0473 0.0388  -0.0067 22 ALA A C   
174 O O   . ALA A 22 ? 0.3042 0.4711 0.3405 -0.0388 0.0391  -0.0135 22 ALA A O   
175 C CB  . ALA A 22 ? 0.2770 0.4262 0.3158 -0.0494 0.0376  -0.0069 22 ALA A CB  
176 N N   . LEU A 23 ? 0.2660 0.3971 0.2971 -0.0500 0.0370  -0.0016 23 LEU A N   
177 C CA  . LEU A 23 ? 0.2444 0.3640 0.2753 -0.0441 0.0354  -0.0026 23 LEU A CA  
178 C C   . LEU A 23 ? 0.2766 0.3819 0.3130 -0.0350 0.0348  -0.0068 23 LEU A C   
179 O O   . LEU A 23 ? 0.3024 0.3950 0.3404 -0.0365 0.0353  -0.0054 23 LEU A O   
180 C CB  . LEU A 23 ? 0.2733 0.3768 0.3000 -0.0512 0.0322  0.0044  23 LEU A CB  
181 C CG  . LEU A 23 ? 0.3421 0.4315 0.3703 -0.0466 0.0289  0.0044  23 LEU A CG  
182 C CD1 . LEU A 23 ? 0.3543 0.4565 0.3767 -0.0461 0.0285  0.0034  23 LEU A CD1 
183 C CD2 . LEU A 23 ? 0.3755 0.4477 0.4012 -0.0528 0.0239  0.0104  23 LEU A CD2 
184 N N   . LEU A 24 ? 0.2447 0.3509 0.2819 -0.0268 0.0333  -0.0115 24 LEU A N   
185 C CA  . LEU A 24 ? 0.2383 0.3294 0.2784 -0.0210 0.0316  -0.0140 24 LEU A CA  
186 C C   . LEU A 24 ? 0.2822 0.3594 0.3253 -0.0234 0.0312  -0.0106 24 LEU A C   
187 O O   . LEU A 24 ? 0.3025 0.3792 0.3453 -0.0225 0.0288  -0.0100 24 LEU A O   
188 C CB  . LEU A 24 ? 0.2406 0.3355 0.2792 -0.0122 0.0279  -0.0201 24 LEU A CB  
189 C CG  . LEU A 24 ? 0.2815 0.3915 0.3195 -0.0068 0.0267  -0.0261 24 LEU A CG  
190 C CD1 . LEU A 24 ? 0.3428 0.4523 0.3786 0.0041  0.0206  -0.0337 24 LEU A CD1 
191 C CD2 . LEU A 24 ? 0.3246 0.4281 0.3634 -0.0081 0.0264  -0.0253 24 LEU A CD2 
192 N N   . ASN A 25 ? 0.2488 0.3155 0.2951 -0.0261 0.0332  -0.0092 25 ASN A N   
193 C CA  . ASN A 25 ? 0.2239 0.2811 0.2760 -0.0278 0.0328  -0.0074 25 ASN A CA  
194 C C   . ASN A 25 ? 0.2524 0.3018 0.3103 -0.0263 0.0348  -0.0099 25 ASN A C   
195 O O   . ASN A 25 ? 0.2445 0.2904 0.3024 -0.0284 0.0384  -0.0109 25 ASN A O   
196 C CB  . ASN A 25 ? 0.2410 0.2944 0.2920 -0.0329 0.0332  -0.0045 25 ASN A CB  
197 C CG  . ASN A 25 ? 0.2874 0.3307 0.3447 -0.0327 0.0302  -0.0038 25 ASN A CG  
198 O OD1 . ASN A 25 ? 0.2871 0.3286 0.3516 -0.0292 0.0292  -0.0057 25 ASN A OD1 
199 N ND2 . ASN A 25 ? 0.3919 0.4281 0.4464 -0.0365 0.0273  -0.0012 25 ASN A ND2 
200 N N   . THR A 26 ? 0.2172 0.2651 0.2792 -0.0239 0.0324  -0.0109 26 THR A N   
201 C CA  . THR A 26 ? 0.2108 0.2543 0.2781 -0.0248 0.0344  -0.0128 26 THR A CA  
202 C C   . THR A 26 ? 0.2397 0.2829 0.3180 -0.0262 0.0374  -0.0142 26 THR A C   
203 O O   . THR A 26 ? 0.2630 0.3068 0.3465 -0.0286 0.0414  -0.0165 26 THR A O   
204 C CB  . THR A 26 ? 0.2604 0.3021 0.3289 -0.0231 0.0298  -0.0132 26 THR A CB  
205 O OG1 . THR A 26 ? 0.2506 0.2938 0.3250 -0.0213 0.0259  -0.0123 26 THR A OG1 
206 C CG2 . THR A 26 ? 0.2375 0.2783 0.2951 -0.0197 0.0258  -0.0142 26 THR A CG2 
207 N N   . GLY A 27 ? 0.2559 0.2982 0.3370 -0.0251 0.0348  -0.0131 27 GLY A N   
208 C CA  . GLY A 27 ? 0.2750 0.3155 0.3664 -0.0241 0.0358  -0.0160 27 GLY A CA  
209 C C   . GLY A 27 ? 0.3303 0.3677 0.4177 -0.0257 0.0402  -0.0180 27 GLY A C   
210 O O   . GLY A 27 ? 0.3614 0.3975 0.4569 -0.0236 0.0413  -0.0225 27 GLY A O   
211 N N   . ALA A 28 ? 0.2307 0.2675 0.3062 -0.0286 0.0421  -0.0156 28 ALA A N   
212 C CA  . ALA A 28 ? 0.2979 0.3304 0.3674 -0.0308 0.0451  -0.0169 28 ALA A CA  
213 C C   . ALA A 28 ? 0.3109 0.3445 0.3759 -0.0333 0.0513  -0.0193 28 ALA A C   
214 O O   . ALA A 28 ? 0.2716 0.3066 0.3306 -0.0343 0.0508  -0.0173 28 ALA A O   
215 C CB  . ALA A 28 ? 0.2647 0.2965 0.3237 -0.0339 0.0418  -0.0121 28 ALA A CB  
216 N N   . ASP A 29 ? 0.3172 0.3491 0.3837 -0.0339 0.0564  -0.0242 29 ASP A N   
217 C CA  . ASP A 29 ? 0.3245 0.3559 0.3824 -0.0385 0.0621  -0.0255 29 ASP A CA  
218 C C   . ASP A 29 ? 0.3171 0.3425 0.3610 -0.0412 0.0599  -0.0223 29 ASP A C   
219 O O   . ASP A 29 ? 0.3414 0.3645 0.3759 -0.0443 0.0601  -0.0206 29 ASP A O   
220 C CB  . ASP A 29 ? 0.3843 0.4172 0.4453 -0.0391 0.0689  -0.0327 29 ASP A CB  
221 C CG  . ASP A 29 ? 0.4356 0.4787 0.5140 -0.0359 0.0714  -0.0380 29 ASP A CG  
222 O OD1 . ASP A 29 ? 0.3678 0.4162 0.4532 -0.0361 0.0693  -0.0353 29 ASP A OD1 
223 O OD2 . ASP A 29 ? 0.4731 0.5192 0.5586 -0.0324 0.0747  -0.0458 29 ASP A OD2 
224 N N   . ASP A 30 ? 0.3027 0.3251 0.3450 -0.0403 0.0565  -0.0212 30 ASP A N   
225 C CA  . ASP A 30 ? 0.2930 0.3111 0.3238 -0.0435 0.0546  -0.0191 30 ASP A CA  
226 C C   . ASP A 30 ? 0.3092 0.3329 0.3401 -0.0435 0.0489  -0.0141 30 ASP A C   
227 O O   . ASP A 30 ? 0.3112 0.3392 0.3487 -0.0417 0.0464  -0.0123 30 ASP A O   
228 C CB  . ASP A 30 ? 0.3708 0.3806 0.3977 -0.0448 0.0557  -0.0223 30 ASP A CB  
229 C CG  . ASP A 30 ? 0.4907 0.4990 0.5185 -0.0443 0.0629  -0.0295 30 ASP A CG  
230 O OD1 . ASP A 30 ? 0.5191 0.5296 0.5416 -0.0475 0.0676  -0.0302 30 ASP A OD1 
231 O OD2 . ASP A 30 ? 0.5183 0.5237 0.5519 -0.0406 0.0634  -0.0350 30 ASP A OD2 
232 N N   . THR A 31 ? 0.2689 0.2938 0.2922 -0.0462 0.0468  -0.0124 31 THR A N   
233 C CA  . THR A 31 ? 0.2314 0.2666 0.2551 -0.0474 0.0424  -0.0090 31 THR A CA  
234 C C   . THR A 31 ? 0.3049 0.3362 0.3246 -0.0532 0.0399  -0.0068 31 THR A C   
235 O O   . THR A 31 ? 0.2919 0.3135 0.3051 -0.0555 0.0403  -0.0084 31 THR A O   
236 C CB  . THR A 31 ? 0.2411 0.2822 0.2612 -0.0458 0.0402  -0.0097 31 THR A CB  
237 O OG1 . THR A 31 ? 0.2712 0.3135 0.2940 -0.0406 0.0402  -0.0113 31 THR A OG1 
238 C CG2 . THR A 31 ? 0.2758 0.3323 0.2983 -0.0469 0.0367  -0.0082 31 THR A CG2 
239 N N   A VAL A 32 ? 0.3153 0.3529 0.3374 -0.0565 0.0369  -0.0029 32 VAL A N   
240 N N   B VAL A 32 ? 0.3060 0.3438 0.3280 -0.0565 0.0369  -0.0029 32 VAL A N   
241 C CA  A VAL A 32 ? 0.2874 0.3188 0.3041 -0.0641 0.0326  0.0006  32 VAL A CA  
242 C CA  B VAL A 32 ? 0.2986 0.3307 0.3155 -0.0641 0.0326  0.0006  32 VAL A CA  
243 C C   A VAL A 32 ? 0.3255 0.3740 0.3421 -0.0713 0.0299  0.0057  32 VAL A C   
244 C C   B VAL A 32 ? 0.3275 0.3772 0.3444 -0.0709 0.0300  0.0055  32 VAL A C   
245 O O   A VAL A 32 ? 0.3493 0.4086 0.3690 -0.0714 0.0301  0.0078  32 VAL A O   
246 O O   B VAL A 32 ? 0.3087 0.3708 0.3291 -0.0702 0.0307  0.0070  32 VAL A O   
247 C CB  A VAL A 32 ? 0.2800 0.2958 0.2968 -0.0640 0.0297  0.0009  32 VAL A CB  
248 C CB  B VAL A 32 ? 0.2729 0.2892 0.2897 -0.0641 0.0297  0.0011  32 VAL A CB  
249 C CG1 A VAL A 32 ? 0.2560 0.2578 0.2642 -0.0714 0.0233  0.0036  32 VAL A CG1 
250 C CG1 B VAL A 32 ? 0.3476 0.3499 0.3647 -0.0585 0.0326  -0.0055 32 VAL A CG1 
251 C CG2 A VAL A 32 ? 0.3713 0.3784 0.3930 -0.0557 0.0341  -0.0057 32 VAL A CG2 
252 C CG2 B VAL A 32 ? 0.2087 0.2304 0.2315 -0.0613 0.0293  0.0027  32 VAL A CG2 
253 N N   . PHE A 33 ? 0.2906 0.3428 0.3032 -0.0779 0.0273  0.0075  33 PHE A N   
254 C CA  . PHE A 33 ? 0.3109 0.3830 0.3242 -0.0870 0.0252  0.0119  33 PHE A CA  
255 C C   . PHE A 33 ? 0.3550 0.4146 0.3599 -0.0988 0.0192  0.0175  33 PHE A C   
256 O O   . PHE A 33 ? 0.3405 0.3806 0.3398 -0.0986 0.0166  0.0159  33 PHE A O   
257 C CB  . PHE A 33 ? 0.2867 0.3796 0.3056 -0.0848 0.0261  0.0087  33 PHE A CB  
258 C CG  . PHE A 33 ? 0.3252 0.4349 0.3519 -0.0749 0.0295  0.0039  33 PHE A CG  
259 C CD1 . PHE A 33 ? 0.3306 0.4277 0.3575 -0.0646 0.0310  -0.0005 33 PHE A CD1 
260 C CD2 . PHE A 33 ? 0.3293 0.4672 0.3622 -0.0765 0.0306  0.0032  33 PHE A CD2 
261 C CE1 . PHE A 33 ? 0.3272 0.4356 0.3594 -0.0556 0.0320  -0.0049 33 PHE A CE1 
262 C CE2 . PHE A 33 ? 0.3808 0.5324 0.4202 -0.0658 0.0326  -0.0028 33 PHE A CE2 
263 C CZ  . PHE A 33 ? 0.3151 0.4497 0.3536 -0.0551 0.0324  -0.0066 33 PHE A CZ  
264 N N   . GLU A 34 ? 0.3430 0.4132 0.3453 -0.1102 0.0164  0.0240  34 GLU A N   
265 C CA  . GLU A 34 ? 0.4567 0.5184 0.4501 -0.1243 0.0093  0.0302  34 GLU A CA  
266 C C   . GLU A 34 ? 0.5049 0.5980 0.5031 -0.1344 0.0103  0.0326  34 GLU A C   
267 O O   . GLU A 34 ? 0.4625 0.5854 0.4701 -0.1309 0.0161  0.0297  34 GLU A O   
268 C CB  . GLU A 34 ? 0.5179 0.5620 0.5013 -0.1332 0.0027  0.0372  34 GLU A CB  
269 C CG  . GLU A 34 ? 0.5570 0.6235 0.5403 -0.1413 0.0047  0.0425  34 GLU A CG  
270 C CD  . GLU A 34 ? 0.5978 0.6437 0.5670 -0.1537 -0.0045 0.0515  34 GLU A CD  
271 O OE1 . GLU A 34 ? 0.5632 0.5755 0.5259 -0.1503 -0.0125 0.0513  34 GLU A OE1 
272 O OE2 . GLU A 34 ? 0.6335 0.6968 0.5973 -0.1669 -0.0044 0.0582  34 GLU A OE2 
273 N N   . GLU A 35 ? 0.5298 0.6174 0.5218 -0.1466 0.0040  0.0370  35 GLU A N   
274 C CA  . GLU A 35 ? 0.5371 0.6565 0.5345 -0.1585 0.0040  0.0396  35 GLU A CA  
275 C C   . GLU A 35 ? 0.4846 0.6300 0.4970 -0.1465 0.0093  0.0310  35 GLU A C   
276 O O   . GLU A 35 ? 0.5314 0.7137 0.5549 -0.1481 0.0134  0.0289  35 GLU A O   
277 C CB  . GLU A 35 ? 0.5412 0.6834 0.5374 -0.1720 0.0058  0.0461  35 GLU A CB  
278 C CG  . GLU A 35 ? 0.6974 0.8120 0.6758 -0.1878 -0.0032 0.0566  35 GLU A CG  
279 C CD  . GLU A 35 ? 0.6792 0.8134 0.6513 -0.2012 -0.0028 0.0634  35 GLU A CD  
280 O OE1 . GLU A 35 ? 0.6550 0.8147 0.6288 -0.2085 -0.0025 0.0640  35 GLU A OE1 
281 O OE2 . GLU A 35 ? 0.7365 0.8580 0.6999 -0.2020 -0.0039 0.0669  35 GLU A OE2 
282 N N   . VAL A 36 ? 0.4334 0.5591 0.4449 -0.1344 0.0087  0.0254  36 VAL A N   
283 C CA  . VAL A 36 ? 0.3828 0.5251 0.4041 -0.1259 0.0092  0.0188  36 VAL A CA  
284 C C   . VAL A 36 ? 0.4162 0.5381 0.4297 -0.1298 0.0026  0.0195  36 VAL A C   
285 O O   . VAL A 36 ? 0.5024 0.5923 0.5028 -0.1325 -0.0004 0.0219  36 VAL A O   
286 C CB  . VAL A 36 ? 0.4216 0.5592 0.4468 -0.1081 0.0137  0.0115  36 VAL A CB  
287 C CG1 . VAL A 36 ? 0.4303 0.5879 0.4627 -0.1039 0.0194  0.0100  36 VAL A CG1 
288 C CG2 . VAL A 36 ? 0.3877 0.4890 0.4017 -0.1030 0.0141  0.0112  36 VAL A CG2 
289 N N   . ASN A 37 ? 0.3090 0.4501 0.3308 -0.1295 -0.0006 0.0165  37 ASN A N   
290 C CA  A ASN A 37 ? 0.3452 0.4712 0.3599 -0.1339 -0.0080 0.0169  37 ASN A CA  
291 C CA  B ASN A 37 ? 0.3359 0.4609 0.3503 -0.1339 -0.0080 0.0169  37 ASN A CA  
292 C C   . ASN A 37 ? 0.3914 0.5114 0.4071 -0.1200 -0.0093 0.0098  37 ASN A C   
293 O O   . ASN A 37 ? 0.5176 0.6596 0.5441 -0.1173 -0.0134 0.0063  37 ASN A O   
294 C CB  A ASN A 37 ? 0.3706 0.5244 0.3938 -0.1483 -0.0131 0.0206  37 ASN A CB  
295 C CB  B ASN A 37 ? 0.3667 0.5167 0.3883 -0.1486 -0.0136 0.0208  37 ASN A CB  
296 C CG  A ASN A 37 ? 0.4361 0.5741 0.4517 -0.1548 -0.0223 0.0218  37 ASN A CG  
297 C CG  B ASN A 37 ? 0.4179 0.5605 0.4304 -0.1665 -0.0161 0.0301  37 ASN A CG  
298 O OD1 A ASN A 37 ? 0.6039 0.7050 0.6027 -0.1542 -0.0253 0.0225  37 ASN A OD1 
299 O OD1 B ASN A 37 ? 0.4978 0.6056 0.4950 -0.1678 -0.0179 0.0329  37 ASN A OD1 
300 N ND2 A ASN A 37 ? 0.4229 0.5901 0.4509 -0.1608 -0.0272 0.0212  37 ASN A ND2 
301 N ND2 B ASN A 37 ? 0.5042 0.6796 0.5257 -0.1811 -0.0172 0.0342  37 ASN A ND2 
302 N N   . LEU A 38 ? 0.3196 0.4102 0.3235 -0.1119 -0.0066 0.0076  38 LEU A N   
303 C CA  . LEU A 38 ? 0.3118 0.3941 0.3133 -0.1006 -0.0077 0.0022  38 LEU A CA  
304 C C   . LEU A 38 ? 0.3594 0.4236 0.3489 -0.1044 -0.0153 0.0020  38 LEU A C   
305 O O   . LEU A 38 ? 0.4090 0.4530 0.3863 -0.1121 -0.0167 0.0044  38 LEU A O   
306 C CB  . LEU A 38 ? 0.2862 0.3480 0.2799 -0.0925 -0.0008 0.0001  38 LEU A CB  
307 C CG  . LEU A 38 ? 0.2994 0.3753 0.3033 -0.0875 0.0059  0.0000  38 LEU A CG  
308 C CD1 . LEU A 38 ? 0.3231 0.3782 0.3195 -0.0802 0.0113  -0.0023 38 LEU A CD1 
309 C CD2 . LEU A 38 ? 0.3631 0.4686 0.3816 -0.0811 0.0041  -0.0035 38 LEU A CD2 
310 N N   . PRO A 39 ? 0.3998 0.4693 0.3917 -0.0983 -0.0214 -0.0017 39 PRO A N   
311 C CA  . PRO A 39 ? 0.4057 0.4571 0.3845 -0.1019 -0.0299 -0.0017 39 PRO A CA  
312 C C   . PRO A 39 ? 0.4820 0.5001 0.4399 -0.0981 -0.0273 -0.0035 39 PRO A C   
313 O O   . PRO A 39 ? 0.4323 0.4452 0.3891 -0.0920 -0.0195 -0.0049 39 PRO A O   
314 C CB  . PRO A 39 ? 0.4505 0.5237 0.4425 -0.0959 -0.0389 -0.0053 39 PRO A CB  
315 C CG  . PRO A 39 ? 0.4740 0.5590 0.4758 -0.0840 -0.0341 -0.0090 39 PRO A CG  
316 C CD  . PRO A 39 ? 0.4165 0.5086 0.4230 -0.0875 -0.0227 -0.0062 39 PRO A CD  
317 N N   . GLY A 40 ? 0.5021 0.4989 0.4430 -0.1023 -0.0335 -0.0037 40 GLY A N   
318 C CA  . GLY A 40 ? 0.5239 0.4931 0.4440 -0.0995 -0.0301 -0.0059 40 GLY A CA  
319 C C   . GLY A 40 ? 0.5507 0.4997 0.4568 -0.1035 -0.0219 -0.0069 40 GLY A C   
320 O O   . GLY A 40 ? 0.5310 0.4816 0.4412 -0.1085 -0.0216 -0.0054 40 GLY A O   
321 N N   . ARG A 41 ? 0.5848 0.5145 0.4740 -0.1015 -0.0160 -0.0099 41 ARG A N   
322 C CA  . ARG A 41 ? 0.4910 0.4034 0.3676 -0.1038 -0.0087 -0.0135 41 ARG A CA  
323 C C   . ARG A 41 ? 0.4314 0.3522 0.3206 -0.0985 0.0017  -0.0149 41 ARG A C   
324 O O   . ARG A 41 ? 0.4767 0.4096 0.3762 -0.0935 0.0053  -0.0138 41 ARG A O   
325 C CB  . ARG A 41 ? 0.7212 0.6121 0.5726 -0.1057 -0.0064 -0.0171 41 ARG A CB  
326 C CG  . ARG A 41 ? 0.9665 0.8422 0.8049 -0.1066 0.0017  -0.0236 41 ARG A CG  
327 C CD  . ARG A 41 ? 1.1524 1.0091 0.9630 -0.1105 0.0045  -0.0279 41 ARG A CD  
328 N NE  . ARG A 41 ? 1.2497 1.0926 1.0439 -0.1167 -0.0072 -0.0262 41 ARG A NE  
329 C CZ  . ARG A 41 ? 1.3110 1.1486 1.0941 -0.1199 -0.0153 -0.0223 41 ARG A CZ  
330 N NH1 . ARG A 41 ? 1.3028 1.1460 1.0882 -0.1179 -0.0131 -0.0196 41 ARG A NH1 
331 N NH2 . ARG A 41 ? 1.3476 1.1722 1.1165 -0.1255 -0.0271 -0.0211 41 ARG A NH2 
332 N N   . TRP A 42 ? 0.4790 0.3913 0.3665 -0.0992 0.0051  -0.0177 42 TRP A N   
333 C CA  . TRP A 42 ? 0.4082 0.3251 0.3062 -0.0936 0.0138  -0.0202 42 TRP A CA  
334 C C   . TRP A 42 ? 0.4362 0.3359 0.3218 -0.0919 0.0192  -0.0281 42 TRP A C   
335 O O   . TRP A 42 ? 0.5608 0.4445 0.4299 -0.0956 0.0152  -0.0312 42 TRP A O   
336 C CB  . TRP A 42 ? 0.4621 0.3902 0.3763 -0.0947 0.0102  -0.0156 42 TRP A CB  
337 C CG  . TRP A 42 ? 0.5138 0.4309 0.4214 -0.1021 0.0011  -0.0138 42 TRP A CG  
338 C CD1 . TRP A 42 ? 0.5021 0.4258 0.4105 -0.1097 -0.0079 -0.0085 42 TRP A CD1 
339 C CD2 . TRP A 42 ? 0.4772 0.3739 0.3763 -0.1025 -0.0011 -0.0177 42 TRP A CD2 
340 N NE1 . TRP A 42 ? 0.6101 0.5179 0.5098 -0.1167 -0.0155 -0.0078 42 TRP A NE1 
341 C CE2 . TRP A 42 ? 0.5845 0.4737 0.4774 -0.1119 -0.0122 -0.0136 42 TRP A CE2 
342 C CE3 . TRP A 42 ? 0.5578 0.4424 0.4546 -0.0954 0.0042  -0.0252 42 TRP A CE3 
343 C CZ2 . TRP A 42 ? 0.6197 0.4855 0.5018 -0.1146 -0.0193 -0.0160 42 TRP A CZ2 
344 C CZ3 . TRP A 42 ? 0.5926 0.4557 0.4803 -0.0961 -0.0026 -0.0292 42 TRP A CZ3 
345 C CH2 . TRP A 42 ? 0.6773 0.5291 0.5565 -0.1058 -0.0147 -0.0243 42 TRP A CH2 
346 N N   . LYS A 43 ? 0.4901 0.3940 0.3841 -0.0858 0.0277  -0.0324 43 LYS A N   
347 C CA  . LYS A 43 ? 0.6266 0.5186 0.5140 -0.0818 0.0326  -0.0421 43 LYS A CA  
348 C C   . LYS A 43 ? 0.6251 0.5211 0.5295 -0.0757 0.0327  -0.0433 43 LYS A C   
349 O O   . LYS A 43 ? 0.4986 0.4091 0.4182 -0.0742 0.0338  -0.0378 43 LYS A O   
350 C CB  . LYS A 43 ? 0.6092 0.5034 0.4880 -0.0803 0.0440  -0.0488 43 LYS A CB  
351 C CG  . LYS A 43 ? 0.7215 0.6327 0.6154 -0.0769 0.0519  -0.0475 43 LYS A CG  
352 C CD  . LYS A 43 ? 0.8053 0.7191 0.6886 -0.0787 0.0629  -0.0532 43 LYS A CD  
353 C CE  . LYS A 43 ? 0.8669 0.7807 0.7506 -0.0734 0.0710  -0.0659 43 LYS A CE  
354 N NZ  . LYS A 43 ? 0.9773 0.9000 0.8527 -0.0769 0.0838  -0.0720 43 LYS A NZ  
355 N N   . PRO A 44 ? 0.5857 0.4672 0.4865 -0.0719 0.0298  -0.0507 44 PRO A N   
356 C CA  . PRO A 44 ? 0.5150 0.3965 0.4302 -0.0653 0.0277  -0.0525 44 PRO A CA  
357 C C   . PRO A 44 ? 0.6039 0.5004 0.5322 -0.0575 0.0389  -0.0584 44 PRO A C   
358 O O   . PRO A 44 ? 0.6932 0.5944 0.6158 -0.0559 0.0488  -0.0661 44 PRO A O   
359 C CB  . PRO A 44 ? 0.6249 0.4833 0.5297 -0.0617 0.0206  -0.0615 44 PRO A CB  
360 C CG  . PRO A 44 ? 0.6471 0.5002 0.5346 -0.0628 0.0265  -0.0692 44 PRO A CG  
361 C CD  . PRO A 44 ? 0.7069 0.5690 0.5889 -0.0724 0.0272  -0.0588 44 PRO A CD  
362 N N   . LYS A 45 ? 0.5172 0.4221 0.4621 -0.0543 0.0372  -0.0543 45 LYS A N   
363 C CA  . LYS A 45 ? 0.4878 0.4070 0.4477 -0.0471 0.0456  -0.0594 45 LYS A CA  
364 C C   . LYS A 45 ? 0.5456 0.4586 0.5179 -0.0401 0.0379  -0.0611 45 LYS A C   
365 O O   . LYS A 45 ? 0.4890 0.3943 0.4612 -0.0442 0.0276  -0.0524 45 LYS A O   
366 C CB  . LYS A 45 ? 0.4745 0.4114 0.4411 -0.0509 0.0508  -0.0510 45 LYS A CB  
367 C CG  . LYS A 45 ? 0.5899 0.5421 0.5708 -0.0454 0.0595  -0.0553 45 LYS A CG  
368 C CD  . LYS A 45 ? 0.6713 0.6363 0.6592 -0.0485 0.0603  -0.0459 45 LYS A CD  
369 C CE  . LYS A 45 ? 0.7259 0.7053 0.7260 -0.0453 0.0682  -0.0492 45 LYS A CE  
370 N NZ  . LYS A 45 ? 0.7771 0.7612 0.7676 -0.0501 0.0774  -0.0524 45 LYS A NZ  
371 N N   . LEU A 46 ? 0.5101 0.4272 0.4927 -0.0302 0.0422  -0.0726 46 LEU A N   
372 C CA  . LEU A 46 ? 0.4583 0.3703 0.4545 -0.0222 0.0340  -0.0748 46 LEU A CA  
373 C C   . LEU A 46 ? 0.5450 0.4767 0.5575 -0.0210 0.0397  -0.0708 46 LEU A C   
374 O O   . LEU A 46 ? 0.5250 0.4748 0.5441 -0.0197 0.0517  -0.0758 46 LEU A O   
375 C CB  . LEU A 46 ? 0.5355 0.4405 0.5359 -0.0098 0.0331  -0.0918 46 LEU A CB  
376 C CG  . LEU A 46 ? 0.6355 0.5150 0.6198 -0.0081 0.0236  -0.0979 46 LEU A CG  
377 C CD1 . LEU A 46 ? 0.6522 0.5289 0.6438 0.0073  0.0236  -0.1175 46 LEU A CD1 
378 C CD2 . LEU A 46 ? 0.5481 0.4036 0.5252 -0.0134 0.0058  -0.0870 46 LEU A CD2 
379 N N   . ILE A 47 ? 0.4628 0.3912 0.4804 -0.0230 0.0308  -0.0612 47 ILE A N   
380 C CA  . ILE A 47 ? 0.4804 0.4256 0.5126 -0.0215 0.0346  -0.0576 47 ILE A CA  
381 C C   . ILE A 47 ? 0.5016 0.4373 0.5437 -0.0149 0.0233  -0.0584 47 ILE A C   
382 O O   . ILE A 47 ? 0.5012 0.4171 0.5389 -0.0107 0.0128  -0.0628 47 ILE A O   
383 C CB  . ILE A 47 ? 0.4028 0.3568 0.4306 -0.0309 0.0360  -0.0445 47 ILE A CB  
384 C CG1 . ILE A 47 ? 0.4417 0.3836 0.4606 -0.0380 0.0247  -0.0346 47 ILE A CG1 
385 C CG2 . ILE A 47 ? 0.4619 0.4240 0.4806 -0.0364 0.0451  -0.0439 47 ILE A CG2 
386 C CD1 . ILE A 47 ? 0.4763 0.4318 0.4941 -0.0455 0.0260  -0.0239 47 ILE A CD1 
387 N N   . GLY A 48 ? 0.5955 0.5427 0.6495 -0.0137 0.0236  -0.0543 48 GLY A N   
388 C CA  . GLY A 48 ? 0.5198 0.4574 0.5832 -0.0072 0.0119  -0.0552 48 GLY A CA  
389 C C   . GLY A 48 ? 0.5889 0.5286 0.6662 0.0059  0.0129  -0.0712 48 GLY A C   
390 O O   . GLY A 48 ? 0.7843 0.7448 0.8715 0.0089  0.0260  -0.0792 48 GLY A O   
391 N N   . GLY A 49 ? 0.6373 0.5563 0.7149 0.0135  -0.0014 -0.0764 49 GLY A N   
392 C CA  . GLY A 49 ? 0.7963 0.7187 0.8899 0.0287  -0.0021 -0.0941 49 GLY A CA  
393 C C   . GLY A 49 ? 0.8425 0.7525 0.9483 0.0388  -0.0188 -0.0969 49 GLY A C   
394 O O   . GLY A 49 ? 0.8546 0.7642 0.9746 0.0535  -0.0237 -0.1125 49 GLY A O   
395 N N   . ILE A 50 ? 0.8932 0.7933 0.9930 0.0311  -0.0282 -0.0822 50 ILE A N   
396 C CA  . ILE A 50 ? 0.8434 0.7273 0.9505 0.0382  -0.0464 -0.0822 50 ILE A CA  
397 C C   . ILE A 50 ? 0.7477 0.5938 0.8322 0.0323  -0.0659 -0.0736 50 ILE A C   
398 O O   . ILE A 50 ? 0.6148 0.4545 0.6808 0.0165  -0.0662 -0.0582 50 ILE A O   
399 C CB  . ILE A 50 ? 0.8318 0.7299 0.9460 0.0328  -0.0446 -0.0717 50 ILE A CB  
400 C CG1 . ILE A 50 ? 0.7880 0.7217 0.9229 0.0365  -0.0265 -0.0792 50 ILE A CG1 
401 C CG2 . ILE A 50 ? 0.8399 0.7196 0.9597 0.0395  -0.0648 -0.0711 50 ILE A CG2 
402 C CD1 . ILE A 50 ? 0.7931 0.7445 0.9183 0.0242  -0.0085 -0.0716 50 ILE A CD1 
403 N N   . GLY A 51 ? 0.8581 0.6798 0.9441 0.0445  -0.0826 -0.0843 51 GLY A N   
404 C CA  . GLY A 51 ? 0.7790 0.5600 0.8421 0.0388  -0.1040 -0.0770 51 GLY A CA  
405 C C   . GLY A 51 ? 0.6226 0.3920 0.6724 0.0381  -0.1017 -0.0832 51 GLY A C   
406 O O   . GLY A 51 ? 0.6881 0.4214 0.7200 0.0363  -0.1203 -0.0818 51 GLY A O   
407 N N   . GLY A 52 ? 0.7242 0.5233 0.7821 0.0394  -0.0796 -0.0906 52 GLY A N   
408 C CA  . GLY A 52 ? 0.6621 0.4565 0.7051 0.0348  -0.0729 -0.0934 52 GLY A CA  
409 C C   . GLY A 52 ? 0.6192 0.4448 0.6620 0.0233  -0.0506 -0.0860 52 GLY A C   
410 O O   . GLY A 52 ? 0.5251 0.3740 0.5793 0.0205  -0.0410 -0.0804 52 GLY A O   
411 N N   . PHE A 53 ? 0.5076 0.3317 0.5363 0.0170  -0.0434 -0.0865 53 PHE A N   
412 C CA  . PHE A 53 ? 0.4573 0.3057 0.4832 0.0058  -0.0258 -0.0785 53 PHE A CA  
413 C C   . PHE A 53 ? 0.4369 0.2716 0.4429 -0.0110 -0.0326 -0.0623 53 PHE A C   
414 O O   . PHE A 53 ? 0.4458 0.2521 0.4387 -0.0141 -0.0487 -0.0594 53 PHE A O   
415 C CB  . PHE A 53 ? 0.5502 0.4112 0.5754 0.0103  -0.0115 -0.0913 53 PHE A CB  
416 C CG  . PHE A 53 ? 0.5927 0.4738 0.6383 0.0246  -0.0023 -0.1076 53 PHE A CG  
417 C CD1 . PHE A 53 ? 0.5395 0.4514 0.5981 0.0225  0.0136  -0.1066 53 PHE A CD1 
418 C CD2 . PHE A 53 ? 0.6321 0.5020 0.6845 0.0400  -0.0105 -0.1245 53 PHE A CD2 
419 C CE1 . PHE A 53 ? 0.5133 0.4475 0.5918 0.0335  0.0226  -0.1212 53 PHE A CE1 
420 C CE2 . PHE A 53 ? 0.5761 0.4706 0.6504 0.0532  -0.0010 -0.1409 53 PHE A CE2 
421 C CZ  . PHE A 53 ? 0.4764 0.4045 0.5636 0.0485  0.0163  -0.1384 53 PHE A CZ  
422 N N   . VAL A 54 ? 0.4343 0.2901 0.4391 -0.0214 -0.0208 -0.0525 54 VAL A N   
423 C CA  . VAL A 54 ? 0.4213 0.2733 0.4102 -0.0370 -0.0233 -0.0394 54 VAL A CA  
424 C C   . VAL A 54 ? 0.4224 0.2854 0.4056 -0.0394 -0.0113 -0.0429 54 VAL A C   
425 O O   . VAL A 54 ? 0.4557 0.3394 0.4477 -0.0350 0.0027  -0.0479 54 VAL A O   
426 C CB  . VAL A 54 ? 0.4346 0.3033 0.4269 -0.0461 -0.0210 -0.0262 54 VAL A CB  
427 C CG1 . VAL A 54 ? 0.4287 0.3039 0.4090 -0.0614 -0.0199 -0.0149 54 VAL A CG1 
428 C CG2 . VAL A 54 ? 0.5703 0.4235 0.5626 -0.0466 -0.0353 -0.0208 54 VAL A CG2 
429 N N   . LYS A 55 ? 0.3875 0.2351 0.3547 -0.0475 -0.0177 -0.0401 55 LYS A N   
430 C CA  . LYS A 55 ? 0.3736 0.2295 0.3331 -0.0513 -0.0084 -0.0419 55 LYS A CA  
431 C C   . LYS A 55 ? 0.4008 0.2737 0.3589 -0.0638 -0.0055 -0.0289 55 LYS A C   
432 O O   . LYS A 55 ? 0.4438 0.3109 0.3960 -0.0743 -0.0149 -0.0188 55 LYS A O   
433 C CB  . LYS A 55 ? 0.3977 0.2287 0.3407 -0.0531 -0.0173 -0.0467 55 LYS A CB  
434 C CG  . LYS A 55 ? 0.4805 0.3184 0.4153 -0.0536 -0.0070 -0.0524 55 LYS A CG  
435 C CD  . LYS A 55 ? 0.5267 0.3389 0.4433 -0.0569 -0.0172 -0.0558 55 LYS A CD  
436 C CE  . LYS A 55 ? 0.5812 0.3708 0.4966 -0.0448 -0.0257 -0.0686 55 LYS A CE  
437 N NZ  . LYS A 55 ? 0.6413 0.4022 0.5370 -0.0461 -0.0367 -0.0743 55 LYS A NZ  
438 N N   . VAL A 56 ? 0.4001 0.2936 0.3629 -0.0630 0.0068  -0.0295 56 VAL A N   
439 C CA  . VAL A 56 ? 0.3535 0.2641 0.3164 -0.0720 0.0089  -0.0197 56 VAL A CA  
440 C C   . VAL A 56 ? 0.3852 0.2987 0.3394 -0.0743 0.0138  -0.0222 56 VAL A C   
441 O O   . VAL A 56 ? 0.4230 0.3273 0.3706 -0.0694 0.0178  -0.0312 56 VAL A O   
442 C CB  . VAL A 56 ? 0.3669 0.2992 0.3436 -0.0686 0.0163  -0.0169 56 VAL A CB  
443 C CG1 . VAL A 56 ? 0.3835 0.3124 0.3669 -0.0676 0.0102  -0.0133 56 VAL A CG1 
444 C CG2 . VAL A 56 ? 0.4099 0.3491 0.3917 -0.0599 0.0272  -0.0255 56 VAL A CG2 
445 N N   . ARG A 57 ? 0.3997 0.3263 0.3534 -0.0819 0.0128  -0.0148 57 ARG A N   
446 C CA  . ARG A 57 ? 0.3146 0.2450 0.2610 -0.0839 0.0156  -0.0159 57 ARG A CA  
447 C C   . ARG A 57 ? 0.3541 0.3011 0.3078 -0.0790 0.0242  -0.0165 57 ARG A C   
448 O O   . ARG A 57 ? 0.3176 0.2808 0.2820 -0.0786 0.0247  -0.0119 57 ARG A O   
449 C CB  . ARG A 57 ? 0.3221 0.2577 0.2654 -0.0943 0.0075  -0.0085 57 ARG A CB  
450 C CG  . ARG A 57 ? 0.3646 0.2792 0.2953 -0.1010 -0.0020 -0.0083 57 ARG A CG  
451 C CD  . ARG A 57 ? 0.3821 0.3061 0.3120 -0.1127 -0.0097 -0.0007 57 ARG A CD  
452 N NE  . ARG A 57 ? 0.4240 0.3660 0.3652 -0.1185 -0.0112 0.0070  57 ARG A NE  
453 C CZ  . ARG A 57 ? 0.4448 0.4051 0.3906 -0.1293 -0.0157 0.0140  57 ARG A CZ  
454 N NH1 . ARG A 57 ? 0.5133 0.4760 0.4551 -0.1351 -0.0205 0.0146  57 ARG A NH1 
455 N NH2 . ARG A 57 ? 0.4661 0.4435 0.4205 -0.1349 -0.0154 0.0201  57 ARG A NH2 
456 N N   . GLN A 58 ? 0.3167 0.2584 0.2628 -0.0757 0.0303  -0.0224 58 GLN A N   
457 C CA  . GLN A 58 ? 0.3150 0.2677 0.2646 -0.0728 0.0367  -0.0225 58 GLN A CA  
458 C C   . GLN A 58 ? 0.3903 0.3441 0.3310 -0.0769 0.0327  -0.0195 58 GLN A C   
459 O O   . GLN A 58 ? 0.4151 0.3561 0.3406 -0.0802 0.0314  -0.0220 58 GLN A O   
460 C CB  . GLN A 58 ? 0.3515 0.2995 0.2972 -0.0689 0.0458  -0.0302 58 GLN A CB  
461 C CG  . GLN A 58 ? 0.3448 0.3004 0.2896 -0.0692 0.0508  -0.0290 58 GLN A CG  
462 C CD  . GLN A 58 ? 0.4903 0.4449 0.4307 -0.0686 0.0607  -0.0359 58 GLN A CD  
463 O OE1 . GLN A 58 ? 0.5019 0.4572 0.4488 -0.0644 0.0652  -0.0427 58 GLN A OE1 
464 N NE2 . GLN A 58 ? 0.5440 0.4980 0.4735 -0.0732 0.0635  -0.0345 58 GLN A NE2 
465 N N   . TYR A 59 ? 0.3360 0.3044 0.2855 -0.0759 0.0299  -0.0150 59 TYR A N   
466 C CA  . TYR A 59 ? 0.3009 0.2708 0.2443 -0.0775 0.0242  -0.0132 59 TYR A CA  
467 C C   . TYR A 59 ? 0.3526 0.3228 0.2941 -0.0738 0.0266  -0.0138 59 TYR A C   
468 O O   . TYR A 59 ? 0.3404 0.3217 0.2939 -0.0691 0.0289  -0.0131 59 TYR A O   
469 C CB  . TYR A 59 ? 0.3219 0.3093 0.2770 -0.0782 0.0173  -0.0093 59 TYR A CB  
470 C CG  . TYR A 59 ? 0.2839 0.2717 0.2392 -0.0853 0.0125  -0.0069 59 TYR A CG  
471 C CD1 . TYR A 59 ? 0.3147 0.3041 0.2762 -0.0875 0.0141  -0.0050 59 TYR A CD1 
472 C CD2 . TYR A 59 ? 0.3451 0.3312 0.2944 -0.0903 0.0048  -0.0059 59 TYR A CD2 
473 C CE1 . TYR A 59 ? 0.3206 0.3081 0.2804 -0.0958 0.0081  -0.0017 59 TYR A CE1 
474 C CE2 . TYR A 59 ? 0.3650 0.3513 0.3142 -0.0985 -0.0006 -0.0029 59 TYR A CE2 
475 C CZ  . TYR A 59 ? 0.3361 0.3229 0.2901 -0.1019 0.0011  -0.0004 59 TYR A CZ  
476 O OH  . TYR A 59 ? 0.3649 0.3498 0.3169 -0.1121 -0.0059 0.0037  59 TYR A OH  
477 N N   . ASP A 60 ? 0.3723 0.3290 0.2971 -0.0768 0.0252  -0.0147 60 ASP A N   
478 C CA  . ASP A 60 ? 0.4376 0.3906 0.3570 -0.0756 0.0257  -0.0142 60 ASP A CA  
479 C C   . ASP A 60 ? 0.4114 0.3682 0.3332 -0.0721 0.0145  -0.0118 60 ASP A C   
480 O O   . ASP A 60 ? 0.4487 0.4087 0.3716 -0.0722 0.0063  -0.0111 60 ASP A O   
481 C CB  . ASP A 60 ? 0.5031 0.4383 0.4002 -0.0823 0.0294  -0.0159 60 ASP A CB  
482 C CG  . ASP A 60 ? 0.6583 0.5942 0.5560 -0.0834 0.0419  -0.0206 60 ASP A CG  
483 O OD1 . ASP A 60 ? 0.6767 0.6244 0.5920 -0.0784 0.0465  -0.0215 60 ASP A OD1 
484 O OD2 . ASP A 60 ? 0.7283 0.6538 0.6093 -0.0888 0.0468  -0.0242 60 ASP A OD2 
485 N N   . GLN A 61 ? 0.4253 0.3816 0.3482 -0.0686 0.0134  -0.0111 61 GLN A N   
486 C CA  . GLN A 61 ? 0.4626 0.4184 0.3858 -0.0635 0.0015  -0.0104 61 GLN A CA  
487 C C   . GLN A 61 ? 0.4294 0.4050 0.3696 -0.0572 -0.0051 -0.0119 61 GLN A C   
488 O O   . GLN A 61 ? 0.5533 0.5277 0.4910 -0.0557 -0.0159 -0.0124 61 GLN A O   
489 C CB  . GLN A 61 ? 0.4808 0.4142 0.3809 -0.0689 -0.0068 -0.0087 61 GLN A CB  
490 C CG  . GLN A 61 ? 0.6856 0.6022 0.5660 -0.0786 0.0017  -0.0074 61 GLN A CG  
491 C CD  . GLN A 61 ? 0.8575 0.7500 0.7120 -0.0851 -0.0083 -0.0043 61 GLN A CD  
492 O OE1 . GLN A 61 ? 0.9783 0.8586 0.8153 -0.0921 -0.0094 -0.0039 61 GLN A OE1 
493 N NE2 . GLN A 61 ? 0.8454 0.7286 0.6955 -0.0833 -0.0168 -0.0020 61 GLN A NE2 
494 N N   . VAL A 62 ? 0.3344 0.3293 0.2918 -0.0545 0.0014  -0.0126 62 VAL A N   
495 C CA  . VAL A 62 ? 0.3440 0.3633 0.3188 -0.0504 -0.0022 -0.0141 62 VAL A CA  
496 C C   . VAL A 62 ? 0.4692 0.5008 0.4541 -0.0400 -0.0082 -0.0177 62 VAL A C   
497 O O   . VAL A 62 ? 0.3716 0.4033 0.3595 -0.0361 -0.0043 -0.0183 62 VAL A O   
498 C CB  . VAL A 62 ? 0.4119 0.4449 0.3971 -0.0537 0.0068  -0.0126 62 VAL A CB  
499 C CG1 . VAL A 62 ? 0.3876 0.4492 0.3893 -0.0524 0.0041  -0.0135 62 VAL A CG1 
500 C CG2 . VAL A 62 ? 0.3449 0.3636 0.3200 -0.0626 0.0111  -0.0104 62 VAL A CG2 
501 N N   . PRO A 63 ? 0.4488 0.4909 0.4397 -0.0346 -0.0188 -0.0211 63 PRO A N   
502 C CA  . PRO A 63 ? 0.3815 0.4388 0.3846 -0.0226 -0.0249 -0.0269 63 PRO A CA  
503 C C   . PRO A 63 ? 0.4034 0.4899 0.4236 -0.0209 -0.0165 -0.0289 63 PRO A C   
504 O O   . PRO A 63 ? 0.5221 0.6281 0.5510 -0.0271 -0.0121 -0.0275 63 PRO A O   
505 C CB  . PRO A 63 ? 0.4743 0.5389 0.4819 -0.0170 -0.0385 -0.0313 63 PRO A CB  
506 C CG  . PRO A 63 ? 0.4736 0.5360 0.4765 -0.0277 -0.0374 -0.0271 63 PRO A CG  
507 C CD  . PRO A 63 ? 0.4319 0.4712 0.4183 -0.0381 -0.0272 -0.0208 63 PRO A CD  
508 N N   . ILE A 64 ? 0.3487 0.4371 0.3721 -0.0135 -0.0150 -0.0317 64 ILE A N   
509 C CA  . ILE A 64 ? 0.2642 0.3782 0.3007 -0.0126 -0.0069 -0.0333 64 ILE A CA  
510 C C   . ILE A 64 ? 0.4235 0.5451 0.4658 0.0008  -0.0118 -0.0410 64 ILE A C   
511 O O   . ILE A 64 ? 0.4388 0.5374 0.4716 0.0063  -0.0185 -0.0420 64 ILE A O   
512 C CB  . ILE A 64 ? 0.4332 0.5357 0.4637 -0.0219 0.0042  -0.0265 64 ILE A CB  
513 C CG1 . ILE A 64 ? 0.3969 0.5219 0.4373 -0.0228 0.0113  -0.0266 64 ILE A CG1 
514 C CG2 . ILE A 64 ? 0.4300 0.5048 0.4487 -0.0210 0.0044  -0.0246 64 ILE A CG2 
515 C CD1 . ILE A 64 ? 0.4455 0.5584 0.4809 -0.0318 0.0192  -0.0200 64 ILE A CD1 
516 N N   . GLU A 65 ? 0.3417 0.4956 0.3983 0.0054  -0.0092 -0.0467 65 GLU A N   
517 C CA  . GLU A 65 ? 0.3639 0.5277 0.4260 0.0190  -0.0130 -0.0557 65 GLU A CA  
518 C C   . GLU A 65 ? 0.4082 0.5816 0.4715 0.0161  -0.0028 -0.0541 65 GLU A C   
519 O O   . GLU A 65 ? 0.4158 0.6138 0.4858 0.0084  0.0057  -0.0523 65 GLU A O   
520 C CB  . GLU A 65 ? 0.3635 0.5616 0.4421 0.0290  -0.0188 -0.0667 65 GLU A CB  
521 C CG  . GLU A 65 ? 0.3750 0.5835 0.4594 0.0457  -0.0248 -0.0788 65 GLU A CG  
522 C CD  . GLU A 65 ? 0.4843 0.7285 0.5871 0.0573  -0.0313 -0.0919 65 GLU A CD  
523 O OE1 . GLU A 65 ? 0.4845 0.7349 0.5928 0.0541  -0.0359 -0.0909 65 GLU A OE1 
524 O OE2 . GLU A 65 ? 0.5080 0.7753 0.6201 0.0700  -0.0321 -0.1039 65 GLU A OE2 
525 N N   . ILE A 66 ? 0.3507 0.5033 0.4061 0.0210  -0.0046 -0.0543 66 ILE A N   
526 C CA  . ILE A 66 ? 0.3597 0.5151 0.4139 0.0177  0.0036  -0.0518 66 ILE A CA  
527 C C   . ILE A 66 ? 0.4720 0.6352 0.5286 0.0317  -0.0018 -0.0620 66 ILE A C   
528 O O   . ILE A 66 ? 0.5012 0.6418 0.5513 0.0399  -0.0114 -0.0650 66 ILE A O   
529 C CB  . ILE A 66 ? 0.3787 0.5031 0.4222 0.0102  0.0064  -0.0430 66 ILE A CB  
530 C CG1 . ILE A 66 ? 0.4238 0.5376 0.4634 -0.0015 0.0105  -0.0351 66 ILE A CG1 
531 C CG2 . ILE A 66 ? 0.4598 0.5863 0.5032 0.0081  0.0126  -0.0409 66 ILE A CG2 
532 C CD1 . ILE A 66 ? 0.3853 0.4690 0.4145 -0.0070 0.0119  -0.0291 66 ILE A CD1 
533 N N   . CYS A 67 ? 0.5238 0.7184 0.5884 0.0343  0.0036  -0.0679 67 CYS A N   
534 C CA  . CYS A 67 ? 0.5124 0.7176 0.5796 0.0495  -0.0021 -0.0804 67 CYS A CA  
535 C C   . CYS A 67 ? 0.5778 0.7796 0.6488 0.0650  -0.0158 -0.0910 67 CYS A C   
536 O O   . CYS A 67 ? 0.5851 0.7721 0.6512 0.0777  -0.0255 -0.0986 67 CYS A O   
537 C CB  . CYS A 67 ? 0.6920 0.8720 0.7486 0.0513  -0.0037 -0.0782 67 CYS A CB  
538 S SG  . CYS A 67 ? 0.5864 0.7896 0.6430 0.0490  0.0058  -0.0802 67 CYS A SG  
539 N N   . GLY A 68 ? 0.4189 0.6331 0.4980 0.0643  -0.0182 -0.0921 68 GLY A N   
540 C CA  . GLY A 68 ? 0.5530 0.7638 0.6365 0.0797  -0.0334 -0.1028 68 GLY A CA  
541 C C   . GLY A 68 ? 0.5444 0.7087 0.6124 0.0793  -0.0455 -0.0962 68 GLY A C   
542 O O   . GLY A 68 ? 0.5941 0.7469 0.6617 0.0914  -0.0612 -0.1036 68 GLY A O   
543 N N   . HIS A 69 ? 0.4414 0.5797 0.4968 0.0651  -0.0390 -0.0829 69 HIS A N   
544 C CA  . HIS A 69 ? 0.4027 0.4999 0.4418 0.0607  -0.0480 -0.0754 69 HIS A CA  
545 C C   . HIS A 69 ? 0.4123 0.5056 0.4491 0.0485  -0.0443 -0.0670 69 HIS A C   
546 O O   . HIS A 69 ? 0.4097 0.5089 0.4471 0.0354  -0.0310 -0.0588 69 HIS A O   
547 C CB  . HIS A 69 ? 0.4414 0.5144 0.4687 0.0526  -0.0429 -0.0673 69 HIS A CB  
548 C CG  . HIS A 69 ? 0.5154 0.5811 0.5399 0.0636  -0.0504 -0.0744 69 HIS A CG  
549 N ND1 . HIS A 69 ? 0.5568 0.5867 0.5662 0.0641  -0.0619 -0.0721 69 HIS A ND1 
550 C CD2 . HIS A 69 ? 0.4822 0.5710 0.5153 0.0738  -0.0482 -0.0840 69 HIS A CD2 
551 C CE1 . HIS A 69 ? 0.4801 0.5096 0.4895 0.0748  -0.0676 -0.0799 69 HIS A CE1 
552 N NE2 . HIS A 69 ? 0.5195 0.5848 0.5429 0.0815  -0.0593 -0.0878 69 HIS A NE2 
553 N N   . LYS A 70 ? 0.3693 0.4512 0.4027 0.0530  -0.0573 -0.0692 70 LYS A N   
554 C CA  . LYS A 70 ? 0.3523 0.4302 0.3823 0.0422  -0.0556 -0.0624 70 LYS A CA  
555 C C   . LYS A 70 ? 0.4403 0.4812 0.4495 0.0297  -0.0547 -0.0514 70 LYS A C   
556 O O   . LYS A 70 ? 0.4290 0.4402 0.4233 0.0320  -0.0675 -0.0507 70 LYS A O   
557 C CB  . LYS A 70 ? 0.3483 0.4310 0.3837 0.0524  -0.0710 -0.0698 70 LYS A CB  
558 C CG  . LYS A 70 ? 0.4096 0.5355 0.4686 0.0649  -0.0710 -0.0825 70 LYS A CG  
559 C CD  . LYS A 70 ? 0.5019 0.6368 0.5699 0.0739  -0.0857 -0.0899 70 LYS A CD  
560 C CE  . LYS A 70 ? 0.4778 0.6642 0.5728 0.0850  -0.0837 -0.1035 70 LYS A CE  
561 N NZ  . LYS A 70 ? 0.6565 0.8519 0.7585 0.1042  -0.0908 -0.1176 70 LYS A NZ  
562 N N   . VAL A 71 ? 0.3356 0.3778 0.3426 0.0159  -0.0404 -0.0433 71 VAL A N   
563 C CA  . VAL A 71 ? 0.3152 0.3280 0.3043 0.0039  -0.0366 -0.0345 71 VAL A CA  
564 C C   . VAL A 71 ? 0.3526 0.3651 0.3375 -0.0078 -0.0291 -0.0289 71 VAL A C   
565 O O   . VAL A 71 ? 0.3555 0.3877 0.3508 -0.0072 -0.0283 -0.0308 71 VAL A O   
566 C CB  . VAL A 71 ? 0.3395 0.3507 0.3292 0.0005  -0.0268 -0.0318 71 VAL A CB  
567 C CG1 . VAL A 71 ? 0.3103 0.3140 0.2991 0.0110  -0.0367 -0.0369 71 VAL A CG1 
568 C CG2 . VAL A 71 ? 0.3876 0.4248 0.3918 -0.0020 -0.0134 -0.0314 71 VAL A CG2 
569 N N   . ILE A 72 ? 0.3567 0.3477 0.3264 -0.0185 -0.0242 -0.0227 72 ILE A N   
570 C CA  . ILE A 72 ? 0.3558 0.3427 0.3186 -0.0289 -0.0175 -0.0187 72 ILE A CA  
571 C C   . ILE A 72 ? 0.3857 0.3693 0.3465 -0.0372 -0.0036 -0.0152 72 ILE A C   
572 O O   . ILE A 72 ? 0.3759 0.3487 0.3310 -0.0391 -0.0020 -0.0138 72 ILE A O   
573 C CB  . ILE A 72 ? 0.3787 0.3402 0.3208 -0.0339 -0.0273 -0.0162 72 ILE A CB  
574 C CG1 . ILE A 72 ? 0.5068 0.4710 0.4525 -0.0246 -0.0431 -0.0204 72 ILE A CG1 
575 C CG2 . ILE A 72 ? 0.4209 0.3748 0.3518 -0.0455 -0.0195 -0.0126 72 ILE A CG2 
576 C CD1 . ILE A 72 ? 0.6452 0.6308 0.6033 -0.0243 -0.0414 -0.0223 72 ILE A CD1 
577 N N   . GLY A 73 ? 0.3540 0.3465 0.3196 -0.0422 0.0055  -0.0142 73 GLY A N   
578 C CA  . GLY A 73 ? 0.3805 0.3691 0.3447 -0.0483 0.0169  -0.0127 73 GLY A CA  
579 C C   . GLY A 73 ? 0.3915 0.3854 0.3586 -0.0526 0.0232  -0.0125 73 GLY A C   
580 O O   . GLY A 73 ? 0.3584 0.3606 0.3292 -0.0523 0.0192  -0.0125 73 GLY A O   
581 N N   . THR A 74 ? 0.3445 0.3340 0.3103 -0.0566 0.0323  -0.0129 74 THR A N   
582 C CA  . THR A 74 ? 0.2899 0.2796 0.2563 -0.0599 0.0369  -0.0138 74 THR A CA  
583 C C   . THR A 74 ? 0.2771 0.2811 0.2585 -0.0569 0.0369  -0.0129 74 THR A C   
584 O O   . THR A 74 ? 0.2953 0.3067 0.2863 -0.0533 0.0391  -0.0128 74 THR A O   
585 C CB  . THR A 74 ? 0.3362 0.3188 0.2988 -0.0629 0.0460  -0.0167 74 THR A CB  
586 O OG1 . THR A 74 ? 0.3893 0.3596 0.3347 -0.0686 0.0470  -0.0172 74 THR A OG1 
587 C CG2 . THR A 74 ? 0.3302 0.3107 0.2938 -0.0641 0.0486  -0.0192 74 THR A CG2 
588 N N   . VAL A 75 ? 0.2844 0.2913 0.2664 -0.0600 0.0340  -0.0117 75 VAL A N   
589 C CA  . VAL A 75 ? 0.2907 0.3095 0.2835 -0.0603 0.0337  -0.0096 75 VAL A CA  
590 C C   . VAL A 75 ? 0.3498 0.3581 0.3385 -0.0651 0.0342  -0.0094 75 VAL A C   
591 O O   . VAL A 75 ? 0.3634 0.3624 0.3426 -0.0691 0.0318  -0.0099 75 VAL A O   
592 C CB  . VAL A 75 ? 0.3288 0.3648 0.3274 -0.0610 0.0280  -0.0077 75 VAL A CB  
593 C CG1 . VAL A 75 ? 0.3226 0.3708 0.3288 -0.0652 0.0282  -0.0043 75 VAL A CG1 
594 C CG2 . VAL A 75 ? 0.3121 0.3580 0.3154 -0.0538 0.0258  -0.0099 75 VAL A CG2 
595 N N   . LEU A 76 ? 0.3069 0.3145 0.3019 -0.0641 0.0362  -0.0091 76 LEU A N   
596 C CA  . LEU A 76 ? 0.2960 0.2911 0.2872 -0.0675 0.0339  -0.0093 76 LEU A CA  
597 C C   . LEU A 76 ? 0.2979 0.3008 0.2911 -0.0742 0.0277  -0.0031 76 LEU A C   
598 O O   . LEU A 76 ? 0.3616 0.3805 0.3623 -0.0743 0.0278  0.0001  76 LEU A O   
599 C CB  . LEU A 76 ? 0.3342 0.3225 0.3308 -0.0624 0.0367  -0.0126 76 LEU A CB  
600 C CG  . LEU A 76 ? 0.3537 0.3408 0.3511 -0.0573 0.0443  -0.0186 76 LEU A CG  
601 C CD1 . LEU A 76 ? 0.3547 0.3389 0.3610 -0.0521 0.0461  -0.0227 76 LEU A CD1 
602 C CD2 . LEU A 76 ? 0.3310 0.3080 0.3156 -0.0597 0.0463  -0.0226 76 LEU A CD2 
603 N N   . VAL A 77 ? 0.2981 0.2905 0.2833 -0.0808 0.0224  -0.0016 77 VAL A N   
604 C CA  . VAL A 77 ? 0.2806 0.2797 0.2660 -0.0903 0.0162  0.0052  77 VAL A CA  
605 C C   . VAL A 77 ? 0.3642 0.3415 0.3429 -0.0939 0.0100  0.0066  77 VAL A C   
606 O O   . VAL A 77 ? 0.3639 0.3217 0.3341 -0.0936 0.0069  0.0029  77 VAL A O   
607 C CB  . VAL A 77 ? 0.3285 0.3357 0.3105 -0.0978 0.0121  0.0075  77 VAL A CB  
608 C CG1 . VAL A 77 ? 0.3251 0.3431 0.3078 -0.1103 0.0064  0.0149  77 VAL A CG1 
609 C CG2 . VAL A 77 ? 0.3192 0.3456 0.3084 -0.0918 0.0160  0.0048  77 VAL A CG2 
610 N N   . GLY A 78 ? 0.3934 0.3735 0.3753 -0.0969 0.0073  0.0114  78 GLY A N   
611 C CA  . GLY A 78 ? 0.4537 0.4115 0.4286 -0.1006 -0.0016 0.0138  78 GLY A CA  
612 C C   . GLY A 78 ? 0.3685 0.3343 0.3453 -0.1060 -0.0042 0.0210  78 GLY A C   
613 O O   . GLY A 78 ? 0.4254 0.4161 0.4096 -0.1061 0.0021  0.0227  78 GLY A O   
614 N N   . PRO A 79 ? 0.4875 0.4313 0.4566 -0.1103 -0.0145 0.0246  79 PRO A N   
615 C CA  . PRO A 79 ? 0.4907 0.4370 0.4568 -0.1179 -0.0193 0.0327  79 PRO A CA  
616 C C   . PRO A 79 ? 0.5302 0.4891 0.5074 -0.1074 -0.0123 0.0296  79 PRO A C   
617 O O   . PRO A 79 ? 0.5555 0.5044 0.5398 -0.0943 -0.0106 0.0220  79 PRO A O   
618 C CB  . PRO A 79 ? 0.5239 0.4350 0.4787 -0.1205 -0.0341 0.0347  79 PRO A CB  
619 C CG  . PRO A 79 ? 0.5769 0.4699 0.5271 -0.1173 -0.0373 0.0286  79 PRO A CG  
620 C CD  . PRO A 79 ? 0.5254 0.4378 0.4871 -0.1062 -0.0230 0.0198  79 PRO A CD  
621 N N   . THR A 80 ? 0.4985 0.4802 0.4770 -0.1134 -0.0083 0.0348  80 THR A N   
622 C CA  . THR A 80 ? 0.5658 0.5573 0.5521 -0.1048 -0.0034 0.0325  80 THR A CA  
623 C C   . THR A 80 ? 0.6150 0.6235 0.5950 -0.1168 -0.0040 0.0405  80 THR A C   
624 O O   . THR A 80 ? 0.6160 0.6455 0.5937 -0.1269 -0.0007 0.0438  80 THR A O   
625 C CB  . THR A 80 ? 0.4567 0.4662 0.4561 -0.0923 0.0081  0.0241  80 THR A CB  
626 O OG1 . THR A 80 ? 0.4991 0.5187 0.5049 -0.0855 0.0119  0.0224  80 THR A OG1 
627 C CG2 . THR A 80 ? 0.4694 0.5014 0.4696 -0.0973 0.0133  0.0245  80 THR A CG2 
628 N N   . PRO A 81 ? 0.6198 0.6205 0.5964 -0.1163 -0.0084 0.0434  81 PRO A N   
629 C CA  . PRO A 81 ? 0.5352 0.5497 0.5018 -0.1291 -0.0094 0.0513  81 PRO A CA  
630 C C   . PRO A 81 ? 0.5898 0.6409 0.5644 -0.1264 0.0030  0.0472  81 PRO A C   
631 O O   . PRO A 81 ? 0.6634 0.7375 0.6322 -0.1387 0.0060  0.0515  81 PRO A O   
632 C CB  . PRO A 81 ? 0.5936 0.5886 0.5570 -0.1244 -0.0170 0.0527  81 PRO A CB  
633 C CG  . PRO A 81 ? 0.7470 0.7128 0.7155 -0.1141 -0.0243 0.0479  81 PRO A CG  
634 C CD  . PRO A 81 ? 0.6866 0.6634 0.6673 -0.1050 -0.0144 0.0394  81 PRO A CD  
635 N N   A THR A 82 ? 0.5209 0.5773 0.5088 -0.1102 0.0095  0.0384  82 THR A N   
636 N N   B THR A 82 ? 0.5238 0.5806 0.5118 -0.1102 0.0097  0.0383  82 THR A N   
637 C CA  A THR A 82 ? 0.4302 0.5160 0.4264 -0.1042 0.0190  0.0325  82 THR A CA  
638 C CA  B THR A 82 ? 0.4431 0.5296 0.4393 -0.1042 0.0191  0.0326  82 THR A CA  
639 C C   A THR A 82 ? 0.3742 0.4576 0.3808 -0.0935 0.0227  0.0255  82 THR A C   
640 C C   B THR A 82 ? 0.3511 0.4358 0.3584 -0.0924 0.0232  0.0249  82 THR A C   
641 O O   A THR A 82 ? 0.4029 0.4641 0.4116 -0.0874 0.0202  0.0235  82 THR A O   
642 O O   B THR A 82 ? 0.3609 0.4254 0.3715 -0.0844 0.0215  0.0222  82 THR A O   
643 C CB  A THR A 82 ? 0.5347 0.6256 0.5332 -0.0959 0.0210  0.0294  82 THR A CB  
644 C CB  B THR A 82 ? 0.5683 0.6592 0.5654 -0.0971 0.0206  0.0302  82 THR A CB  
645 O OG1 A THR A 82 ? 0.5454 0.6651 0.5493 -0.0910 0.0285  0.0234  82 THR A OG1 
646 O OG1 B THR A 82 ? 0.5151 0.6085 0.4989 -0.1096 0.0169  0.0376  82 THR A OG1 
647 C CG2 A THR A 82 ? 0.4649 0.5361 0.4719 -0.0825 0.0198  0.0245  82 THR A CG2 
648 C CG2 B THR A 82 ? 0.5244 0.6408 0.5304 -0.0875 0.0286  0.0221  82 THR A CG2 
649 N N   . ASN A 83 ? 0.3508 0.4566 0.3629 -0.0917 0.0279  0.0214  83 ASN A N   
650 C CA  . ASN A 83 ? 0.2883 0.3904 0.3078 -0.0816 0.0304  0.0149  83 ASN A CA  
651 C C   . ASN A 83 ? 0.3150 0.4106 0.3398 -0.0690 0.0326  0.0097  83 ASN A C   
652 O O   . ASN A 83 ? 0.3033 0.4087 0.3288 -0.0664 0.0335  0.0089  83 ASN A O   
653 C CB  . ASN A 83 ? 0.2938 0.4209 0.3183 -0.0815 0.0331  0.0116  83 ASN A CB  
654 C CG  . ASN A 83 ? 0.3640 0.4997 0.3847 -0.0954 0.0308  0.0168  83 ASN A CG  
655 O OD1 . ASN A 83 ? 0.3403 0.4550 0.3544 -0.1019 0.0264  0.0213  83 ASN A OD1 
656 N ND2 . ASN A 83 ? 0.3430 0.5105 0.3678 -0.1004 0.0334  0.0158  83 ASN A ND2 
657 N N   . VAL A 84 ? 0.3155 0.3954 0.3430 -0.0623 0.0333  0.0063  84 VAL A N   
658 C CA  . VAL A 84 ? 0.2732 0.3460 0.3053 -0.0533 0.0348  0.0025  84 VAL A CA  
659 C C   . VAL A 84 ? 0.3185 0.3917 0.3528 -0.0468 0.0371  -0.0025 84 VAL A C   
660 O O   . VAL A 84 ? 0.3185 0.3844 0.3503 -0.0485 0.0376  -0.0031 84 VAL A O   
661 C CB  . VAL A 84 ? 0.2990 0.3517 0.3326 -0.0523 0.0333  0.0028  84 VAL A CB  
662 C CG1 . VAL A 84 ? 0.3378 0.3871 0.3778 -0.0443 0.0359  -0.0017 84 VAL A CG1 
663 C CG2 . VAL A 84 ? 0.3703 0.4184 0.4012 -0.0568 0.0282  0.0077  84 VAL A CG2 
664 N N   . ILE A 85 ? 0.2435 0.3239 0.2805 -0.0401 0.0372  -0.0059 85 ILE A N   
665 C CA  . ILE A 85 ? 0.2476 0.3218 0.2841 -0.0344 0.0370  -0.0098 85 ILE A CA  
666 C C   . ILE A 85 ? 0.2794 0.3399 0.3179 -0.0328 0.0385  -0.0102 85 ILE A C   
667 O O   . ILE A 85 ? 0.2693 0.3309 0.3109 -0.0299 0.0375  -0.0104 85 ILE A O   
668 C CB  . ILE A 85 ? 0.3023 0.3882 0.3396 -0.0273 0.0340  -0.0140 85 ILE A CB  
669 C CG1 . ILE A 85 ? 0.3587 0.4651 0.3975 -0.0282 0.0331  -0.0155 85 ILE A CG1 
670 C CG2 . ILE A 85 ? 0.2617 0.3352 0.2954 -0.0231 0.0310  -0.0168 85 ILE A CG2 
671 C CD1 . ILE A 85 ? 0.3955 0.5003 0.4326 -0.0328 0.0325  -0.0142 85 ILE A CD1 
672 N N   . GLY A 86 ? 0.2685 0.3178 0.3050 -0.0350 0.0410  -0.0107 86 GLY A N   
673 C CA  . GLY A 86 ? 0.2444 0.2856 0.2846 -0.0346 0.0437  -0.0120 86 GLY A CA  
674 C C   . GLY A 86 ? 0.2462 0.2825 0.2824 -0.0336 0.0430  -0.0135 86 GLY A C   
675 O O   . GLY A 86 ? 0.2482 0.2849 0.2788 -0.0314 0.0388  -0.0138 86 GLY A O   
676 N N   . ARG A 87 ? 0.2472 0.2795 0.2874 -0.0354 0.0460  -0.0144 87 ARG A N   
677 C CA  . ARG A 87 ? 0.2793 0.3049 0.3139 -0.0374 0.0447  -0.0145 87 ARG A CA  
678 C C   . ARG A 87 ? 0.2738 0.2910 0.2950 -0.0409 0.0436  -0.0140 87 ARG A C   
679 O O   . ARG A 87 ? 0.3201 0.3294 0.3331 -0.0408 0.0376  -0.0131 87 ARG A O   
680 C CB  . ARG A 87 ? 0.3207 0.3471 0.3622 -0.0414 0.0497  -0.0156 87 ARG A CB  
681 C CG  . ARG A 87 ? 0.2570 0.2896 0.3113 -0.0377 0.0479  -0.0159 87 ARG A CG  
682 C CD  . ARG A 87 ? 0.2508 0.2873 0.3145 -0.0418 0.0519  -0.0177 87 ARG A CD  
683 N NE  . ARG A 87 ? 0.2714 0.3132 0.3409 -0.0436 0.0596  -0.0217 87 ARG A NE  
684 C CZ  . ARG A 87 ? 0.3671 0.4092 0.4305 -0.0501 0.0661  -0.0236 87 ARG A CZ  
685 N NH1 . ARG A 87 ? 0.3265 0.3616 0.3764 -0.0572 0.0651  -0.0204 87 ARG A NH1 
686 N NH2 . ARG A 87 ? 0.3028 0.3511 0.3719 -0.0499 0.0730  -0.0293 87 ARG A NH2 
687 N N   . ASN A 88 ? 0.2898 0.3062 0.3076 -0.0437 0.0477  -0.0146 88 ASN A N   
688 C CA  . ASN A 88 ? 0.3180 0.3246 0.3214 -0.0480 0.0462  -0.0139 88 ASN A CA  
689 C C   . ASN A 88 ? 0.3316 0.3364 0.3299 -0.0433 0.0367  -0.0131 88 ASN A C   
690 O O   . ASN A 88 ? 0.3384 0.3314 0.3239 -0.0455 0.0313  -0.0122 88 ASN A O   
691 C CB  . ASN A 88 ? 0.3276 0.3334 0.3276 -0.0510 0.0508  -0.0154 88 ASN A CB  
692 C CG  . ASN A 88 ? 0.3271 0.3394 0.3314 -0.0473 0.0472  -0.0146 88 ASN A CG  
693 O OD1 . ASN A 88 ? 0.3230 0.3438 0.3374 -0.0437 0.0467  -0.0142 88 ASN A OD1 
694 N ND2 . ASN A 88 ? 0.3181 0.3263 0.3133 -0.0492 0.0439  -0.0141 88 ASN A ND2 
695 N N   . LEU A 89 ? 0.3251 0.3417 0.3324 -0.0369 0.0341  -0.0140 89 LEU A N   
696 C CA  . LEU A 89 ? 0.3040 0.3233 0.3090 -0.0307 0.0255  -0.0156 89 LEU A CA  
697 C C   . LEU A 89 ? 0.2936 0.3143 0.3017 -0.0241 0.0202  -0.0175 89 LEU A C   
698 O O   . LEU A 89 ? 0.3151 0.3320 0.3186 -0.0181 0.0110  -0.0202 89 LEU A O   
699 C CB  . LEU A 89 ? 0.2901 0.3256 0.3020 -0.0287 0.0259  -0.0164 89 LEU A CB  
700 C CG  . LEU A 89 ? 0.3819 0.4122 0.3867 -0.0333 0.0252  -0.0155 89 LEU A CG  
701 C CD1 . LEU A 89 ? 0.4835 0.5292 0.4954 -0.0348 0.0269  -0.0150 89 LEU A CD1 
702 C CD2 . LEU A 89 ? 0.4083 0.4317 0.4053 -0.0296 0.0155  -0.0172 89 LEU A CD2 
703 N N   . MET A 90 ? 0.2477 0.2713 0.2626 -0.0244 0.0241  -0.0168 90 MET A N   
704 C CA  A MET A 90 ? 0.2476 0.2695 0.2631 -0.0186 0.0180  -0.0189 90 MET A CA  
705 C CA  B MET A 90 ? 0.2649 0.2867 0.2805 -0.0188 0.0183  -0.0188 90 MET A CA  
706 C C   . MET A 90 ? 0.2490 0.2512 0.2532 -0.0212 0.0113  -0.0177 90 MET A C   
707 O O   . MET A 90 ? 0.2834 0.2785 0.2829 -0.0148 0.0013  -0.0205 90 MET A O   
708 C CB  A MET A 90 ? 0.3011 0.3289 0.3254 -0.0192 0.0225  -0.0179 90 MET A CB  
709 C CB  B MET A 90 ? 0.2749 0.3025 0.2995 -0.0200 0.0231  -0.0176 90 MET A CB  
710 C CG  A MET A 90 ? 0.3071 0.3522 0.3380 -0.0147 0.0237  -0.0195 90 MET A CG  
711 C CG  B MET A 90 ? 0.2542 0.2980 0.2862 -0.0184 0.0271  -0.0177 90 MET A CG  
712 S SD  A MET A 90 ? 0.3488 0.3978 0.3872 -0.0153 0.0261  -0.0179 90 MET A SD  
713 S SD  B MET A 90 ? 0.2951 0.3434 0.3355 -0.0190 0.0296  -0.0161 90 MET A SD  
714 C CE  A MET A 90 ? 0.2217 0.2671 0.2655 -0.0229 0.0333  -0.0144 90 MET A CE  
715 C CE  B MET A 90 ? 0.3044 0.3520 0.3420 -0.0116 0.0221  -0.0196 90 MET A CE  
716 N N   . THR A 91 ? 0.2702 0.2628 0.2683 -0.0310 0.0159  -0.0142 91 THR A N   
717 C CA  . THR A 91 ? 0.3043 0.2769 0.2878 -0.0365 0.0087  -0.0119 91 THR A CA  
718 C C   . THR A 91 ? 0.3524 0.3129 0.3239 -0.0317 -0.0032 -0.0132 91 THR A C   
719 O O   . THR A 91 ? 0.3715 0.3135 0.3314 -0.0312 -0.0150 -0.0127 91 THR A O   
720 C CB  . THR A 91 ? 0.3308 0.2977 0.3072 -0.0497 0.0167  -0.0082 91 THR A CB  
721 O OG1 . THR A 91 ? 0.3482 0.3199 0.3233 -0.0508 0.0223  -0.0088 91 THR A OG1 
722 C CG2 . THR A 91 ? 0.3330 0.3116 0.3224 -0.0545 0.0269  -0.0081 91 THR A CG2 
723 N N   . GLN A 92 ? 0.3346 0.3047 0.3091 -0.0283 -0.0015 -0.0151 92 GLN A N   
724 C CA  . GLN A 92 ? 0.2969 0.2581 0.2624 -0.0234 -0.0131 -0.0169 92 GLN A CA  
725 C C   . GLN A 92 ? 0.3508 0.3163 0.3218 -0.0092 -0.0244 -0.0235 92 GLN A C   
726 O O   . GLN A 92 ? 0.3948 0.3449 0.3562 -0.0038 -0.0390 -0.0259 92 GLN A O   
727 C CB  . GLN A 92 ? 0.3253 0.2989 0.2951 -0.0238 -0.0084 -0.0176 92 GLN A CB  
728 C CG  . GLN A 92 ? 0.2999 0.2685 0.2628 -0.0358 0.0015  -0.0133 92 GLN A CG  
729 C CD  . GLN A 92 ? 0.4405 0.3848 0.3831 -0.0450 -0.0034 -0.0093 92 GLN A CD  
730 O OE1 . GLN A 92 ? 0.4197 0.3495 0.3494 -0.0444 -0.0148 -0.0088 92 GLN A OE1 
731 N NE2 . GLN A 92 ? 0.3983 0.3384 0.3374 -0.0543 0.0042  -0.0064 92 GLN A NE2 
732 N N   . ILE A 93 ? 0.3539 0.3396 0.3392 -0.0028 -0.0190 -0.0271 93 ILE A N   
733 C CA  . ILE A 93 ? 0.3568 0.3487 0.3467 0.0109  -0.0283 -0.0349 93 ILE A CA  
734 C C   . ILE A 93 ? 0.4065 0.3815 0.3899 0.0125  -0.0354 -0.0352 93 ILE A C   
735 O O   . ILE A 93 ? 0.4638 0.4400 0.4485 0.0246  -0.0445 -0.0425 93 ILE A O   
736 C CB  . ILE A 93 ? 0.3579 0.3810 0.3634 0.0166  -0.0200 -0.0394 93 ILE A CB  
737 C CG1 . ILE A 93 ? 0.3766 0.4056 0.3873 0.0101  -0.0091 -0.0351 93 ILE A CG1 
738 C CG2 . ILE A 93 ? 0.4660 0.5050 0.4772 0.0133  -0.0145 -0.0385 93 ILE A CG2 
739 C CD1 . ILE A 93 ? 0.3716 0.4284 0.3937 0.0134  -0.0020 -0.0383 93 ILE A CD1 
740 N N   . GLY A 94 ? 0.3520 0.3122 0.3285 0.0004  -0.0314 -0.0279 94 GLY A N   
741 C CA  . GLY A 94 ? 0.3899 0.3323 0.3591 -0.0007 -0.0392 -0.0269 94 GLY A CA  
742 C C   . GLY A 94 ? 0.3819 0.3382 0.3623 0.0022  -0.0332 -0.0288 94 GLY A C   
743 O O   . GLY A 94 ? 0.4360 0.3809 0.4122 0.0065  -0.0423 -0.0312 94 GLY A O   
744 N N   . CYS A 95 ? 0.3365 0.3147 0.3296 -0.0002 -0.0196 -0.0276 95 CYS A N   
745 C CA  . CYS A 95 ? 0.3420 0.3334 0.3447 0.0026  -0.0147 -0.0290 95 CYS A CA  
746 C C   . CYS A 95 ? 0.4152 0.3987 0.4193 -0.0070 -0.0115 -0.0237 95 CYS A C   
747 O O   . CYS A 95 ? 0.3908 0.3732 0.3964 -0.0173 -0.0041 -0.0186 95 CYS A O   
748 C CB  . CYS A 95 ? 0.3495 0.3642 0.3628 0.0026  -0.0038 -0.0292 95 CYS A CB  
749 S SG  . CYS A 95 ? 0.4020 0.4326 0.4237 0.0056  0.0007  -0.0306 95 CYS A SG  
750 N N   . THR A 96 ? 0.3428 0.3221 0.3470 -0.0033 -0.0174 -0.0257 96 THR A N   
751 C CA  . THR A 96 ? 0.3398 0.3147 0.3478 -0.0120 -0.0154 -0.0212 96 THR A CA  
752 C C   . THR A 96 ? 0.3222 0.3094 0.3392 -0.0074 -0.0131 -0.0231 96 THR A C   
753 O O   . THR A 96 ? 0.3356 0.3319 0.3520 0.0024  -0.0149 -0.0284 96 THR A O   
754 C CB  . THR A 96 ? 0.3852 0.3365 0.3813 -0.0160 -0.0276 -0.0196 96 THR A CB  
755 O OG1 . THR A 96 ? 0.4212 0.3640 0.4098 -0.0036 -0.0399 -0.0262 96 THR A OG1 
756 C CG2 . THR A 96 ? 0.3796 0.3155 0.3637 -0.0249 -0.0299 -0.0153 96 THR A CG2 
757 N N   . LEU A 97 ? 0.2863 0.2755 0.3119 -0.0149 -0.0093 -0.0192 97 LEU A N   
758 C CA  . LEU A 97 ? 0.3251 0.3201 0.3570 -0.0121 -0.0107 -0.0202 97 LEU A CA  
759 C C   . LEU A 97 ? 0.4316 0.4106 0.4566 -0.0124 -0.0220 -0.0208 97 LEU A C   
760 O O   . LEU A 97 ? 0.3746 0.3423 0.3973 -0.0213 -0.0248 -0.0172 97 LEU A O   
761 C CB  . LEU A 97 ? 0.2675 0.2726 0.3139 -0.0189 -0.0028 -0.0165 97 LEU A CB  
762 C CG  . LEU A 97 ? 0.2654 0.2838 0.3179 -0.0179 0.0064  -0.0162 97 LEU A CG  
763 C CD1 . LEU A 97 ? 0.3126 0.3375 0.3796 -0.0239 0.0123  -0.0141 97 LEU A CD1 
764 C CD2 . LEU A 97 ? 0.3163 0.3428 0.3669 -0.0114 0.0056  -0.0179 97 LEU A CD2 
765 N N   . ASN A 98 ? 0.3514 0.3294 0.3722 -0.0041 -0.0286 -0.0251 98 ASN A N   
766 C CA  . ASN A 98 ? 0.3571 0.3166 0.3693 -0.0039 -0.0414 -0.0264 98 ASN A CA  
767 C C   . ASN A 98 ? 0.3642 0.3268 0.3793 -0.0013 -0.0447 -0.0278 98 ASN A C   
768 O O   . ASN A 98 ? 0.3900 0.3643 0.4042 0.0062  -0.0417 -0.0317 98 ASN A O   
769 C CB  . ASN A 98 ? 0.3798 0.3263 0.3771 0.0067  -0.0519 -0.0333 98 ASN A CB  
770 C CG  . ASN A 98 ? 0.5181 0.4553 0.5094 0.0039  -0.0531 -0.0315 98 ASN A CG  
771 O OD1 . ASN A 98 ? 0.5229 0.4729 0.5178 0.0065  -0.0452 -0.0324 98 ASN A OD1 
772 N ND2 . ASN A 98 ? 0.5782 0.4918 0.5591 -0.0027 -0.0637 -0.0285 98 ASN A ND2 
773 N N   . PHE A 99 ? 0.3928 0.3443 0.4093 -0.0083 -0.0517 -0.0246 99 PHE A N   
774 C CA  . PHE A 99 ? 0.4376 0.3878 0.4536 -0.0052 -0.0580 -0.0265 99 PHE A CA  
775 C C   . PHE A 99 ? 0.6432 0.5746 0.6557 -0.0123 -0.0702 -0.0242 99 PHE A C   
776 O O   . PHE A 99 ? 0.5932 0.5121 0.6010 -0.0193 -0.0739 -0.0213 99 PHE A O   
777 C CB  . PHE A 99 ? 0.3896 0.3575 0.4206 -0.0080 -0.0496 -0.0233 99 PHE A CB  
778 C CG  . PHE A 99 ? 0.4505 0.4254 0.4986 -0.0191 -0.0438 -0.0175 99 PHE A CG  
779 C CD1 . PHE A 99 ? 0.4481 0.4332 0.5031 -0.0224 -0.0327 -0.0156 99 PHE A CD1 
780 C CD2 . PHE A 99 ? 0.4638 0.4374 0.5217 -0.0259 -0.0492 -0.0148 99 PHE A CD2 
781 C CE1 . PHE A 99 ? 0.4912 0.4859 0.5625 -0.0315 -0.0264 -0.0124 99 PHE A CE1 
782 C CE2 . PHE A 99 ? 0.4845 0.4701 0.5609 -0.0352 -0.0430 -0.0114 99 PHE A CE2 
783 C CZ  . PHE A 99 ? 0.4982 0.4951 0.5814 -0.0377 -0.0310 -0.0107 99 PHE A CZ  
784 O OXT . PHE A 99 ? 0.8221 0.7498 0.8352 -0.0124 -0.0771 -0.0246 99 PHE A OXT 
# 
loop_
_pdbx_poly_seq_scheme.asym_id 
_pdbx_poly_seq_scheme.entity_id 
_pdbx_poly_seq_scheme.seq_id 
_pdbx_poly_seq_scheme.mon_id 
_pdbx_poly_seq_scheme.ndb_seq_num 
_pdbx_poly_seq_scheme.pdb_seq_num 
_pdbx_poly_seq_scheme.auth_seq_num 
_pdbx_poly_seq_scheme.pdb_mon_id 
_pdbx_poly_seq_scheme.auth_mon_id 
_pdbx_poly_seq_scheme.pdb_strand_id 
_pdbx_poly_seq_scheme.pdb_ins_code 
_pdbx_poly_seq_scheme.hetero 
A 1 1  PRO 1  1  1  PRO PRO A . n 
A 1 2  GLN 2  2  2  GLN GLN A . n 
A 1 3  ILE 3  3  3  ILE ILE A . n 
A 1 4  THR 4  4  4  THR THR A . n 
A 1 5  LEU 5  5  5  LEU LEU A . n 
A 1 6  TRP 6  6  6  TRP TRP A . n 
A 1 7  LYS 7  7  7  LYS LYS A . n 
A 1 8  ARG 8  8  8  ARG ARG A . n 
A 1 9  PRO 9  9  9  PRO PRO A . n 
A 1 10 ILE 10 10 10 ILE ILE A . n 
A 1 11 VAL 11 11 11 VAL VAL A . n 
A 1 12 THR 12 12 12 THR THR A . n 
A 1 13 ILE 13 13 13 ILE ILE A . n 
A 1 14 LYS 14 14 14 LYS LYS A . n 
A 1 15 ILE 15 15 15 ILE ILE A . n 
A 1 16 GLY 16 16 16 GLY GLY A . n 
A 1 17 GLY 17 17 17 GLY GLY A . n 
A 1 18 GLN 18 18 18 GLN GLN A . n 
A 1 19 LEU 19 19 19 LEU LEU A . n 
A 1 20 LYS 20 20 20 LYS LYS A . n 
A 1 21 GLU 21 21 21 GLU GLU A . n 
A 1 22 ALA 22 22 22 ALA ALA A . n 
A 1 23 LEU 23 23 23 LEU LEU A . n 
A 1 24 LEU 24 24 24 LEU LEU A . n 
A 1 25 ASN 25 25 25 ASN ASN A . n 
A 1 26 THR 26 26 26 THR THR A . n 
A 1 27 GLY 27 27 27 GLY GLY A . n 
A 1 28 ALA 28 28 28 ALA ALA A . n 
A 1 29 ASP 29 29 29 ASP ASP A . n 
A 1 30 ASP 30 30 30 ASP ASP A . n 
A 1 31 THR 31 31 31 THR THR A . n 
A 1 32 VAL 32 32 32 VAL VAL A . n 
A 1 33 PHE 33 33 33 PHE PHE A . n 
A 1 34 GLU 34 34 34 GLU GLU A . n 
A 1 35 GLU 35 35 35 GLU GLU A . n 
A 1 36 VAL 36 36 36 VAL VAL A . n 
A 1 37 ASN 37 37 37 ASN ASN A . n 
A 1 38 LEU 38 38 38 LEU LEU A . n 
A 1 39 PRO 39 39 39 PRO PRO A . n 
A 1 40 GLY 40 40 40 GLY GLY A . n 
A 1 41 ARG 41 41 41 ARG ARG A . n 
A 1 42 TRP 42 42 42 TRP TRP A . n 
A 1 43 LYS 43 43 43 LYS LYS A . n 
A 1 44 PRO 44 44 44 PRO PRO A . n 
A 1 45 LYS 45 45 45 LYS LYS A . n 
A 1 46 LEU 46 46 46 LEU LEU A . n 
A 1 47 ILE 47 47 47 ILE ILE A . n 
A 1 48 GLY 48 48 48 GLY GLY A . n 
A 1 49 GLY 49 49 49 GLY GLY A . n 
A 1 50 ILE 50 50 50 ILE ILE A . n 
A 1 51 GLY 51 51 51 GLY GLY A . n 
A 1 52 GLY 52 52 52 GLY GLY A . n 
A 1 53 PHE 53 53 53 PHE PHE A . n 
A 1 54 VAL 54 54 54 VAL VAL A . n 
A 1 55 LYS 55 55 55 LYS LYS A . n 
A 1 56 VAL 56 56 56 VAL VAL A . n 
A 1 57 ARG 57 57 57 ARG ARG A . n 
A 1 58 GLN 58 58 58 GLN GLN A . n 
A 1 59 TYR 59 59 59 TYR TYR A . n 
A 1 60 ASP 60 60 60 ASP ASP A . n 
A 1 61 GLN 61 61 61 GLN GLN A . n 
A 1 62 VAL 62 62 62 VAL VAL A . n 
A 1 63 PRO 63 63 63 PRO PRO A . n 
A 1 64 ILE 64 64 64 ILE ILE A . n 
A 1 65 GLU 65 65 65 GLU GLU A . n 
A 1 66 ILE 66 66 66 ILE ILE A . n 
A 1 67 CYS 67 67 67 CYS CYS A . n 
A 1 68 GLY 68 68 68 GLY GLY A . n 
A 1 69 HIS 69 69 69 HIS HIS A . n 
A 1 70 LYS 70 70 70 LYS LYS A . n 
A 1 71 VAL 71 71 71 VAL VAL A . n 
A 1 72 ILE 72 72 72 ILE ILE A . n 
A 1 73 GLY 73 73 73 GLY GLY A . n 
A 1 74 THR 74 74 74 THR THR A . n 
A 1 75 VAL 75 75 75 VAL VAL A . n 
A 1 76 LEU 76 76 76 LEU LEU A . n 
A 1 77 VAL 77 77 77 VAL VAL A . n 
A 1 78 GLY 78 78 78 GLY GLY A . n 
A 1 79 PRO 79 79 79 PRO PRO A . n 
A 1 80 THR 80 80 80 THR THR A . n 
A 1 81 PRO 81 81 81 PRO PRO A . n 
A 1 82 THR 82 82 82 THR THR A . n 
A 1 83 ASN 83 83 83 ASN ASN A . n 
A 1 84 VAL 84 84 84 VAL VAL A . n 
A 1 85 ILE 85 85 85 ILE ILE A . n 
A 1 86 GLY 86 86 86 GLY GLY A . n 
A 1 87 ARG 87 87 87 ARG ARG A . n 
A 1 88 ASN 88 88 88 ASN ASN A . n 
A 1 89 LEU 89 89 89 LEU LEU A . n 
A 1 90 MET 90 90 90 MET MET A . n 
A 1 91 THR 91 91 91 THR THR A . n 
A 1 92 GLN 92 92 92 GLN GLN A . n 
A 1 93 ILE 93 93 93 ILE ILE A . n 
A 1 94 GLY 94 94 94 GLY GLY A . n 
A 1 95 CYS 95 95 95 CYS CYS A . n 
A 1 96 THR 96 96 96 THR THR A . n 
A 1 97 LEU 97 97 97 LEU LEU A . n 
A 1 98 ASN 98 98 98 ASN ASN A . n 
A 1 99 PHE 99 99 99 PHE PHE A . n 
# 
loop_
_pdbx_nonpoly_scheme.asym_id 
_pdbx_nonpoly_scheme.entity_id 
_pdbx_nonpoly_scheme.mon_id 
_pdbx_nonpoly_scheme.ndb_seq_num 
_pdbx_nonpoly_scheme.pdb_seq_num 
_pdbx_nonpoly_scheme.auth_seq_num 
_pdbx_nonpoly_scheme.pdb_mon_id 
_pdbx_nonpoly_scheme.auth_mon_id 
_pdbx_nonpoly_scheme.pdb_strand_id 
_pdbx_nonpoly_scheme.pdb_ins_code 
B 2 017 1  100 100 017 017 A . 
C 3 HOH 1  201 55  HOH HOH A . 
C 3 HOH 2  202 69  HOH HOH A . 
C 3 HOH 3  203 17  HOH HOH A . 
C 3 HOH 4  204 29  HOH HOH A . 
C 3 HOH 5  205 20  HOH HOH A . 
C 3 HOH 6  206 1   HOH HOH A . 
C 3 HOH 7  207 25  HOH HOH A . 
C 3 HOH 8  208 53  HOH HOH A . 
C 3 HOH 9  209 6   HOH HOH A . 
C 3 HOH 10 210 3   HOH HOH A . 
C 3 HOH 11 211 30  HOH HOH A . 
C 3 HOH 12 212 7   HOH HOH A . 
C 3 HOH 13 213 34  HOH HOH A . 
C 3 HOH 14 214 9   HOH HOH A . 
C 3 HOH 15 215 33  HOH HOH A . 
C 3 HOH 16 216 14  HOH HOH A . 
C 3 HOH 17 217 40  HOH HOH A . 
C 3 HOH 18 218 43  HOH HOH A . 
C 3 HOH 19 219 12  HOH HOH A . 
C 3 HOH 20 220 11  HOH HOH A . 
C 3 HOH 21 221 13  HOH HOH A . 
C 3 HOH 22 222 8   HOH HOH A . 
C 3 HOH 23 223 38  HOH HOH A . 
C 3 HOH 24 224 64  HOH HOH A . 
C 3 HOH 25 225 68  HOH HOH A . 
C 3 HOH 26 226 35  HOH HOH A . 
C 3 HOH 27 227 50  HOH HOH A . 
C 3 HOH 28 228 4   HOH HOH A . 
C 3 HOH 29 229 59  HOH HOH A . 
C 3 HOH 30 230 31  HOH HOH A . 
C 3 HOH 31 231 18  HOH HOH A . 
C 3 HOH 32 232 66  HOH HOH A . 
C 3 HOH 33 233 26  HOH HOH A . 
C 3 HOH 34 234 36  HOH HOH A . 
C 3 HOH 35 235 37  HOH HOH A . 
C 3 HOH 36 236 39  HOH HOH A . 
C 3 HOH 37 237 24  HOH HOH A . 
C 3 HOH 38 238 19  HOH HOH A . 
C 3 HOH 39 239 61  HOH HOH A . 
C 3 HOH 40 240 51  HOH HOH A . 
C 3 HOH 41 241 63  HOH HOH A . 
C 3 HOH 42 242 44  HOH HOH A . 
C 3 HOH 43 243 71  HOH HOH A . 
C 3 HOH 44 244 57  HOH HOH A . 
C 3 HOH 45 245 67  HOH HOH A . 
C 3 HOH 46 246 58  HOH HOH A . 
C 3 HOH 47 247 65  HOH HOH A . 
C 3 HOH 48 248 56  HOH HOH A . 
C 3 HOH 49 249 49  HOH HOH A . 
C 3 HOH 50 250 2   HOH HOH A . 
C 3 HOH 51 251 5   HOH HOH A . 
C 3 HOH 52 252 10  HOH HOH A . 
C 3 HOH 53 253 15  HOH HOH A . 
C 3 HOH 54 254 16  HOH HOH A . 
C 3 HOH 55 255 21  HOH HOH A . 
C 3 HOH 56 256 22  HOH HOH A . 
C 3 HOH 57 257 23  HOH HOH A . 
C 3 HOH 58 258 27  HOH HOH A . 
C 3 HOH 59 259 28  HOH HOH A . 
C 3 HOH 60 260 32  HOH HOH A . 
C 3 HOH 61 261 41  HOH HOH A . 
C 3 HOH 62 262 42  HOH HOH A . 
C 3 HOH 63 263 45  HOH HOH A . 
C 3 HOH 64 264 46  HOH HOH A . 
C 3 HOH 65 265 47  HOH HOH A . 
C 3 HOH 66 266 48  HOH HOH A . 
C 3 HOH 67 267 52  HOH HOH A . 
C 3 HOH 68 268 54  HOH HOH A . 
C 3 HOH 69 269 60  HOH HOH A . 
C 3 HOH 70 270 62  HOH HOH A . 
C 3 HOH 71 271 70  HOH HOH A . 
# 
_pdbx_struct_assembly.id                   1 
_pdbx_struct_assembly.details              author_and_software_defined_assembly 
_pdbx_struct_assembly.method_details       PISA 
_pdbx_struct_assembly.oligomeric_details   dimeric 
_pdbx_struct_assembly.oligomeric_count     2 
# 
_pdbx_struct_assembly_gen.assembly_id       1 
_pdbx_struct_assembly_gen.oper_expression   1,2 
_pdbx_struct_assembly_gen.asym_id_list      A,B,C 
# 
loop_
_pdbx_struct_assembly_prop.biol_id 
_pdbx_struct_assembly_prop.type 
_pdbx_struct_assembly_prop.value 
_pdbx_struct_assembly_prop.details 
1 'ABSA (A^2)' 4940  ? 
1 MORE         -34   ? 
1 'SSA (A^2)'  10420 ? 
# 
loop_
_pdbx_struct_oper_list.id 
_pdbx_struct_oper_list.type 
_pdbx_struct_oper_list.name 
_pdbx_struct_oper_list.symmetry_operation 
_pdbx_struct_oper_list.matrix[1][1] 
_pdbx_struct_oper_list.matrix[1][2] 
_pdbx_struct_oper_list.matrix[1][3] 
_pdbx_struct_oper_list.vector[1] 
_pdbx_struct_oper_list.matrix[2][1] 
_pdbx_struct_oper_list.matrix[2][2] 
_pdbx_struct_oper_list.matrix[2][3] 
_pdbx_struct_oper_list.vector[2] 
_pdbx_struct_oper_list.matrix[3][1] 
_pdbx_struct_oper_list.matrix[3][2] 
_pdbx_struct_oper_list.matrix[3][3] 
_pdbx_struct_oper_list.vector[3] 
1 'identity operation'         1_555 x,y,z        1.0000000000  0.0000000000  0.0000000000  0.0000000000  0.0000000000  1.0000000000 0.0000000000 0.0000000000 0.0000000000  0.0000000000 1.0000000000  0.0000000000  
2 'crystal symmetry operation' 8_554 -y,-x,-z-1/2 -0.9729659478 -0.2291683416 -0.0286205466 18.8219983162 -0.2291683416 0.9426658034 0.2426170942 0.5139268908 -0.0286205466 0.2426170942 -0.9696998556 13.6635794578 
# 
loop_
_pdbx_audit_revision_history.ordinal 
_pdbx_audit_revision_history.data_content_type 
_pdbx_audit_revision_history.major_revision 
_pdbx_audit_revision_history.minor_revision 
_pdbx_audit_revision_history.revision_date 
1 'Structure model' 1 0 2015-07-08 
2 'Structure model' 1 1 2018-04-18 
3 'Structure model' 1 2 2022-03-30 
4 'Structure model' 1 3 2023-09-27 
# 
_pdbx_audit_revision_details.ordinal             1 
_pdbx_audit_revision_details.revision_ordinal    1 
_pdbx_audit_revision_details.data_content_type   'Structure model' 
_pdbx_audit_revision_details.provider            repository 
_pdbx_audit_revision_details.type                'Initial release' 
_pdbx_audit_revision_details.description         ? 
_pdbx_audit_revision_details.details             ? 
# 
loop_
_pdbx_audit_revision_group.ordinal 
_pdbx_audit_revision_group.revision_ordinal 
_pdbx_audit_revision_group.data_content_type 
_pdbx_audit_revision_group.group 
1  2 'Structure model' 'Data collection'            
2  2 'Structure model' 'Database references'        
3  2 'Structure model' 'Derived calculations'       
4  2 'Structure model' 'Source and taxonomy'        
5  2 'Structure model' 'Structure summary'          
6  3 'Structure model' 'Author supporting evidence' 
7  3 'Structure model' 'Database references'        
8  3 'Structure model' 'Structure summary'          
9  4 'Structure model' 'Data collection'            
10 4 'Structure model' 'Refinement description'     
# 
loop_
_pdbx_audit_revision_category.ordinal 
_pdbx_audit_revision_category.revision_ordinal 
_pdbx_audit_revision_category.data_content_type 
_pdbx_audit_revision_category.category 
1  2 'Structure model' citation                      
2  2 'Structure model' entity_src_gen                
3  2 'Structure model' pdbx_struct_assembly          
4  2 'Structure model' pdbx_struct_assembly_prop     
5  2 'Structure model' pdbx_struct_oper_list         
6  2 'Structure model' struct_keywords               
7  3 'Structure model' chem_comp                     
8  3 'Structure model' database_2                    
9  3 'Structure model' pdbx_audit_support            
10 4 'Structure model' chem_comp_atom                
11 4 'Structure model' chem_comp_bond                
12 4 'Structure model' pdbx_initial_refinement_model 
# 
loop_
_pdbx_audit_revision_item.ordinal 
_pdbx_audit_revision_item.revision_ordinal 
_pdbx_audit_revision_item.data_content_type 
_pdbx_audit_revision_item.item 
1  2 'Structure model' '_citation.journal_volume'                  
2  2 'Structure model' '_citation.page_first'                      
3  2 'Structure model' '_citation.page_last'                       
4  2 'Structure model' '_citation.pdbx_database_id_PubMed'         
5  2 'Structure model' '_citation.title'                           
6  2 'Structure model' '_entity_src_gen.pdbx_alt_source_flag'      
7  2 'Structure model' '_pdbx_struct_assembly.oligomeric_details'  
8  2 'Structure model' '_pdbx_struct_assembly_prop.type'           
9  2 'Structure model' '_pdbx_struct_assembly_prop.value'          
10 2 'Structure model' '_pdbx_struct_oper_list.symmetry_operation' 
11 2 'Structure model' '_struct_keywords.text'                     
12 3 'Structure model' '_chem_comp.pdbx_synonyms'                  
13 3 'Structure model' '_database_2.pdbx_DOI'                      
14 3 'Structure model' '_database_2.pdbx_database_accession'       
15 3 'Structure model' '_pdbx_audit_support.funding_organization'  
# 
_pdbx_refine_tls.id               1 
_pdbx_refine_tls.pdbx_refine_id   'X-RAY DIFFRACTION' 
_pdbx_refine_tls.details          ? 
_pdbx_refine_tls.method           refined 
_pdbx_refine_tls.origin_x         0.0412 
_pdbx_refine_tls.origin_y         0.1327 
_pdbx_refine_tls.origin_z         0.1512 
_pdbx_refine_tls.T[1][1]          0.1759 
_pdbx_refine_tls.T[1][1]_esd      ? 
_pdbx_refine_tls.T[1][2]          -0.0449 
_pdbx_refine_tls.T[1][2]_esd      ? 
_pdbx_refine_tls.T[1][3]          0.0367 
_pdbx_refine_tls.T[1][3]_esd      ? 
_pdbx_refine_tls.T[2][2]          0.2461 
_pdbx_refine_tls.T[2][2]_esd      ? 
_pdbx_refine_tls.T[2][3]          -0.0073 
_pdbx_refine_tls.T[2][3]_esd      ? 
_pdbx_refine_tls.T[3][3]          0.2051 
_pdbx_refine_tls.T[3][3]_esd      ? 
_pdbx_refine_tls.L[1][1]          1.2010 
_pdbx_refine_tls.L[1][1]_esd      ? 
_pdbx_refine_tls.L[1][2]          0.5272 
_pdbx_refine_tls.L[1][2]_esd      ? 
_pdbx_refine_tls.L[1][3]          1.3135 
_pdbx_refine_tls.L[1][3]_esd      ? 
_pdbx_refine_tls.L[2][2]          1.4892 
_pdbx_refine_tls.L[2][2]_esd      ? 
_pdbx_refine_tls.L[2][3]          0.5047 
_pdbx_refine_tls.L[2][3]_esd      ? 
_pdbx_refine_tls.L[3][3]          2.2264 
_pdbx_refine_tls.L[3][3]_esd      ? 
_pdbx_refine_tls.S[1][1]          -0.0110 
_pdbx_refine_tls.S[1][1]_esd      ? 
_pdbx_refine_tls.S[1][2]          -0.1478 
_pdbx_refine_tls.S[1][2]_esd      ? 
_pdbx_refine_tls.S[1][3]          -0.0385 
_pdbx_refine_tls.S[1][3]_esd      ? 
_pdbx_refine_tls.S[2][1]          -0.0995 
_pdbx_refine_tls.S[2][1]_esd      ? 
_pdbx_refine_tls.S[2][2]          0.0129 
_pdbx_refine_tls.S[2][2]_esd      ? 
_pdbx_refine_tls.S[2][3]          -0.0004 
_pdbx_refine_tls.S[2][3]_esd      ? 
_pdbx_refine_tls.S[3][1]          0.0798 
_pdbx_refine_tls.S[3][1]_esd      ? 
_pdbx_refine_tls.S[3][2]          -0.2907 
_pdbx_refine_tls.S[3][2]_esd      ? 
_pdbx_refine_tls.S[3][3]          0.0127 
_pdbx_refine_tls.S[3][3]_esd      ? 
# 
_pdbx_refine_tls_group.id                  1 
_pdbx_refine_tls_group.pdbx_refine_id      'X-RAY DIFFRACTION' 
_pdbx_refine_tls_group.refine_tls_id       1 
_pdbx_refine_tls_group.beg_label_asym_id   ? 
_pdbx_refine_tls_group.beg_label_seq_id    ? 
_pdbx_refine_tls_group.beg_auth_asym_id    ? 
_pdbx_refine_tls_group.beg_auth_seq_id     ? 
_pdbx_refine_tls_group.end_label_asym_id   ? 
_pdbx_refine_tls_group.end_label_seq_id    ? 
_pdbx_refine_tls_group.end_auth_asym_id    ? 
_pdbx_refine_tls_group.end_auth_seq_id     ? 
_pdbx_refine_tls_group.selection           ? 
_pdbx_refine_tls_group.selection_details   '(chain A and resseq 1:99)' 
# 
loop_
_software.citation_id 
_software.classification 
_software.compiler_name 
_software.compiler_version 
_software.contact_author 
_software.contact_author_email 
_software.date 
_software.description 
_software.dependencies 
_software.hardware 
_software.language 
_software.location 
_software.mods 
_software.name 
_software.os 
_software.os_version 
_software.type 
_software.version 
_software.pdbx_ordinal 
? refinement       ? ? ? ? ? ? ? ? ? ? ? PHENIX   ? ? ? '(phenix.refine: 1.8.4_1496)' 1 
? 'data reduction' ? ? ? ? ? ? ? ? ? ? ? HKL-2000 ? ? ? .                             2 
? phasing          ? ? ? ? ? ? ? ? ? ? ? PHASER   ? ? ? .                             3 
? 'data scaling'   ? ? ? ? ? ? ? ? ? ? ? HKL-2000 ? ? ? .                             4 
# 
loop_
_pdbx_validate_close_contact.id 
_pdbx_validate_close_contact.PDB_model_num 
_pdbx_validate_close_contact.auth_atom_id_1 
_pdbx_validate_close_contact.auth_asym_id_1 
_pdbx_validate_close_contact.auth_comp_id_1 
_pdbx_validate_close_contact.auth_seq_id_1 
_pdbx_validate_close_contact.PDB_ins_code_1 
_pdbx_validate_close_contact.label_alt_id_1 
_pdbx_validate_close_contact.auth_atom_id_2 
_pdbx_validate_close_contact.auth_asym_id_2 
_pdbx_validate_close_contact.auth_comp_id_2 
_pdbx_validate_close_contact.auth_seq_id_2 
_pdbx_validate_close_contact.PDB_ins_code_2 
_pdbx_validate_close_contact.label_alt_id_2 
_pdbx_validate_close_contact.dist 
1 1 O A HOH 269 ? ? O A HOH 270 ? ? 1.92 
2 1 O A HOH 229 ? ? O A HOH 239 ? ? 2.05 
3 1 O A HOH 205 ? ? O A HOH 263 ? ? 2.17 
# 
loop_
_pdbx_validate_symm_contact.id 
_pdbx_validate_symm_contact.PDB_model_num 
_pdbx_validate_symm_contact.auth_atom_id_1 
_pdbx_validate_symm_contact.auth_asym_id_1 
_pdbx_validate_symm_contact.auth_comp_id_1 
_pdbx_validate_symm_contact.auth_seq_id_1 
_pdbx_validate_symm_contact.PDB_ins_code_1 
_pdbx_validate_symm_contact.label_alt_id_1 
_pdbx_validate_symm_contact.site_symmetry_1 
_pdbx_validate_symm_contact.auth_atom_id_2 
_pdbx_validate_symm_contact.auth_asym_id_2 
_pdbx_validate_symm_contact.auth_comp_id_2 
_pdbx_validate_symm_contact.auth_seq_id_2 
_pdbx_validate_symm_contact.PDB_ins_code_2 
_pdbx_validate_symm_contact.label_alt_id_2 
_pdbx_validate_symm_contact.site_symmetry_2 
_pdbx_validate_symm_contact.dist 
1 1 O A HOH 248 ? ? 1_555 O A HOH 249 ? ? 4_444 1.55 
2 1 O A HOH 201 ? ? 1_555 O A HOH 208 ? ? 4_454 1.87 
3 1 N A ARG 41  ? ? 1_555 O A GLY 49  ? ? 3_555 2.17 
4 1 O A HOH 243 ? ? 1_555 O A HOH 243 ? ? 7_555 2.19 
# 
loop_
_chem_comp_atom.comp_id 
_chem_comp_atom.atom_id 
_chem_comp_atom.type_symbol 
_chem_comp_atom.pdbx_aromatic_flag 
_chem_comp_atom.pdbx_stereo_config 
_chem_comp_atom.pdbx_ordinal 
017 N1   N N N 1   
017 C2   C Y N 2   
017 C3   C Y N 3   
017 C4   C Y N 4   
017 C5   C Y N 5   
017 C6   C Y N 6   
017 C7   C Y N 7   
017 S8   S N N 8   
017 O9   O N N 9   
017 O10  O N N 10  
017 N11  N N N 11  
017 C12  C N N 12  
017 C13  C N N 13  
017 C14  C N N 14  
017 C15  C N N 15  
017 C16  C N N 16  
017 C17  C N R 17  
017 O18  O N N 18  
017 C19  C N S 19  
017 N20  N N N 20  
017 C21  C N N 21  
017 O22  O N N 22  
017 O23  O N N 23  
017 C24  C N R 24  
017 C25  C N N 25  
017 O26  O N N 26  
017 C27  C N R 27  
017 O28  O N N 28  
017 C29  C N N 29  
017 C30  C N N 30  
017 C31  C N S 31  
017 C32  C N N 32  
017 C33  C Y N 33  
017 C34  C Y N 34  
017 C35  C Y N 35  
017 C36  C Y N 36  
017 C37  C Y N 37  
017 C38  C Y N 38  
017 H11  H N N 39  
017 H12  H N N 40  
017 H3   H N N 41  
017 H4   H N N 42  
017 H6   H N N 43  
017 H7   H N N 44  
017 H121 H N N 45  
017 H122 H N N 46  
017 H13  H N N 47  
017 H141 H N N 48  
017 H142 H N N 49  
017 H143 H N N 50  
017 H151 H N N 51  
017 H152 H N N 52  
017 H153 H N N 53  
017 H161 H N N 54  
017 H162 H N N 55  
017 H17  H N N 56  
017 H18  H N N 57  
017 H19  H N N 58  
017 H20  H N N 59  
017 H24  H N N 60  
017 H251 H N N 61  
017 H252 H N N 62  
017 H27  H N N 63  
017 H291 H N N 64  
017 H292 H N N 65  
017 H301 H N N 66  
017 H302 H N N 67  
017 H31  H N N 68  
017 H321 H N N 69  
017 H322 H N N 70  
017 H33  H N N 71  
017 H34  H N N 72  
017 H35  H N N 73  
017 H36  H N N 74  
017 H37  H N N 75  
ALA N    N N N 76  
ALA CA   C N S 77  
ALA C    C N N 78  
ALA O    O N N 79  
ALA CB   C N N 80  
ALA OXT  O N N 81  
ALA H    H N N 82  
ALA H2   H N N 83  
ALA HA   H N N 84  
ALA HB1  H N N 85  
ALA HB2  H N N 86  
ALA HB3  H N N 87  
ALA HXT  H N N 88  
ARG N    N N N 89  
ARG CA   C N S 90  
ARG C    C N N 91  
ARG O    O N N 92  
ARG CB   C N N 93  
ARG CG   C N N 94  
ARG CD   C N N 95  
ARG NE   N N N 96  
ARG CZ   C N N 97  
ARG NH1  N N N 98  
ARG NH2  N N N 99  
ARG OXT  O N N 100 
ARG H    H N N 101 
ARG H2   H N N 102 
ARG HA   H N N 103 
ARG HB2  H N N 104 
ARG HB3  H N N 105 
ARG HG2  H N N 106 
ARG HG3  H N N 107 
ARG HD2  H N N 108 
ARG HD3  H N N 109 
ARG HE   H N N 110 
ARG HH11 H N N 111 
ARG HH12 H N N 112 
ARG HH21 H N N 113 
ARG HH22 H N N 114 
ARG HXT  H N N 115 
ASN N    N N N 116 
ASN CA   C N S 117 
ASN C    C N N 118 
ASN O    O N N 119 
ASN CB   C N N 120 
ASN CG   C N N 121 
ASN OD1  O N N 122 
ASN ND2  N N N 123 
ASN OXT  O N N 124 
ASN H    H N N 125 
ASN H2   H N N 126 
ASN HA   H N N 127 
ASN HB2  H N N 128 
ASN HB3  H N N 129 
ASN HD21 H N N 130 
ASN HD22 H N N 131 
ASN HXT  H N N 132 
ASP N    N N N 133 
ASP CA   C N S 134 
ASP C    C N N 135 
ASP O    O N N 136 
ASP CB   C N N 137 
ASP CG   C N N 138 
ASP OD1  O N N 139 
ASP OD2  O N N 140 
ASP OXT  O N N 141 
ASP H    H N N 142 
ASP H2   H N N 143 
ASP HA   H N N 144 
ASP HB2  H N N 145 
ASP HB3  H N N 146 
ASP HD2  H N N 147 
ASP HXT  H N N 148 
CYS N    N N N 149 
CYS CA   C N R 150 
CYS C    C N N 151 
CYS O    O N N 152 
CYS CB   C N N 153 
CYS SG   S N N 154 
CYS OXT  O N N 155 
CYS H    H N N 156 
CYS H2   H N N 157 
CYS HA   H N N 158 
CYS HB2  H N N 159 
CYS HB3  H N N 160 
CYS HG   H N N 161 
CYS HXT  H N N 162 
GLN N    N N N 163 
GLN CA   C N S 164 
GLN C    C N N 165 
GLN O    O N N 166 
GLN CB   C N N 167 
GLN CG   C N N 168 
GLN CD   C N N 169 
GLN OE1  O N N 170 
GLN NE2  N N N 171 
GLN OXT  O N N 172 
GLN H    H N N 173 
GLN H2   H N N 174 
GLN HA   H N N 175 
GLN HB2  H N N 176 
GLN HB3  H N N 177 
GLN HG2  H N N 178 
GLN HG3  H N N 179 
GLN HE21 H N N 180 
GLN HE22 H N N 181 
GLN HXT  H N N 182 
GLU N    N N N 183 
GLU CA   C N S 184 
GLU C    C N N 185 
GLU O    O N N 186 
GLU CB   C N N 187 
GLU CG   C N N 188 
GLU CD   C N N 189 
GLU OE1  O N N 190 
GLU OE2  O N N 191 
GLU OXT  O N N 192 
GLU H    H N N 193 
GLU H2   H N N 194 
GLU HA   H N N 195 
GLU HB2  H N N 196 
GLU HB3  H N N 197 
GLU HG2  H N N 198 
GLU HG3  H N N 199 
GLU HE2  H N N 200 
GLU HXT  H N N 201 
GLY N    N N N 202 
GLY CA   C N N 203 
GLY C    C N N 204 
GLY O    O N N 205 
GLY OXT  O N N 206 
GLY H    H N N 207 
GLY H2   H N N 208 
GLY HA2  H N N 209 
GLY HA3  H N N 210 
GLY HXT  H N N 211 
HIS N    N N N 212 
HIS CA   C N S 213 
HIS C    C N N 214 
HIS O    O N N 215 
HIS CB   C N N 216 
HIS CG   C Y N 217 
HIS ND1  N Y N 218 
HIS CD2  C Y N 219 
HIS CE1  C Y N 220 
HIS NE2  N Y N 221 
HIS OXT  O N N 222 
HIS H    H N N 223 
HIS H2   H N N 224 
HIS HA   H N N 225 
HIS HB2  H N N 226 
HIS HB3  H N N 227 
HIS HD1  H N N 228 
HIS HD2  H N N 229 
HIS HE1  H N N 230 
HIS HE2  H N N 231 
HIS HXT  H N N 232 
HOH O    O N N 233 
HOH H1   H N N 234 
HOH H2   H N N 235 
ILE N    N N N 236 
ILE CA   C N S 237 
ILE C    C N N 238 
ILE O    O N N 239 
ILE CB   C N S 240 
ILE CG1  C N N 241 
ILE CG2  C N N 242 
ILE CD1  C N N 243 
ILE OXT  O N N 244 
ILE H    H N N 245 
ILE H2   H N N 246 
ILE HA   H N N 247 
ILE HB   H N N 248 
ILE HG12 H N N 249 
ILE HG13 H N N 250 
ILE HG21 H N N 251 
ILE HG22 H N N 252 
ILE HG23 H N N 253 
ILE HD11 H N N 254 
ILE HD12 H N N 255 
ILE HD13 H N N 256 
ILE HXT  H N N 257 
LEU N    N N N 258 
LEU CA   C N S 259 
LEU C    C N N 260 
LEU O    O N N 261 
LEU CB   C N N 262 
LEU CG   C N N 263 
LEU CD1  C N N 264 
LEU CD2  C N N 265 
LEU OXT  O N N 266 
LEU H    H N N 267 
LEU H2   H N N 268 
LEU HA   H N N 269 
LEU HB2  H N N 270 
LEU HB3  H N N 271 
LEU HG   H N N 272 
LEU HD11 H N N 273 
LEU HD12 H N N 274 
LEU HD13 H N N 275 
LEU HD21 H N N 276 
LEU HD22 H N N 277 
LEU HD23 H N N 278 
LEU HXT  H N N 279 
LYS N    N N N 280 
LYS CA   C N S 281 
LYS C    C N N 282 
LYS O    O N N 283 
LYS CB   C N N 284 
LYS CG   C N N 285 
LYS CD   C N N 286 
LYS CE   C N N 287 
LYS NZ   N N N 288 
LYS OXT  O N N 289 
LYS H    H N N 290 
LYS H2   H N N 291 
LYS HA   H N N 292 
LYS HB2  H N N 293 
LYS HB3  H N N 294 
LYS HG2  H N N 295 
LYS HG3  H N N 296 
LYS HD2  H N N 297 
LYS HD3  H N N 298 
LYS HE2  H N N 299 
LYS HE3  H N N 300 
LYS HZ1  H N N 301 
LYS HZ2  H N N 302 
LYS HZ3  H N N 303 
LYS HXT  H N N 304 
MET N    N N N 305 
MET CA   C N S 306 
MET C    C N N 307 
MET O    O N N 308 
MET CB   C N N 309 
MET CG   C N N 310 
MET SD   S N N 311 
MET CE   C N N 312 
MET OXT  O N N 313 
MET H    H N N 314 
MET H2   H N N 315 
MET HA   H N N 316 
MET HB2  H N N 317 
MET HB3  H N N 318 
MET HG2  H N N 319 
MET HG3  H N N 320 
MET HE1  H N N 321 
MET HE2  H N N 322 
MET HE3  H N N 323 
MET HXT  H N N 324 
PHE N    N N N 325 
PHE CA   C N S 326 
PHE C    C N N 327 
PHE O    O N N 328 
PHE CB   C N N 329 
PHE CG   C Y N 330 
PHE CD1  C Y N 331 
PHE CD2  C Y N 332 
PHE CE1  C Y N 333 
PHE CE2  C Y N 334 
PHE CZ   C Y N 335 
PHE OXT  O N N 336 
PHE H    H N N 337 
PHE H2   H N N 338 
PHE HA   H N N 339 
PHE HB2  H N N 340 
PHE HB3  H N N 341 
PHE HD1  H N N 342 
PHE HD2  H N N 343 
PHE HE1  H N N 344 
PHE HE2  H N N 345 
PHE HZ   H N N 346 
PHE HXT  H N N 347 
PRO N    N N N 348 
PRO CA   C N S 349 
PRO C    C N N 350 
PRO O    O N N 351 
PRO CB   C N N 352 
PRO CG   C N N 353 
PRO CD   C N N 354 
PRO OXT  O N N 355 
PRO H    H N N 356 
PRO HA   H N N 357 
PRO HB2  H N N 358 
PRO HB3  H N N 359 
PRO HG2  H N N 360 
PRO HG3  H N N 361 
PRO HD2  H N N 362 
PRO HD3  H N N 363 
PRO HXT  H N N 364 
THR N    N N N 365 
THR CA   C N S 366 
THR C    C N N 367 
THR O    O N N 368 
THR CB   C N R 369 
THR OG1  O N N 370 
THR CG2  C N N 371 
THR OXT  O N N 372 
THR H    H N N 373 
THR H2   H N N 374 
THR HA   H N N 375 
THR HB   H N N 376 
THR HG1  H N N 377 
THR HG21 H N N 378 
THR HG22 H N N 379 
THR HG23 H N N 380 
THR HXT  H N N 381 
TRP N    N N N 382 
TRP CA   C N S 383 
TRP C    C N N 384 
TRP O    O N N 385 
TRP CB   C N N 386 
TRP CG   C Y N 387 
TRP CD1  C Y N 388 
TRP CD2  C Y N 389 
TRP NE1  N Y N 390 
TRP CE2  C Y N 391 
TRP CE3  C Y N 392 
TRP CZ2  C Y N 393 
TRP CZ3  C Y N 394 
TRP CH2  C Y N 395 
TRP OXT  O N N 396 
TRP H    H N N 397 
TRP H2   H N N 398 
TRP HA   H N N 399 
TRP HB2  H N N 400 
TRP HB3  H N N 401 
TRP HD1  H N N 402 
TRP HE1  H N N 403 
TRP HE3  H N N 404 
TRP HZ2  H N N 405 
TRP HZ3  H N N 406 
TRP HH2  H N N 407 
TRP HXT  H N N 408 
TYR N    N N N 409 
TYR CA   C N S 410 
TYR C    C N N 411 
TYR O    O N N 412 
TYR CB   C N N 413 
TYR CG   C Y N 414 
TYR CD1  C Y N 415 
TYR CD2  C Y N 416 
TYR CE1  C Y N 417 
TYR CE2  C Y N 418 
TYR CZ   C Y N 419 
TYR OH   O N N 420 
TYR OXT  O N N 421 
TYR H    H N N 422 
TYR H2   H N N 423 
TYR HA   H N N 424 
TYR HB2  H N N 425 
TYR HB3  H N N 426 
TYR HD1  H N N 427 
TYR HD2  H N N 428 
TYR HE1  H N N 429 
TYR HE2  H N N 430 
TYR HH   H N N 431 
TYR HXT  H N N 432 
VAL N    N N N 433 
VAL CA   C N S 434 
VAL C    C N N 435 
VAL O    O N N 436 
VAL CB   C N N 437 
VAL CG1  C N N 438 
VAL CG2  C N N 439 
VAL OXT  O N N 440 
VAL H    H N N 441 
VAL H2   H N N 442 
VAL HA   H N N 443 
VAL HB   H N N 444 
VAL HG11 H N N 445 
VAL HG12 H N N 446 
VAL HG13 H N N 447 
VAL HG21 H N N 448 
VAL HG22 H N N 449 
VAL HG23 H N N 450 
VAL HXT  H N N 451 
# 
loop_
_chem_comp_bond.comp_id 
_chem_comp_bond.atom_id_1 
_chem_comp_bond.atom_id_2 
_chem_comp_bond.value_order 
_chem_comp_bond.pdbx_aromatic_flag 
_chem_comp_bond.pdbx_stereo_config 
_chem_comp_bond.pdbx_ordinal 
017 N1  C2   sing N N 1   
017 N1  H11  sing N N 2   
017 N1  H12  sing N N 3   
017 C2  C3   doub Y N 4   
017 C2  C7   sing Y N 5   
017 C3  C4   sing Y N 6   
017 C3  H3   sing N N 7   
017 C4  C5   doub Y N 8   
017 C4  H4   sing N N 9   
017 C5  C6   sing Y N 10  
017 C5  S8   sing N N 11  
017 C6  C7   doub Y N 12  
017 C6  H6   sing N N 13  
017 C7  H7   sing N N 14  
017 S8  O9   doub N N 15  
017 S8  O10  doub N N 16  
017 S8  N11  sing N N 17  
017 N11 C12  sing N N 18  
017 N11 C16  sing N N 19  
017 C12 C13  sing N N 20  
017 C12 H121 sing N N 21  
017 C12 H122 sing N N 22  
017 C13 C14  sing N N 23  
017 C13 C15  sing N N 24  
017 C13 H13  sing N N 25  
017 C14 H141 sing N N 26  
017 C14 H142 sing N N 27  
017 C14 H143 sing N N 28  
017 C15 H151 sing N N 29  
017 C15 H152 sing N N 30  
017 C15 H153 sing N N 31  
017 C16 C17  sing N N 32  
017 C16 H161 sing N N 33  
017 C16 H162 sing N N 34  
017 C17 O18  sing N N 35  
017 C17 C19  sing N N 36  
017 C17 H17  sing N N 37  
017 O18 H18  sing N N 38  
017 C19 N20  sing N N 39  
017 C19 C32  sing N N 40  
017 C19 H19  sing N N 41  
017 N20 C21  sing N N 42  
017 N20 H20  sing N N 43  
017 C21 O22  doub N N 44  
017 C21 O23  sing N N 45  
017 O23 C24  sing N N 46  
017 C24 C25  sing N N 47  
017 C24 C31  sing N N 48  
017 C24 H24  sing N N 49  
017 C25 O26  sing N N 50  
017 C25 H251 sing N N 51  
017 C25 H252 sing N N 52  
017 O26 C27  sing N N 53  
017 C27 O28  sing N N 54  
017 C27 C31  sing N N 55  
017 C27 H27  sing N N 56  
017 O28 C29  sing N N 57  
017 C29 C30  sing N N 58  
017 C29 H291 sing N N 59  
017 C29 H292 sing N N 60  
017 C30 C31  sing N N 61  
017 C30 H301 sing N N 62  
017 C30 H302 sing N N 63  
017 C31 H31  sing N N 64  
017 C32 C38  sing N N 65  
017 C32 H321 sing N N 66  
017 C32 H322 sing N N 67  
017 C33 C34  doub Y N 68  
017 C33 C38  sing Y N 69  
017 C33 H33  sing N N 70  
017 C34 C35  sing Y N 71  
017 C34 H34  sing N N 72  
017 C35 C36  doub Y N 73  
017 C35 H35  sing N N 74  
017 C36 C37  sing Y N 75  
017 C36 H36  sing N N 76  
017 C37 C38  doub Y N 77  
017 C37 H37  sing N N 78  
ALA N   CA   sing N N 79  
ALA N   H    sing N N 80  
ALA N   H2   sing N N 81  
ALA CA  C    sing N N 82  
ALA CA  CB   sing N N 83  
ALA CA  HA   sing N N 84  
ALA C   O    doub N N 85  
ALA C   OXT  sing N N 86  
ALA CB  HB1  sing N N 87  
ALA CB  HB2  sing N N 88  
ALA CB  HB3  sing N N 89  
ALA OXT HXT  sing N N 90  
ARG N   CA   sing N N 91  
ARG N   H    sing N N 92  
ARG N   H2   sing N N 93  
ARG CA  C    sing N N 94  
ARG CA  CB   sing N N 95  
ARG CA  HA   sing N N 96  
ARG C   O    doub N N 97  
ARG C   OXT  sing N N 98  
ARG CB  CG   sing N N 99  
ARG CB  HB2  sing N N 100 
ARG CB  HB3  sing N N 101 
ARG CG  CD   sing N N 102 
ARG CG  HG2  sing N N 103 
ARG CG  HG3  sing N N 104 
ARG CD  NE   sing N N 105 
ARG CD  HD2  sing N N 106 
ARG CD  HD3  sing N N 107 
ARG NE  CZ   sing N N 108 
ARG NE  HE   sing N N 109 
ARG CZ  NH1  sing N N 110 
ARG CZ  NH2  doub N N 111 
ARG NH1 HH11 sing N N 112 
ARG NH1 HH12 sing N N 113 
ARG NH2 HH21 sing N N 114 
ARG NH2 HH22 sing N N 115 
ARG OXT HXT  sing N N 116 
ASN N   CA   sing N N 117 
ASN N   H    sing N N 118 
ASN N   H2   sing N N 119 
ASN CA  C    sing N N 120 
ASN CA  CB   sing N N 121 
ASN CA  HA   sing N N 122 
ASN C   O    doub N N 123 
ASN C   OXT  sing N N 124 
ASN CB  CG   sing N N 125 
ASN CB  HB2  sing N N 126 
ASN CB  HB3  sing N N 127 
ASN CG  OD1  doub N N 128 
ASN CG  ND2  sing N N 129 
ASN ND2 HD21 sing N N 130 
ASN ND2 HD22 sing N N 131 
ASN OXT HXT  sing N N 132 
ASP N   CA   sing N N 133 
ASP N   H    sing N N 134 
ASP N   H2   sing N N 135 
ASP CA  C    sing N N 136 
ASP CA  CB   sing N N 137 
ASP CA  HA   sing N N 138 
ASP C   O    doub N N 139 
ASP C   OXT  sing N N 140 
ASP CB  CG   sing N N 141 
ASP CB  HB2  sing N N 142 
ASP CB  HB3  sing N N 143 
ASP CG  OD1  doub N N 144 
ASP CG  OD2  sing N N 145 
ASP OD2 HD2  sing N N 146 
ASP OXT HXT  sing N N 147 
CYS N   CA   sing N N 148 
CYS N   H    sing N N 149 
CYS N   H2   sing N N 150 
CYS CA  C    sing N N 151 
CYS CA  CB   sing N N 152 
CYS CA  HA   sing N N 153 
CYS C   O    doub N N 154 
CYS C   OXT  sing N N 155 
CYS CB  SG   sing N N 156 
CYS CB  HB2  sing N N 157 
CYS CB  HB3  sing N N 158 
CYS SG  HG   sing N N 159 
CYS OXT HXT  sing N N 160 
GLN N   CA   sing N N 161 
GLN N   H    sing N N 162 
GLN N   H2   sing N N 163 
GLN CA  C    sing N N 164 
GLN CA  CB   sing N N 165 
GLN CA  HA   sing N N 166 
GLN C   O    doub N N 167 
GLN C   OXT  sing N N 168 
GLN CB  CG   sing N N 169 
GLN CB  HB2  sing N N 170 
GLN CB  HB3  sing N N 171 
GLN CG  CD   sing N N 172 
GLN CG  HG2  sing N N 173 
GLN CG  HG3  sing N N 174 
GLN CD  OE1  doub N N 175 
GLN CD  NE2  sing N N 176 
GLN NE2 HE21 sing N N 177 
GLN NE2 HE22 sing N N 178 
GLN OXT HXT  sing N N 179 
GLU N   CA   sing N N 180 
GLU N   H    sing N N 181 
GLU N   H2   sing N N 182 
GLU CA  C    sing N N 183 
GLU CA  CB   sing N N 184 
GLU CA  HA   sing N N 185 
GLU C   O    doub N N 186 
GLU C   OXT  sing N N 187 
GLU CB  CG   sing N N 188 
GLU CB  HB2  sing N N 189 
GLU CB  HB3  sing N N 190 
GLU CG  CD   sing N N 191 
GLU CG  HG2  sing N N 192 
GLU CG  HG3  sing N N 193 
GLU CD  OE1  doub N N 194 
GLU CD  OE2  sing N N 195 
GLU OE2 HE2  sing N N 196 
GLU OXT HXT  sing N N 197 
GLY N   CA   sing N N 198 
GLY N   H    sing N N 199 
GLY N   H2   sing N N 200 
GLY CA  C    sing N N 201 
GLY CA  HA2  sing N N 202 
GLY CA  HA3  sing N N 203 
GLY C   O    doub N N 204 
GLY C   OXT  sing N N 205 
GLY OXT HXT  sing N N 206 
HIS N   CA   sing N N 207 
HIS N   H    sing N N 208 
HIS N   H2   sing N N 209 
HIS CA  C    sing N N 210 
HIS CA  CB   sing N N 211 
HIS CA  HA   sing N N 212 
HIS C   O    doub N N 213 
HIS C   OXT  sing N N 214 
HIS CB  CG   sing N N 215 
HIS CB  HB2  sing N N 216 
HIS CB  HB3  sing N N 217 
HIS CG  ND1  sing Y N 218 
HIS CG  CD2  doub Y N 219 
HIS ND1 CE1  doub Y N 220 
HIS ND1 HD1  sing N N 221 
HIS CD2 NE2  sing Y N 222 
HIS CD2 HD2  sing N N 223 
HIS CE1 NE2  sing Y N 224 
HIS CE1 HE1  sing N N 225 
HIS NE2 HE2  sing N N 226 
HIS OXT HXT  sing N N 227 
HOH O   H1   sing N N 228 
HOH O   H2   sing N N 229 
ILE N   CA   sing N N 230 
ILE N   H    sing N N 231 
ILE N   H2   sing N N 232 
ILE CA  C    sing N N 233 
ILE CA  CB   sing N N 234 
ILE CA  HA   sing N N 235 
ILE C   O    doub N N 236 
ILE C   OXT  sing N N 237 
ILE CB  CG1  sing N N 238 
ILE CB  CG2  sing N N 239 
ILE CB  HB   sing N N 240 
ILE CG1 CD1  sing N N 241 
ILE CG1 HG12 sing N N 242 
ILE CG1 HG13 sing N N 243 
ILE CG2 HG21 sing N N 244 
ILE CG2 HG22 sing N N 245 
ILE CG2 HG23 sing N N 246 
ILE CD1 HD11 sing N N 247 
ILE CD1 HD12 sing N N 248 
ILE CD1 HD13 sing N N 249 
ILE OXT HXT  sing N N 250 
LEU N   CA   sing N N 251 
LEU N   H    sing N N 252 
LEU N   H2   sing N N 253 
LEU CA  C    sing N N 254 
LEU CA  CB   sing N N 255 
LEU CA  HA   sing N N 256 
LEU C   O    doub N N 257 
LEU C   OXT  sing N N 258 
LEU CB  CG   sing N N 259 
LEU CB  HB2  sing N N 260 
LEU CB  HB3  sing N N 261 
LEU CG  CD1  sing N N 262 
LEU CG  CD2  sing N N 263 
LEU CG  HG   sing N N 264 
LEU CD1 HD11 sing N N 265 
LEU CD1 HD12 sing N N 266 
LEU CD1 HD13 sing N N 267 
LEU CD2 HD21 sing N N 268 
LEU CD2 HD22 sing N N 269 
LEU CD2 HD23 sing N N 270 
LEU OXT HXT  sing N N 271 
LYS N   CA   sing N N 272 
LYS N   H    sing N N 273 
LYS N   H2   sing N N 274 
LYS CA  C    sing N N 275 
LYS CA  CB   sing N N 276 
LYS CA  HA   sing N N 277 
LYS C   O    doub N N 278 
LYS C   OXT  sing N N 279 
LYS CB  CG   sing N N 280 
LYS CB  HB2  sing N N 281 
LYS CB  HB3  sing N N 282 
LYS CG  CD   sing N N 283 
LYS CG  HG2  sing N N 284 
LYS CG  HG3  sing N N 285 
LYS CD  CE   sing N N 286 
LYS CD  HD2  sing N N 287 
LYS CD  HD3  sing N N 288 
LYS CE  NZ   sing N N 289 
LYS CE  HE2  sing N N 290 
LYS CE  HE3  sing N N 291 
LYS NZ  HZ1  sing N N 292 
LYS NZ  HZ2  sing N N 293 
LYS NZ  HZ3  sing N N 294 
LYS OXT HXT  sing N N 295 
MET N   CA   sing N N 296 
MET N   H    sing N N 297 
MET N   H2   sing N N 298 
MET CA  C    sing N N 299 
MET CA  CB   sing N N 300 
MET CA  HA   sing N N 301 
MET C   O    doub N N 302 
MET C   OXT  sing N N 303 
MET CB  CG   sing N N 304 
MET CB  HB2  sing N N 305 
MET CB  HB3  sing N N 306 
MET CG  SD   sing N N 307 
MET CG  HG2  sing N N 308 
MET CG  HG3  sing N N 309 
MET SD  CE   sing N N 310 
MET CE  HE1  sing N N 311 
MET CE  HE2  sing N N 312 
MET CE  HE3  sing N N 313 
MET OXT HXT  sing N N 314 
PHE N   CA   sing N N 315 
PHE N   H    sing N N 316 
PHE N   H2   sing N N 317 
PHE CA  C    sing N N 318 
PHE CA  CB   sing N N 319 
PHE CA  HA   sing N N 320 
PHE C   O    doub N N 321 
PHE C   OXT  sing N N 322 
PHE CB  CG   sing N N 323 
PHE CB  HB2  sing N N 324 
PHE CB  HB3  sing N N 325 
PHE CG  CD1  doub Y N 326 
PHE CG  CD2  sing Y N 327 
PHE CD1 CE1  sing Y N 328 
PHE CD1 HD1  sing N N 329 
PHE CD2 CE2  doub Y N 330 
PHE CD2 HD2  sing N N 331 
PHE CE1 CZ   doub Y N 332 
PHE CE1 HE1  sing N N 333 
PHE CE2 CZ   sing Y N 334 
PHE CE2 HE2  sing N N 335 
PHE CZ  HZ   sing N N 336 
PHE OXT HXT  sing N N 337 
PRO N   CA   sing N N 338 
PRO N   CD   sing N N 339 
PRO N   H    sing N N 340 
PRO CA  C    sing N N 341 
PRO CA  CB   sing N N 342 
PRO CA  HA   sing N N 343 
PRO C   O    doub N N 344 
PRO C   OXT  sing N N 345 
PRO CB  CG   sing N N 346 
PRO CB  HB2  sing N N 347 
PRO CB  HB3  sing N N 348 
PRO CG  CD   sing N N 349 
PRO CG  HG2  sing N N 350 
PRO CG  HG3  sing N N 351 
PRO CD  HD2  sing N N 352 
PRO CD  HD3  sing N N 353 
PRO OXT HXT  sing N N 354 
THR N   CA   sing N N 355 
THR N   H    sing N N 356 
THR N   H2   sing N N 357 
THR CA  C    sing N N 358 
THR CA  CB   sing N N 359 
THR CA  HA   sing N N 360 
THR C   O    doub N N 361 
THR C   OXT  sing N N 362 
THR CB  OG1  sing N N 363 
THR CB  CG2  sing N N 364 
THR CB  HB   sing N N 365 
THR OG1 HG1  sing N N 366 
THR CG2 HG21 sing N N 367 
THR CG2 HG22 sing N N 368 
THR CG2 HG23 sing N N 369 
THR OXT HXT  sing N N 370 
TRP N   CA   sing N N 371 
TRP N   H    sing N N 372 
TRP N   H2   sing N N 373 
TRP CA  C    sing N N 374 
TRP CA  CB   sing N N 375 
TRP CA  HA   sing N N 376 
TRP C   O    doub N N 377 
TRP C   OXT  sing N N 378 
TRP CB  CG   sing N N 379 
TRP CB  HB2  sing N N 380 
TRP CB  HB3  sing N N 381 
TRP CG  CD1  doub Y N 382 
TRP CG  CD2  sing Y N 383 
TRP CD1 NE1  sing Y N 384 
TRP CD1 HD1  sing N N 385 
TRP CD2 CE2  doub Y N 386 
TRP CD2 CE3  sing Y N 387 
TRP NE1 CE2  sing Y N 388 
TRP NE1 HE1  sing N N 389 
TRP CE2 CZ2  sing Y N 390 
TRP CE3 CZ3  doub Y N 391 
TRP CE3 HE3  sing N N 392 
TRP CZ2 CH2  doub Y N 393 
TRP CZ2 HZ2  sing N N 394 
TRP CZ3 CH2  sing Y N 395 
TRP CZ3 HZ3  sing N N 396 
TRP CH2 HH2  sing N N 397 
TRP OXT HXT  sing N N 398 
TYR N   CA   sing N N 399 
TYR N   H    sing N N 400 
TYR N   H2   sing N N 401 
TYR CA  C    sing N N 402 
TYR CA  CB   sing N N 403 
TYR CA  HA   sing N N 404 
TYR C   O    doub N N 405 
TYR C   OXT  sing N N 406 
TYR CB  CG   sing N N 407 
TYR CB  HB2  sing N N 408 
TYR CB  HB3  sing N N 409 
TYR CG  CD1  doub Y N 410 
TYR CG  CD2  sing Y N 411 
TYR CD1 CE1  sing Y N 412 
TYR CD1 HD1  sing N N 413 
TYR CD2 CE2  doub Y N 414 
TYR CD2 HD2  sing N N 415 
TYR CE1 CZ   doub Y N 416 
TYR CE1 HE1  sing N N 417 
TYR CE2 CZ   sing Y N 418 
TYR CE2 HE2  sing N N 419 
TYR CZ  OH   sing N N 420 
TYR OH  HH   sing N N 421 
TYR OXT HXT  sing N N 422 
VAL N   CA   sing N N 423 
VAL N   H    sing N N 424 
VAL N   H2   sing N N 425 
VAL CA  C    sing N N 426 
VAL CA  CB   sing N N 427 
VAL CA  HA   sing N N 428 
VAL C   O    doub N N 429 
VAL C   OXT  sing N N 430 
VAL CB  CG1  sing N N 431 
VAL CB  CG2  sing N N 432 
VAL CB  HB   sing N N 433 
VAL CG1 HG11 sing N N 434 
VAL CG1 HG12 sing N N 435 
VAL CG1 HG13 sing N N 436 
VAL CG2 HG21 sing N N 437 
VAL CG2 HG22 sing N N 438 
VAL CG2 HG23 sing N N 439 
VAL OXT HXT  sing N N 440 
# 
_pdbx_audit_support.funding_organization   
'National Institutes of Health/National Institute Of Allergy and Infectious Diseases (NIH/NIAID)' 
_pdbx_audit_support.country                'United States' 
_pdbx_audit_support.grant_number           ? 
_pdbx_audit_support.ordinal                1 
# 
loop_
_pdbx_entity_nonpoly.entity_id 
_pdbx_entity_nonpoly.name 
_pdbx_entity_nonpoly.comp_id 
2 
'(3R,3AS,6AR)-HEXAHYDROFURO[2,3-B]FURAN-3-YL(1S,2R)-3-[[(4-AMINOPHENYL)SULFONYL](ISOBUTYL)AMINO]-1-BENZYL-2-HYDROXYPROPYLCARBAMATE' 
017 
3 water HOH 
# 
_pdbx_initial_refinement_model.id               1 
_pdbx_initial_refinement_model.entity_id_list   ? 
_pdbx_initial_refinement_model.type             'experimental model' 
_pdbx_initial_refinement_model.source_name      PDB 
_pdbx_initial_refinement_model.accession_code   4YOB 
_pdbx_initial_refinement_model.details          ? 
# 
